data_7OCC
#
_entry.id   7OCC
#
_cell.length_a   1.00
_cell.length_b   1.00
_cell.length_c   1.00
_cell.angle_alpha   90.00
_cell.angle_beta   90.00
_cell.angle_gamma   90.00
#
_symmetry.space_group_name_H-M   'P 1'
#
loop_
_entity.id
_entity.type
_entity.pdbx_description
1 polymer 'Glutamate receptor 1'
2 polymer 'Glutamate receptor 2'
3 branched beta-D-mannopyranose-(1-4)-2-acetamido-2-deoxy-beta-D-glucopyranose-(1-4)-2-acetamido-2-deoxy-beta-D-glucopyranose
4 branched 2-acetamido-2-deoxy-beta-D-glucopyranose-(1-4)-2-acetamido-2-deoxy-beta-D-glucopyranose
5 non-polymer 2-acetamido-2-deoxy-beta-D-glucopyranose
#
loop_
_entity_poly.entity_id
_entity_poly.type
_entity_poly.pdbx_seq_one_letter_code
_entity_poly.pdbx_strand_id
1 'polypeptide(L)'
;MPYIFAFFCTGFLGAVVGADYKDDDDKNFPNNIQIGGLFPNQQSQEHAAFRFALSQLTEPPKLLPQIDIVNISDSFEMTY
RFCSQFSKGVYAIFGFYERRTVNMLTSFCGALHVCFITPSFPVDTSNQFVLQLRPELQEALISIIDHYKWQTFVYIYDAD
RGLSVLQRVLDTAAEKNWQVTAVNILTTTEEGYRMLFQDLEKKKERLVVVDCESERLNAILGQIVKLEKNGIGYHYILAN
LGFMDIDLNKFKESGANVTGFQLVNYTDTIPARIMQQWRTSDSRDHTRVDWKRPKYTSALTYDGVKVMAEAFQSLRRQRI
DISRRGNAGDCLANPAVPWGQGIDIQRALQQVRFEGLTGNVQFNEKGRRTNYTLHVIEMKHDGIRKIGYWNEDDKFVPAA
TDAQAGGDNSSVQNRTYIVTTILEDPYVMLKKNANQFEGNDRYEGYCVELAAEIAKHVGYSYRLEIVSDGKYGARDPDTK
AWNGMVGELVYGRADVAVAPLTITLVREEVIDFSKPFMSLGISIMIKKPQKSKPGVFSFLDPLAYEIWMCIVFAYIGVSV
VLFLVSRFSPYEWHSEEFEEGRDQTTSDQSNEFGIFNSLWFSLGAFMQQGCDISPRSLSGRIVGGVWWFFTLIIISSYTA
NLAAFLTVERMVSPIESAEDLAKQTEIAYGTLEAGSTKEFFRRSKIAVFEKMWTYMKSAEPSVFVRTTEEGMIRVRKSKG
KYAYLLESTMNEYIEQRKPCDTMKVGGNLDSKGYGIATPKGSALRGPVNLAVLKLSEQGVLDKLKSKWWYDKGECGSKDS
GSKDKTSALSLSNVAGVFYILIGGLGLAMLVALIEFCYKSRSESKRMKGFCLIPQQSINEAIRTSTLPRNSGAGASGGGG
SGENGRVVSQDFPKSMQSIPCMSHSSGMPLGATGL
;
A,C
2 'polypeptide(L)'
;MQKIMHISVLLSPVLWGLIFGVSSNSIQIGGLFPRGADQEYSAFRVGMVQFSTSEFRLTPHIDNLEVANSFAVTNAFCSQ
FSRGVYAIFGFYDKKSVNTITSFCGTLHVSFITPSFPTDGTHPFVIQMRPDLKGALLSLIEYYQWDKFAYLYDSDRGLST
LQAVLDSAAEKKWQVTAINVGNINNDKKDETYRSLFQDLELKKERRVILDCERDKVNDIVDQVITIGKHVKGYHYIIANL
GFTDGDLLKIQFGGANVSGFQIVDYDDSLVSKFIERWSTLEEKEYPGAHTATIKYTSALTYDAVQVMTEAFRNLRKQRIE
ISRRGNAGDCLANPAVPWGQGVEIERALKQVQVEGLSGNIKFDQNGKRINYTINIMELKTNGPRKIGYWSEVDKMVVTLT
ELPSGNDTSGLENKTVVVTTILESPYVMMKKNHEMLEGNERYEGYCVDLAAEIAKHCGFKYKLTIVGDGKYGARDADTKI
WNGMVGELVYGKADIAIAPLTITLVREEVIDFSKPFMSLGISIMIKKPQKSKPGVFSFLDPLAYEIWMCIVFAYIGVSVV
LFLVSRFSPYEWHTEEFEDGRETQSSESTNEFGIFNSLWFSLGAFMRQGCDISPRSLSGRIVGGVWWFFTLIIISSYTAN
LAAFLTVERMVSPIESAEDLSKQTEIAYGTLDSGSTKEFFRRSKIAVFDKMWTYMRSAEPSVFVRTTAEGVARVRKSKGK
YAYLLESTMNEYIEQRKPCDTMKVGGNLDSKGYGIATPKGSSLGTPVNLAVLKLSEQGVLDKLKNKWWYDKGECGAKDSG
SKEKTSALSLSNVAGVFYILVGGLGLAMLVALIEFCYKSRAEAKRMKVAKNPQNINPSSS
;
B,D
#
# COMPACT_ATOMS: atom_id res chain seq x y z
N PHE A 29 23.50 -3.75 59.33
CA PHE A 29 22.87 -4.89 58.68
C PHE A 29 23.50 -6.19 59.18
N PRO A 30 22.77 -7.30 59.06
CA PRO A 30 23.30 -8.58 59.55
C PRO A 30 24.57 -8.97 58.81
N ASN A 31 25.50 -9.59 59.54
CA ASN A 31 26.75 -10.05 58.95
C ASN A 31 26.60 -11.38 58.22
N ASN A 32 25.47 -12.05 58.36
CA ASN A 32 25.21 -13.30 57.66
C ASN A 32 24.53 -13.04 56.31
N ILE A 33 25.16 -12.21 55.50
CA ILE A 33 24.64 -11.88 54.17
C ILE A 33 25.11 -12.95 53.20
N GLN A 34 24.33 -14.02 53.09
CA GLN A 34 24.75 -15.18 52.32
C GLN A 34 24.75 -14.84 50.83
N ILE A 35 25.86 -15.17 50.16
CA ILE A 35 26.02 -14.98 48.73
C ILE A 35 26.28 -16.34 48.11
N GLY A 36 25.80 -16.51 46.88
CA GLY A 36 25.95 -17.76 46.17
C GLY A 36 27.13 -17.76 45.24
N GLY A 37 27.34 -18.90 44.60
CA GLY A 37 28.42 -19.06 43.65
C GLY A 37 28.19 -20.27 42.78
N LEU A 38 28.33 -20.10 41.47
CA LEU A 38 28.16 -21.19 40.51
C LEU A 38 29.47 -21.35 39.76
N PHE A 39 30.12 -22.49 39.92
CA PHE A 39 31.39 -22.71 39.25
C PHE A 39 31.42 -24.06 38.56
N PRO A 40 32.24 -24.19 37.51
CA PRO A 40 32.33 -25.48 36.81
C PRO A 40 33.33 -26.46 37.40
N ASN A 41 34.38 -25.98 38.07
CA ASN A 41 35.45 -26.85 38.53
C ASN A 41 35.85 -26.47 39.95
N GLN A 42 36.00 -27.48 40.80
CA GLN A 42 36.34 -27.24 42.20
C GLN A 42 37.71 -26.60 42.34
N GLN A 43 38.68 -27.06 41.56
CA GLN A 43 40.06 -26.58 41.64
C GLN A 43 40.41 -25.87 40.34
N SER A 44 40.56 -24.55 40.42
CA SER A 44 40.96 -23.75 39.26
C SER A 44 41.41 -22.39 39.75
N GLN A 45 42.12 -21.68 38.87
CA GLN A 45 42.64 -20.37 39.23
C GLN A 45 41.52 -19.41 39.59
N GLU A 46 40.42 -19.46 38.85
CA GLU A 46 39.30 -18.57 39.11
C GLU A 46 38.71 -18.82 40.49
N HIS A 47 38.47 -20.10 40.82
CA HIS A 47 37.92 -20.44 42.12
C HIS A 47 38.89 -20.05 43.23
N ALA A 48 40.18 -20.29 43.03
CA ALA A 48 41.15 -19.95 44.05
C ALA A 48 41.18 -18.44 44.29
N ALA A 49 41.14 -17.65 43.22
CA ALA A 49 41.12 -16.21 43.37
C ALA A 49 39.88 -15.75 44.11
N PHE A 50 38.73 -16.31 43.76
CA PHE A 50 37.51 -15.94 44.48
C PHE A 50 37.63 -16.27 45.96
N ARG A 51 38.17 -17.44 46.27
CA ARG A 51 38.32 -17.83 47.67
C ARG A 51 39.27 -16.88 48.40
N PHE A 52 40.36 -16.50 47.74
CA PHE A 52 41.37 -15.67 48.39
C PHE A 52 40.85 -14.26 48.64
N ALA A 53 40.23 -13.64 47.64
CA ALA A 53 39.85 -12.24 47.76
C ALA A 53 38.95 -12.00 48.97
N LEU A 54 38.19 -13.01 49.38
CA LEU A 54 37.33 -12.85 50.54
C LEU A 54 38.13 -12.63 51.80
N SER A 55 39.33 -13.21 51.89
CA SER A 55 40.16 -13.03 53.07
C SER A 55 40.46 -11.56 53.30
N GLN A 56 40.76 -10.82 52.23
CA GLN A 56 41.03 -9.39 52.37
C GLN A 56 39.80 -8.61 52.82
N LEU A 57 38.62 -9.21 52.74
CA LEU A 57 37.39 -8.52 53.12
C LEU A 57 37.40 -8.24 54.62
N THR A 58 37.65 -6.98 54.99
CA THR A 58 37.63 -6.55 56.38
C THR A 58 36.37 -5.77 56.71
N GLU A 59 35.41 -5.69 55.81
CA GLU A 59 34.21 -4.93 56.03
C GLU A 59 33.34 -5.59 57.10
N PRO A 60 32.48 -4.83 57.77
CA PRO A 60 31.64 -5.40 58.82
C PRO A 60 30.79 -6.54 58.29
N PRO A 61 30.23 -6.43 57.09
CA PRO A 61 29.49 -7.56 56.52
C PRO A 61 30.39 -8.74 56.26
N LYS A 62 29.84 -9.94 56.43
CA LYS A 62 30.53 -11.19 56.16
C LYS A 62 29.81 -11.89 55.02
N LEU A 63 30.48 -12.00 53.88
CA LEU A 63 29.88 -12.61 52.70
C LEU A 63 30.28 -14.08 52.63
N LEU A 64 29.28 -14.94 52.48
CA LEU A 64 29.51 -16.38 52.40
C LEU A 64 29.68 -16.80 50.94
N PRO A 65 30.66 -17.64 50.62
CA PRO A 65 30.82 -18.06 49.23
C PRO A 65 29.69 -18.97 48.78
N GLN A 66 29.38 -19.97 49.59
CA GLN A 66 28.31 -20.91 49.31
C GLN A 66 28.42 -21.47 47.91
N ILE A 67 29.60 -22.02 47.60
CA ILE A 67 29.90 -22.47 46.25
C ILE A 67 29.07 -23.70 45.89
N ASP A 68 28.64 -23.76 44.64
CA ASP A 68 28.04 -24.95 44.05
C ASP A 68 28.80 -25.24 42.76
N ILE A 69 29.28 -26.47 42.63
CA ILE A 69 29.97 -26.90 41.41
C ILE A 69 28.91 -27.43 40.45
N VAL A 70 28.78 -26.76 39.31
CA VAL A 70 27.72 -27.03 38.36
C VAL A 70 28.30 -26.99 36.96
N ASN A 71 27.83 -27.91 36.12
CA ASN A 71 28.24 -27.89 34.73
C ASN A 71 27.53 -26.74 34.02
N ILE A 72 28.29 -25.96 33.26
CA ILE A 72 27.76 -24.74 32.70
C ILE A 72 26.80 -25.03 31.55
N SER A 73 27.18 -25.94 30.65
CA SER A 73 26.42 -26.12 29.43
C SER A 73 24.99 -26.56 29.72
N ASP A 74 24.82 -27.44 30.70
CA ASP A 74 23.50 -28.04 30.95
C ASP A 74 22.62 -27.04 31.65
N SER A 75 21.55 -26.61 30.97
CA SER A 75 20.66 -25.61 31.52
C SER A 75 19.84 -26.16 32.68
N PHE A 76 19.47 -27.45 32.62
CA PHE A 76 18.65 -28.02 33.67
C PHE A 76 19.40 -28.06 34.99
N GLU A 77 20.62 -28.59 34.97
CA GLU A 77 21.43 -28.60 36.18
C GLU A 77 21.55 -27.20 36.76
N MET A 78 21.77 -26.20 35.90
CA MET A 78 21.91 -24.82 36.39
C MET A 78 20.62 -24.31 37.00
N THR A 79 19.49 -24.58 36.36
CA THR A 79 18.24 -24.11 36.93
C THR A 79 18.01 -24.73 38.29
N TYR A 80 18.40 -26.01 38.43
CA TYR A 80 18.32 -26.66 39.74
C TYR A 80 19.16 -25.90 40.77
N ARG A 81 20.41 -25.59 40.43
CA ARG A 81 21.29 -24.92 41.39
C ARG A 81 20.80 -23.51 41.72
N PHE A 82 20.35 -22.78 40.72
CA PHE A 82 19.86 -21.42 40.93
C PHE A 82 18.62 -21.42 41.81
N CYS A 83 17.72 -22.38 41.61
CA CYS A 83 16.57 -22.48 42.49
C CYS A 83 16.96 -22.93 43.89
N SER A 84 18.00 -23.75 44.01
CA SER A 84 18.48 -24.11 45.34
C SER A 84 18.98 -22.89 46.09
N GLN A 85 19.77 -22.06 45.41
CA GLN A 85 20.24 -20.83 46.03
C GLN A 85 19.08 -19.90 46.36
N PHE A 86 18.05 -19.89 45.52
CA PHE A 86 16.83 -19.18 45.87
C PHE A 86 16.24 -19.71 47.17
N SER A 87 16.23 -21.04 47.32
CA SER A 87 15.70 -21.64 48.54
C SER A 87 16.50 -21.18 49.75
N LYS A 88 17.82 -21.12 49.62
CA LYS A 88 18.66 -20.66 50.73
C LYS A 88 18.43 -19.19 51.04
N GLY A 89 17.80 -18.45 50.15
CA GLY A 89 17.58 -17.03 50.37
C GLY A 89 18.74 -16.15 49.97
N VAL A 90 19.62 -16.63 49.10
CA VAL A 90 20.83 -15.88 48.75
C VAL A 90 20.45 -14.51 48.22
N TYR A 91 21.23 -13.50 48.63
CA TYR A 91 20.93 -12.12 48.24
C TYR A 91 21.46 -11.78 46.85
N ALA A 92 22.64 -12.30 46.51
CA ALA A 92 23.25 -12.05 45.22
C ALA A 92 23.99 -13.29 44.77
N ILE A 93 24.28 -13.36 43.48
CA ILE A 93 24.87 -14.54 42.87
C ILE A 93 26.06 -14.13 42.02
N PHE A 94 27.11 -14.95 42.07
CA PHE A 94 28.29 -14.79 41.24
C PHE A 94 28.55 -16.11 40.55
N GLY A 95 28.94 -16.05 39.28
CA GLY A 95 29.22 -17.26 38.55
C GLY A 95 29.45 -16.98 37.09
N PHE A 96 29.53 -18.08 36.34
CA PHE A 96 29.84 -18.08 34.92
C PHE A 96 28.65 -18.60 34.14
N TYR A 97 28.60 -18.23 32.87
CA TYR A 97 27.59 -18.75 31.96
C TYR A 97 28.14 -18.83 30.55
N GLU A 98 27.68 -19.83 29.82
CA GLU A 98 28.08 -20.09 28.45
C GLU A 98 26.90 -19.83 27.51
N ARG A 99 27.17 -19.99 26.22
CA ARG A 99 26.18 -19.68 25.18
C ARG A 99 24.85 -20.38 25.42
N ARG A 100 24.91 -21.67 25.76
CA ARG A 100 23.69 -22.46 25.83
C ARG A 100 22.78 -21.95 26.93
N THR A 101 23.35 -21.50 28.03
CA THR A 101 22.62 -21.18 29.25
C THR A 101 22.70 -19.71 29.64
N VAL A 102 23.13 -18.85 28.73
CA VAL A 102 23.04 -17.42 29.00
C VAL A 102 21.60 -16.96 29.07
N ASN A 103 20.78 -17.36 28.10
CA ASN A 103 19.41 -16.88 28.07
C ASN A 103 18.66 -17.33 29.31
N MET A 104 18.63 -18.65 29.56
CA MET A 104 17.97 -19.17 30.75
C MET A 104 18.30 -18.34 31.97
N LEU A 105 19.57 -18.25 32.32
CA LEU A 105 19.97 -17.50 33.50
C LEU A 105 19.46 -16.08 33.44
N THR A 106 19.75 -15.39 32.33
CA THR A 106 19.31 -14.01 32.21
C THR A 106 17.83 -13.90 32.52
N SER A 107 17.05 -14.83 31.98
CA SER A 107 15.60 -14.76 32.15
C SER A 107 15.21 -14.87 33.61
N PHE A 108 15.85 -15.76 34.37
CA PHE A 108 15.46 -15.88 35.77
C PHE A 108 15.88 -14.64 36.55
N CYS A 109 16.94 -13.96 36.12
CA CYS A 109 17.42 -12.83 36.88
C CYS A 109 16.54 -11.61 36.73
N GLY A 110 15.87 -11.48 35.59
CA GLY A 110 14.96 -10.38 35.35
C GLY A 110 13.55 -10.62 35.84
N ALA A 111 13.23 -11.84 36.26
CA ALA A 111 11.90 -12.19 36.74
C ALA A 111 11.80 -12.13 38.26
N LEU A 112 12.77 -12.72 38.95
CA LEU A 112 12.82 -12.71 40.40
C LEU A 112 13.50 -11.46 40.95
N HIS A 113 13.97 -10.58 40.07
CA HIS A 113 14.69 -9.38 40.48
C HIS A 113 15.86 -9.75 41.39
N VAL A 114 16.73 -10.60 40.85
CA VAL A 114 17.89 -11.11 41.57
C VAL A 114 19.12 -10.85 40.71
N CYS A 115 20.14 -10.27 41.32
CA CYS A 115 21.32 -9.85 40.58
C CYS A 115 22.27 -11.03 40.36
N PHE A 116 23.06 -10.93 39.30
CA PHE A 116 23.97 -12.00 38.90
C PHE A 116 25.26 -11.36 38.39
N ILE A 117 26.32 -11.54 39.15
CA ILE A 117 27.64 -11.05 38.76
C ILE A 117 28.31 -12.08 37.88
N THR A 118 29.04 -11.62 36.86
CA THR A 118 29.74 -12.57 36.04
C THR A 118 30.94 -11.94 35.35
N PRO A 119 32.03 -12.67 35.22
CA PRO A 119 33.11 -12.30 34.29
C PRO A 119 33.03 -12.95 32.92
N SER A 120 31.95 -13.66 32.61
CA SER A 120 31.87 -14.37 31.36
C SER A 120 31.62 -13.40 30.21
N PHE A 121 31.53 -13.95 29.00
CA PHE A 121 31.43 -13.13 27.82
C PHE A 121 30.18 -12.24 27.90
N PRO A 122 30.28 -10.97 27.53
CA PRO A 122 29.12 -10.10 27.59
C PRO A 122 28.18 -10.33 26.42
N VAL A 123 26.94 -9.89 26.61
CA VAL A 123 25.88 -10.11 25.64
C VAL A 123 25.19 -8.80 25.33
N ASP A 124 24.56 -8.76 24.16
CA ASP A 124 23.94 -7.52 23.69
C ASP A 124 22.56 -7.31 24.33
N THR A 125 21.74 -8.36 24.35
CA THR A 125 20.41 -8.30 24.93
C THR A 125 20.45 -8.93 26.31
N SER A 126 20.15 -8.14 27.33
CA SER A 126 20.24 -8.61 28.70
C SER A 126 19.43 -7.69 29.59
N ASN A 127 19.13 -8.17 30.78
CA ASN A 127 18.44 -7.37 31.77
C ASN A 127 19.43 -6.44 32.46
N GLN A 128 18.91 -5.66 33.41
CA GLN A 128 19.73 -4.78 34.22
C GLN A 128 20.26 -5.45 35.47
N PHE A 129 19.82 -6.68 35.73
CA PHE A 129 20.24 -7.41 36.93
C PHE A 129 21.47 -8.27 36.69
N VAL A 130 22.03 -8.24 35.50
CA VAL A 130 23.19 -9.06 35.15
C VAL A 130 24.37 -8.12 34.97
N LEU A 131 25.31 -8.17 35.90
CA LEU A 131 26.48 -7.31 35.87
C LEU A 131 27.64 -8.07 35.25
N GLN A 132 28.06 -7.61 34.08
CA GLN A 132 29.09 -8.28 33.29
C GLN A 132 30.41 -7.56 33.51
N LEU A 133 31.30 -8.20 34.26
CA LEU A 133 32.61 -7.64 34.54
C LEU A 133 33.62 -8.02 33.47
N ARG A 134 33.26 -7.78 32.23
CA ARG A 134 34.16 -8.03 31.10
C ARG A 134 33.82 -7.03 30.01
N PRO A 135 34.60 -5.96 29.87
CA PRO A 135 34.31 -4.99 28.82
C PRO A 135 34.34 -5.63 27.45
N GLU A 136 33.49 -5.14 26.57
CA GLU A 136 33.38 -5.70 25.24
C GLU A 136 34.54 -5.23 24.37
N LEU A 137 35.14 -6.18 23.66
CA LEU A 137 36.24 -5.90 22.74
C LEU A 137 35.77 -5.58 21.33
N GLN A 138 34.47 -5.68 21.05
CA GLN A 138 34.01 -5.53 19.68
C GLN A 138 34.30 -4.13 19.15
N GLU A 139 34.07 -3.10 19.97
CA GLU A 139 34.32 -1.73 19.52
C GLU A 139 35.80 -1.50 19.27
N ALA A 140 36.64 -1.89 20.21
CA ALA A 140 38.08 -1.65 20.07
C ALA A 140 38.65 -2.42 18.90
N LEU A 141 38.17 -3.64 18.69
CA LEU A 141 38.66 -4.45 17.57
C LEU A 141 38.40 -3.74 16.26
N ILE A 142 37.23 -3.12 16.13
CA ILE A 142 36.91 -2.38 14.92
C ILE A 142 37.89 -1.24 14.73
N SER A 143 38.21 -0.51 15.80
CA SER A 143 39.13 0.61 15.70
C SER A 143 40.52 0.15 15.27
N ILE A 144 41.02 -0.93 15.87
CA ILE A 144 42.34 -1.42 15.54
C ILE A 144 42.38 -1.89 14.09
N ILE A 145 41.36 -2.62 13.64
CA ILE A 145 41.32 -3.02 12.24
C ILE A 145 41.28 -1.81 11.34
N ASP A 146 40.52 -0.78 11.73
CA ASP A 146 40.41 0.43 10.91
C ASP A 146 41.76 1.09 10.75
N HIS A 147 42.51 1.23 11.86
CA HIS A 147 43.76 1.97 11.81
C HIS A 147 44.72 1.36 10.79
N TYR A 148 44.99 0.07 10.92
CA TYR A 148 45.80 -0.61 9.91
C TYR A 148 45.06 -0.62 8.59
N LYS A 149 45.81 -0.48 7.50
CA LYS A 149 45.23 -0.49 6.16
C LYS A 149 44.84 -1.92 5.81
N TRP A 150 43.75 -2.37 6.41
CA TRP A 150 43.25 -3.73 6.23
C TRP A 150 42.16 -3.72 5.17
N GLN A 151 42.44 -4.30 4.01
CA GLN A 151 41.50 -4.29 2.90
C GLN A 151 40.65 -5.55 2.86
N THR A 152 41.29 -6.71 3.02
CA THR A 152 40.59 -7.97 3.10
C THR A 152 41.25 -8.82 4.17
N PHE A 153 40.47 -9.67 4.83
CA PHE A 153 41.07 -10.53 5.83
C PHE A 153 40.15 -11.69 6.16
N VAL A 154 40.70 -12.61 6.93
CA VAL A 154 39.99 -13.79 7.41
C VAL A 154 39.64 -13.58 8.86
N TYR A 155 38.42 -13.98 9.22
CA TYR A 155 37.95 -13.93 10.59
C TYR A 155 37.77 -15.35 11.07
N ILE A 156 38.23 -15.63 12.28
CA ILE A 156 38.06 -16.92 12.92
C ILE A 156 37.31 -16.68 14.21
N TYR A 157 36.18 -17.33 14.37
CA TYR A 157 35.29 -17.07 15.48
C TYR A 157 34.88 -18.37 16.13
N ASP A 158 34.88 -18.37 17.46
CA ASP A 158 34.34 -19.47 18.22
C ASP A 158 32.88 -19.24 18.46
N ALA A 159 32.08 -20.29 18.26
CA ALA A 159 30.64 -20.17 18.46
C ALA A 159 30.28 -19.82 19.89
N ASP A 160 31.23 -19.88 20.82
CA ASP A 160 30.94 -19.63 22.21
C ASP A 160 30.68 -18.14 22.44
N ARG A 161 29.56 -17.66 21.91
CA ARG A 161 29.04 -16.31 22.08
C ARG A 161 29.76 -15.30 21.21
N GLY A 162 30.71 -15.71 20.38
CA GLY A 162 31.40 -14.77 19.53
C GLY A 162 30.54 -14.16 18.45
N LEU A 163 29.34 -14.72 18.23
CA LEU A 163 28.51 -14.28 17.12
C LEU A 163 28.17 -12.81 17.22
N SER A 164 27.94 -12.32 18.44
CA SER A 164 27.63 -10.91 18.63
C SER A 164 28.70 -10.02 18.01
N VAL A 165 29.97 -10.44 18.08
CA VAL A 165 31.05 -9.66 17.51
C VAL A 165 31.15 -9.85 16.01
N LEU A 166 30.67 -10.98 15.50
CA LEU A 166 30.68 -11.21 14.06
C LEU A 166 29.79 -10.20 13.35
N GLN A 167 28.55 -10.09 13.79
CA GLN A 167 27.58 -9.22 13.13
C GLN A 167 28.13 -7.80 13.02
N ARG A 168 28.58 -7.26 14.16
CA ARG A 168 29.21 -5.95 14.15
C ARG A 168 30.16 -5.82 12.97
N VAL A 169 31.11 -6.76 12.87
CA VAL A 169 32.08 -6.71 11.79
C VAL A 169 31.38 -6.74 10.44
N LEU A 170 30.50 -7.73 10.25
CA LEU A 170 29.78 -7.83 8.99
C LEU A 170 28.96 -6.58 8.72
N ASP A 171 28.50 -5.90 9.77
CA ASP A 171 27.76 -4.67 9.56
C ASP A 171 28.71 -3.53 9.20
N THR A 172 29.87 -3.48 9.82
CA THR A 172 30.86 -2.46 9.48
C THR A 172 31.58 -2.77 8.18
N ALA A 173 31.63 -4.03 7.78
CA ALA A 173 32.23 -4.36 6.48
C ALA A 173 31.47 -3.68 5.35
N ALA A 174 30.14 -3.68 5.44
CA ALA A 174 29.35 -3.05 4.40
C ALA A 174 29.55 -1.55 4.37
N GLU A 175 29.54 -0.92 5.55
CA GLU A 175 29.69 0.53 5.63
C GLU A 175 31.04 0.99 5.09
N LYS A 176 32.10 0.25 5.42
CA LYS A 176 33.47 0.63 5.17
C LYS A 176 34.17 -0.20 4.10
N ASN A 177 33.50 -1.21 3.56
CA ASN A 177 33.95 -1.88 2.32
C ASN A 177 35.29 -2.57 2.46
N TRP A 178 35.43 -3.49 3.42
CA TRP A 178 36.46 -4.50 3.35
C TRP A 178 35.83 -5.88 3.29
N GLN A 179 36.59 -6.85 2.80
CA GLN A 179 36.12 -8.22 2.67
C GLN A 179 36.54 -9.04 3.89
N VAL A 180 35.61 -9.86 4.36
CA VAL A 180 35.82 -10.69 5.53
C VAL A 180 35.41 -12.11 5.20
N THR A 181 36.35 -13.04 5.32
CA THR A 181 36.10 -14.45 5.07
C THR A 181 36.05 -15.20 6.40
N ALA A 182 34.85 -15.29 6.95
CA ALA A 182 34.67 -15.92 8.26
C ALA A 182 34.79 -17.43 8.15
N VAL A 183 35.37 -18.04 9.18
CA VAL A 183 35.46 -19.49 9.31
C VAL A 183 35.29 -19.81 10.79
N ASN A 184 34.47 -20.82 11.08
CA ASN A 184 34.18 -21.20 12.45
C ASN A 184 35.09 -22.35 12.88
N ILE A 185 35.68 -22.23 14.07
CA ILE A 185 36.56 -23.27 14.58
C ILE A 185 35.76 -24.40 15.18
N LEU A 186 34.61 -24.10 15.78
CA LEU A 186 33.82 -25.14 16.44
C LEU A 186 33.43 -26.23 15.45
N THR A 187 33.03 -25.84 14.25
CA THR A 187 32.65 -26.78 13.20
C THR A 187 33.72 -26.87 12.11
N THR A 188 34.97 -26.63 12.46
CA THR A 188 36.09 -26.76 11.55
C THR A 188 37.03 -27.85 12.04
N THR A 189 37.53 -28.66 11.12
CA THR A 189 38.44 -29.75 11.41
C THR A 189 39.83 -29.42 10.89
N GLU A 190 40.76 -30.35 11.08
CA GLU A 190 42.12 -30.13 10.60
C GLU A 190 42.13 -29.93 9.09
N GLU A 191 41.32 -30.70 8.36
CA GLU A 191 41.22 -30.51 6.92
C GLU A 191 40.66 -29.14 6.59
N GLY A 192 39.70 -28.67 7.40
CA GLY A 192 39.16 -27.34 7.19
C GLY A 192 40.22 -26.27 7.31
N TYR A 193 41.03 -26.34 8.37
CA TYR A 193 42.12 -25.39 8.53
C TYR A 193 43.11 -25.50 7.38
N ARG A 194 43.44 -26.72 6.98
CA ARG A 194 44.39 -26.91 5.89
C ARG A 194 43.89 -26.22 4.62
N MET A 195 42.64 -26.50 4.24
CA MET A 195 42.09 -25.89 3.03
C MET A 195 42.02 -24.38 3.16
N LEU A 196 41.59 -23.89 4.31
CA LEU A 196 41.45 -22.44 4.50
C LEU A 196 42.80 -21.76 4.34
N PHE A 197 43.83 -22.29 5.00
CA PHE A 197 45.14 -21.66 4.93
C PHE A 197 45.76 -21.81 3.54
N GLN A 198 45.52 -22.94 2.88
CA GLN A 198 46.03 -23.13 1.53
C GLN A 198 45.43 -22.11 0.57
N ASP A 199 44.12 -21.90 0.65
CA ASP A 199 43.50 -20.86 -0.16
C ASP A 199 43.92 -19.47 0.29
N LEU A 200 44.29 -19.31 1.55
CA LEU A 200 44.68 -18.00 2.07
C LEU A 200 46.03 -17.57 1.53
N GLU A 201 47.01 -18.48 1.54
CA GLU A 201 48.37 -18.12 1.18
C GLU A 201 48.53 -17.87 -0.32
N LYS A 202 47.53 -18.23 -1.12
CA LYS A 202 47.55 -17.83 -2.52
C LYS A 202 47.49 -16.32 -2.67
N LYS A 203 47.06 -15.61 -1.65
CA LYS A 203 47.04 -14.16 -1.66
C LYS A 203 48.39 -13.60 -1.21
N LYS A 204 48.78 -12.47 -1.79
CA LYS A 204 50.07 -11.88 -1.44
C LYS A 204 50.11 -11.46 0.02
N GLU A 205 49.06 -10.82 0.50
CA GLU A 205 48.97 -10.33 1.87
C GLU A 205 47.99 -11.20 2.65
N ARG A 206 48.38 -11.57 3.88
CA ARG A 206 47.59 -12.49 4.70
C ARG A 206 47.33 -11.84 6.05
N LEU A 207 46.06 -11.53 6.32
CA LEU A 207 45.62 -10.93 7.57
C LEU A 207 44.52 -11.77 8.19
N VAL A 208 44.63 -11.99 9.50
CA VAL A 208 43.77 -12.92 10.20
C VAL A 208 43.39 -12.34 11.55
N VAL A 209 42.14 -12.54 11.93
CA VAL A 209 41.65 -12.23 13.26
C VAL A 209 41.23 -13.53 13.91
N VAL A 210 41.55 -13.66 15.19
CA VAL A 210 41.28 -14.89 15.92
C VAL A 210 40.54 -14.58 17.21
N ASP A 211 39.22 -14.61 17.16
CA ASP A 211 38.41 -14.52 18.36
C ASP A 211 38.21 -15.92 18.92
N CYS A 212 38.54 -16.11 20.19
CA CYS A 212 38.54 -17.43 20.77
C CYS A 212 38.41 -17.30 22.27
N GLU A 213 38.19 -18.44 22.92
CA GLU A 213 38.17 -18.50 24.37
C GLU A 213 39.61 -18.53 24.89
N SER A 214 39.75 -18.64 26.21
CA SER A 214 41.08 -18.72 26.79
C SER A 214 41.80 -20.00 26.35
N GLU A 215 41.13 -21.13 26.45
CA GLU A 215 41.73 -22.42 26.14
C GLU A 215 41.71 -22.77 24.66
N ARG A 216 40.71 -22.28 23.92
CA ARG A 216 40.66 -22.58 22.49
C ARG A 216 41.79 -21.88 21.76
N LEU A 217 42.21 -20.72 22.27
CA LEU A 217 43.29 -19.98 21.61
C LEU A 217 44.59 -20.76 21.64
N ASN A 218 44.88 -21.46 22.75
CA ASN A 218 46.10 -22.24 22.83
C ASN A 218 46.10 -23.35 21.79
N ALA A 219 45.00 -24.08 21.67
CA ALA A 219 44.93 -25.16 20.68
C ALA A 219 45.02 -24.62 19.26
N ILE A 220 44.37 -23.49 18.98
CA ILE A 220 44.46 -22.93 17.64
C ILE A 220 45.88 -22.45 17.35
N LEU A 221 46.57 -21.90 18.36
CA LEU A 221 47.95 -21.51 18.19
C LEU A 221 48.81 -22.72 17.86
N GLY A 222 48.61 -23.81 18.60
CA GLY A 222 49.30 -25.05 18.25
C GLY A 222 48.99 -25.48 16.84
N GLN A 223 47.75 -25.30 16.41
CA GLN A 223 47.38 -25.69 15.05
C GLN A 223 48.14 -24.87 14.02
N ILE A 224 48.28 -23.56 14.26
CA ILE A 224 48.93 -22.70 13.29
C ILE A 224 50.45 -22.84 13.33
N VAL A 225 51.00 -23.27 14.47
CA VAL A 225 52.45 -23.47 14.55
C VAL A 225 52.89 -24.59 13.63
N LYS A 226 52.06 -25.63 13.50
CA LYS A 226 52.43 -26.77 12.65
C LYS A 226 52.80 -26.30 11.25
N LEU A 227 52.03 -25.38 10.68
CA LEU A 227 52.33 -24.82 9.38
C LEU A 227 51.43 -23.62 9.15
N GLU A 228 51.83 -22.77 8.22
CA GLU A 228 51.13 -21.55 7.84
C GLU A 228 51.37 -20.42 8.84
N LYS A 229 52.26 -20.61 9.81
CA LYS A 229 52.62 -19.56 10.76
C LYS A 229 54.04 -19.04 10.51
N ASN A 230 54.48 -19.06 9.25
CA ASN A 230 55.88 -18.77 8.95
C ASN A 230 56.24 -17.33 9.30
N GLY A 231 55.32 -16.40 9.09
CA GLY A 231 55.61 -14.99 9.21
C GLY A 231 55.86 -14.28 7.91
N ILE A 232 55.51 -14.89 6.77
CA ILE A 232 55.69 -14.26 5.47
C ILE A 232 54.47 -13.42 5.16
N GLY A 233 54.47 -12.18 5.65
CA GLY A 233 53.33 -11.30 5.47
C GLY A 233 52.11 -11.69 6.26
N TYR A 234 52.26 -12.61 7.22
CA TYR A 234 51.15 -13.03 8.06
C TYR A 234 50.98 -12.04 9.21
N HIS A 235 49.78 -11.51 9.37
CA HIS A 235 49.47 -10.63 10.50
C HIS A 235 48.25 -11.17 11.23
N TYR A 236 48.48 -11.66 12.44
CA TYR A 236 47.42 -12.18 13.31
C TYR A 236 46.99 -11.12 14.31
N ILE A 237 45.71 -11.14 14.66
CA ILE A 237 45.16 -10.36 15.74
C ILE A 237 44.47 -11.31 16.70
N LEU A 238 44.62 -11.06 17.99
CA LEU A 238 44.07 -11.92 19.04
C LEU A 238 43.06 -11.12 19.83
N ALA A 239 41.78 -11.39 19.59
CA ALA A 239 40.69 -10.73 20.29
C ALA A 239 40.45 -11.44 21.62
N ASN A 240 41.41 -11.28 22.51
CA ASN A 240 41.31 -11.79 23.87
C ASN A 240 41.74 -10.68 24.81
N LEU A 241 40.94 -10.44 25.85
CA LEU A 241 41.22 -9.33 26.75
C LEU A 241 42.55 -9.48 27.45
N GLY A 242 43.08 -10.69 27.51
CA GLY A 242 44.36 -10.93 28.15
C GLY A 242 45.35 -11.56 27.21
N PHE A 243 46.41 -10.82 26.86
CA PHE A 243 47.38 -11.24 25.87
C PHE A 243 48.71 -11.64 26.48
N MET A 244 48.98 -11.27 27.73
CA MET A 244 50.20 -11.70 28.38
C MET A 244 50.13 -13.15 28.83
N ASP A 245 48.94 -13.62 29.21
CA ASP A 245 48.80 -14.98 29.71
C ASP A 245 49.14 -15.99 28.62
N ILE A 246 48.81 -15.69 27.37
CA ILE A 246 48.97 -16.66 26.31
C ILE A 246 50.45 -16.89 26.04
N ASP A 247 50.84 -18.15 25.88
CA ASP A 247 52.23 -18.54 25.65
C ASP A 247 52.51 -18.42 24.16
N LEU A 248 52.94 -17.23 23.74
CA LEU A 248 53.32 -16.96 22.36
C LEU A 248 54.82 -17.08 22.14
N ASN A 249 55.49 -17.95 22.90
CA ASN A 249 56.93 -18.12 22.74
C ASN A 249 57.26 -18.62 21.34
N LYS A 250 56.49 -19.58 20.83
CA LYS A 250 56.72 -20.09 19.49
C LYS A 250 56.62 -18.99 18.45
N PHE A 251 55.93 -17.89 18.76
CA PHE A 251 55.77 -16.78 17.84
C PHE A 251 56.89 -15.74 17.95
N LYS A 252 57.75 -15.84 18.96
CA LYS A 252 58.83 -14.88 19.12
C LYS A 252 60.05 -15.22 18.26
N GLU A 253 60.03 -16.35 17.56
CA GLU A 253 61.15 -16.79 16.74
C GLU A 253 60.82 -16.86 15.26
N SER A 254 59.63 -17.34 14.90
CA SER A 254 59.29 -17.49 13.49
C SER A 254 59.29 -16.16 12.75
N GLY A 255 59.23 -15.04 13.47
CA GLY A 255 59.25 -13.75 12.83
C GLY A 255 57.91 -13.37 12.24
N ALA A 256 56.87 -13.50 13.04
CA ALA A 256 55.51 -13.18 12.62
C ALA A 256 54.95 -12.08 13.52
N ASN A 257 54.08 -11.26 12.92
CA ASN A 257 53.41 -10.21 13.68
C ASN A 257 52.19 -10.77 14.38
N VAL A 258 51.95 -10.28 15.60
CA VAL A 258 50.70 -10.54 16.29
C VAL A 258 50.36 -9.33 17.14
N THR A 259 49.10 -8.92 17.08
CA THR A 259 48.57 -7.85 17.89
C THR A 259 47.51 -8.41 18.82
N GLY A 260 47.43 -7.84 20.02
CA GLY A 260 46.52 -8.33 21.03
C GLY A 260 46.14 -7.21 21.97
N PHE A 261 45.27 -7.54 22.90
CA PHE A 261 44.75 -6.60 23.87
C PHE A 261 45.07 -7.07 25.28
N GLN A 262 45.28 -6.12 26.17
CA GLN A 262 45.48 -6.39 27.58
C GLN A 262 44.57 -5.49 28.40
N LEU A 263 44.00 -6.05 29.45
CA LEU A 263 43.16 -5.30 30.36
C LEU A 263 43.79 -5.08 31.72
N VAL A 264 44.77 -5.91 32.09
CA VAL A 264 45.39 -5.87 33.41
C VAL A 264 46.84 -5.43 33.26
N ASN A 265 47.22 -4.44 34.06
CA ASN A 265 48.59 -3.96 34.14
C ASN A 265 49.14 -4.38 35.50
N TYR A 266 50.21 -5.16 35.49
CA TYR A 266 50.79 -5.65 36.74
C TYR A 266 51.74 -4.64 37.38
N THR A 267 52.28 -3.72 36.58
CA THR A 267 53.29 -2.80 37.09
C THR A 267 52.69 -1.69 37.95
N ASP A 268 51.46 -1.26 37.65
CA ASP A 268 50.87 -0.15 38.35
C ASP A 268 50.81 -0.43 39.86
N THR A 269 50.65 0.64 40.63
CA THR A 269 50.85 0.55 42.08
C THR A 269 49.81 -0.37 42.71
N ILE A 270 48.53 -0.14 42.47
CA ILE A 270 47.49 -0.99 43.04
C ILE A 270 47.63 -2.43 42.53
N PRO A 271 47.71 -2.69 41.23
CA PRO A 271 47.97 -4.06 40.79
C PRO A 271 49.24 -4.65 41.36
N ALA A 272 50.30 -3.86 41.46
CA ALA A 272 51.56 -4.38 41.97
C ALA A 272 51.40 -4.83 43.42
N ARG A 273 50.77 -4.00 44.24
CA ARG A 273 50.56 -4.36 45.64
C ARG A 273 49.65 -5.57 45.76
N ILE A 274 48.57 -5.61 44.98
CA ILE A 274 47.63 -6.72 45.06
C ILE A 274 48.32 -8.01 44.66
N MET A 275 49.05 -7.99 43.54
CA MET A 275 49.76 -9.18 43.09
C MET A 275 50.81 -9.61 44.08
N GLN A 276 51.57 -8.66 44.63
CA GLN A 276 52.60 -9.01 45.59
C GLN A 276 51.99 -9.70 46.82
N GLN A 277 50.97 -9.07 47.40
CA GLN A 277 50.35 -9.65 48.60
C GLN A 277 49.77 -11.02 48.30
N TRP A 278 49.04 -11.13 47.19
CA TRP A 278 48.35 -12.38 46.89
C TRP A 278 49.34 -13.51 46.60
N ARG A 279 50.35 -13.23 45.77
CA ARG A 279 51.33 -14.26 45.44
C ARG A 279 52.15 -14.65 46.67
N THR A 280 52.51 -13.66 47.50
CA THR A 280 53.24 -13.98 48.72
C THR A 280 52.41 -14.88 49.64
N SER A 281 51.12 -14.56 49.79
CA SER A 281 50.26 -15.39 50.63
C SER A 281 50.12 -16.80 50.06
N ASP A 282 49.92 -16.90 48.74
CA ASP A 282 49.75 -18.22 48.13
C ASP A 282 51.01 -19.05 48.26
N SER A 283 52.17 -18.46 48.00
CA SER A 283 53.43 -19.19 48.14
C SER A 283 53.66 -19.59 49.60
N ARG A 284 53.37 -18.68 50.53
CA ARG A 284 53.53 -19.01 51.95
C ARG A 284 52.61 -20.15 52.36
N ASP A 285 51.50 -20.34 51.66
CA ASP A 285 50.59 -21.43 51.94
C ASP A 285 51.24 -22.77 51.56
N LYS A 292 53.66 -17.25 39.04
CA LYS A 292 52.79 -17.21 37.88
C LYS A 292 51.95 -15.94 37.88
N ARG A 293 51.26 -15.70 36.76
CA ARG A 293 50.40 -14.55 36.60
C ARG A 293 48.98 -15.00 36.32
N PRO A 294 47.98 -14.48 37.04
CA PRO A 294 46.60 -14.96 36.83
C PRO A 294 46.09 -14.61 35.45
N LYS A 295 45.21 -15.48 34.94
CA LYS A 295 44.52 -15.19 33.69
C LYS A 295 43.52 -14.05 33.89
N TYR A 296 43.12 -13.45 32.77
CA TYR A 296 42.18 -12.33 32.86
C TYR A 296 40.87 -12.75 33.49
N THR A 297 40.45 -13.99 33.25
CA THR A 297 39.24 -14.50 33.87
C THR A 297 39.38 -14.51 35.39
N SER A 298 40.52 -14.98 35.89
CA SER A 298 40.76 -15.00 37.32
C SER A 298 40.82 -13.59 37.88
N ALA A 299 41.41 -12.65 37.13
CA ALA A 299 41.49 -11.27 37.59
C ALA A 299 40.10 -10.67 37.74
N LEU A 300 39.24 -10.91 36.75
CA LEU A 300 37.88 -10.40 36.82
C LEU A 300 37.12 -11.07 37.95
N THR A 301 37.38 -12.35 38.18
CA THR A 301 36.76 -13.04 39.30
C THR A 301 37.14 -12.39 40.62
N TYR A 302 38.42 -12.06 40.77
CA TYR A 302 38.86 -11.38 41.98
C TYR A 302 38.20 -10.01 42.10
N ASP A 303 38.11 -9.27 41.00
CA ASP A 303 37.50 -7.95 41.03
C ASP A 303 36.03 -8.01 41.43
N GLY A 304 35.32 -9.07 41.02
CA GLY A 304 33.91 -9.15 41.33
C GLY A 304 33.65 -9.21 42.82
N VAL A 305 34.53 -9.88 43.56
CA VAL A 305 34.43 -9.88 45.01
C VAL A 305 34.47 -8.46 45.53
N LYS A 306 35.41 -7.66 45.02
CA LYS A 306 35.51 -6.27 45.44
C LYS A 306 34.24 -5.51 45.09
N VAL A 307 33.66 -5.79 43.93
CA VAL A 307 32.43 -5.10 43.52
C VAL A 307 31.32 -5.37 44.53
N MET A 308 31.09 -6.66 44.83
CA MET A 308 30.02 -7.03 45.75
C MET A 308 30.28 -6.46 47.14
N ALA A 309 31.53 -6.54 47.59
CA ALA A 309 31.87 -6.02 48.91
C ALA A 309 31.65 -4.53 48.98
N GLU A 310 32.03 -3.80 47.93
CA GLU A 310 31.85 -2.35 47.93
C GLU A 310 30.37 -2.00 47.98
N ALA A 311 29.54 -2.71 47.20
CA ALA A 311 28.12 -2.42 47.22
C ALA A 311 27.53 -2.67 48.60
N PHE A 312 27.91 -3.77 49.24
CA PHE A 312 27.31 -4.10 50.52
C PHE A 312 27.83 -3.18 51.63
N GLN A 313 29.11 -2.80 51.56
CA GLN A 313 29.64 -1.81 52.49
C GLN A 313 28.89 -0.49 52.36
N SER A 314 28.68 -0.03 51.13
CA SER A 314 27.94 1.21 50.92
C SER A 314 26.50 1.08 51.34
N LEU A 315 25.92 -0.12 51.24
CA LEU A 315 24.55 -0.30 51.70
C LEU A 315 24.45 -0.22 53.22
N ARG A 316 25.40 -0.86 53.92
CA ARG A 316 25.43 -0.75 55.37
C ARG A 316 25.65 0.69 55.80
N ARG A 317 26.56 1.39 55.12
CA ARG A 317 26.81 2.79 55.45
C ARG A 317 25.58 3.66 55.20
N GLN A 318 24.90 3.43 54.08
CA GLN A 318 23.71 4.21 53.74
C GLN A 318 22.51 3.87 54.60
N ARG A 319 22.59 2.82 55.42
CA ARG A 319 21.51 2.44 56.32
C ARG A 319 20.23 2.18 55.53
N ILE A 320 20.30 1.19 54.64
CA ILE A 320 19.16 0.77 53.83
C ILE A 320 18.63 -0.54 54.42
N ASP A 321 17.31 -0.61 54.55
CA ASP A 321 16.67 -1.75 55.20
C ASP A 321 16.70 -2.96 54.26
N ILE A 322 17.57 -3.92 54.56
CA ILE A 322 17.68 -5.16 53.81
C ILE A 322 17.31 -6.30 54.75
N SER A 323 16.36 -7.13 54.33
CA SER A 323 15.91 -8.25 55.14
C SER A 323 15.44 -9.36 54.21
N ARG A 324 15.80 -10.59 54.55
CA ARG A 324 15.43 -11.75 53.76
C ARG A 324 14.29 -12.49 54.46
N ARG A 325 13.15 -12.59 53.79
CA ARG A 325 12.03 -13.35 54.32
C ARG A 325 12.34 -14.83 54.25
N GLY A 326 11.97 -15.56 55.30
CA GLY A 326 12.22 -16.98 55.37
C GLY A 326 11.28 -17.82 54.55
N ASN A 327 10.39 -17.19 53.77
CA ASN A 327 9.49 -17.95 52.91
C ASN A 327 10.28 -18.81 51.93
N ALA A 328 11.32 -18.24 51.32
CA ALA A 328 12.16 -18.97 50.38
C ALA A 328 11.30 -19.66 49.33
N GLY A 329 10.40 -18.87 48.72
CA GLY A 329 9.46 -19.45 47.79
C GLY A 329 10.16 -20.19 46.66
N ASP A 330 9.54 -21.27 46.22
CA ASP A 330 10.08 -22.02 45.11
C ASP A 330 10.22 -21.11 43.90
N CYS A 331 11.36 -21.21 43.21
CA CYS A 331 11.56 -20.40 42.02
C CYS A 331 10.42 -20.57 41.05
N LEU A 332 9.84 -21.76 40.99
CA LEU A 332 8.70 -22.04 40.11
C LEU A 332 7.39 -21.80 40.85
N ALA A 333 7.22 -20.56 41.31
CA ALA A 333 6.01 -20.12 41.97
C ALA A 333 5.18 -19.32 40.99
N ASN A 334 3.90 -19.67 40.88
CA ASN A 334 3.00 -19.05 39.89
C ASN A 334 1.92 -18.25 40.61
N PRO A 335 1.98 -16.90 40.61
CA PRO A 335 3.05 -16.06 40.08
C PRO A 335 4.17 -15.87 41.08
N ALA A 336 5.38 -15.63 40.57
CA ALA A 336 6.56 -15.42 41.39
C ALA A 336 6.67 -13.95 41.72
N VAL A 337 6.38 -13.58 42.96
CA VAL A 337 6.44 -12.17 43.34
C VAL A 337 7.90 -11.71 43.35
N PRO A 338 8.23 -10.59 42.71
CA PRO A 338 9.60 -10.08 42.84
C PRO A 338 9.95 -9.76 44.28
N TRP A 339 11.21 -9.99 44.64
CA TRP A 339 11.70 -9.56 45.94
C TRP A 339 11.73 -8.03 45.97
N GLY A 340 11.11 -7.47 47.01
CA GLY A 340 10.97 -6.02 47.06
C GLY A 340 12.29 -5.30 47.15
N GLN A 341 13.18 -5.78 48.01
CA GLN A 341 14.47 -5.12 48.21
C GLN A 341 15.43 -5.35 47.05
N GLY A 342 15.27 -6.45 46.32
CA GLY A 342 16.23 -6.82 45.29
C GLY A 342 16.48 -5.74 44.26
N ILE A 343 15.51 -4.84 44.07
CA ILE A 343 15.72 -3.74 43.13
C ILE A 343 16.81 -2.81 43.63
N ASP A 344 16.69 -2.35 44.87
CA ASP A 344 17.64 -1.37 45.38
C ASP A 344 19.05 -1.93 45.38
N ILE A 345 19.20 -3.19 45.81
CA ILE A 345 20.49 -3.86 45.73
C ILE A 345 21.10 -3.63 44.35
N GLN A 346 20.32 -3.88 43.30
CA GLN A 346 20.83 -3.69 41.95
C GLN A 346 21.39 -2.30 41.78
N ARG A 347 20.59 -1.28 42.13
CA ARG A 347 21.06 0.08 42.00
C ARG A 347 22.37 0.25 42.75
N ALA A 348 22.44 -0.25 43.98
CA ALA A 348 23.67 -0.15 44.74
C ALA A 348 24.82 -0.83 44.00
N LEU A 349 24.60 -2.06 43.53
CA LEU A 349 25.64 -2.75 42.81
C LEU A 349 26.03 -2.00 41.55
N GLN A 350 25.09 -1.25 40.97
CA GLN A 350 25.40 -0.46 39.79
C GLN A 350 26.15 0.81 40.16
N GLN A 351 25.89 1.36 41.34
CA GLN A 351 26.45 2.66 41.68
C GLN A 351 27.93 2.58 42.03
N VAL A 352 28.38 1.44 42.55
CA VAL A 352 29.72 1.37 43.10
C VAL A 352 30.74 1.77 42.04
N ARG A 353 31.89 2.26 42.51
CA ARG A 353 32.95 2.70 41.61
C ARG A 353 34.25 2.76 42.39
N PHE A 354 35.32 2.24 41.80
CA PHE A 354 36.61 2.23 42.45
C PHE A 354 37.67 1.76 41.46
N GLU A 355 38.93 2.09 41.77
CA GLU A 355 40.06 1.67 40.95
C GLU A 355 40.44 0.26 41.38
N GLY A 356 39.94 -0.74 40.64
CA GLY A 356 40.26 -2.11 40.91
C GLY A 356 41.49 -2.57 40.14
N LEU A 357 41.79 -3.86 40.29
CA LEU A 357 43.03 -4.40 39.75
C LEU A 357 43.08 -4.26 38.24
N THR A 358 42.03 -4.70 37.54
CA THR A 358 42.04 -4.67 36.09
C THR A 358 42.04 -3.23 35.58
N GLY A 359 41.15 -2.40 36.10
CA GLY A 359 41.06 -1.02 35.70
C GLY A 359 40.13 -0.30 36.65
N ASN A 360 39.58 0.81 36.18
CA ASN A 360 38.55 1.47 36.95
C ASN A 360 37.21 0.81 36.70
N VAL A 361 36.56 0.38 37.78
CA VAL A 361 35.31 -0.36 37.67
C VAL A 361 34.14 0.62 37.66
N GLN A 362 33.27 0.48 36.67
CA GLN A 362 32.08 1.31 36.56
C GLN A 362 31.02 0.48 35.85
N PHE A 363 29.80 0.99 35.85
CA PHE A 363 28.69 0.27 35.23
C PHE A 363 27.73 1.24 34.56
N ASN A 364 27.33 0.89 33.35
CA ASN A 364 26.34 1.61 32.58
C ASN A 364 24.94 1.31 33.13
N GLU A 365 23.95 1.99 32.55
CA GLU A 365 22.56 1.72 32.90
C GLU A 365 22.18 0.29 32.50
N LYS A 366 22.63 -0.16 31.32
CA LYS A 366 22.28 -1.49 30.87
C LYS A 366 22.91 -2.56 31.75
N GLY A 367 23.93 -2.20 32.51
CA GLY A 367 24.61 -3.15 33.38
C GLY A 367 25.85 -3.75 32.75
N ARG A 368 26.74 -2.90 32.26
CA ARG A 368 27.92 -3.34 31.54
C ARG A 368 29.06 -2.38 31.86
N ARG A 369 30.28 -2.89 31.81
CA ARG A 369 31.44 -2.07 32.12
C ARG A 369 31.48 -0.86 31.20
N THR A 370 31.75 0.30 31.78
CA THR A 370 31.79 1.55 31.06
C THR A 370 33.02 2.34 31.47
N ASN A 371 33.48 3.19 30.57
CA ASN A 371 34.57 4.13 30.83
C ASN A 371 35.79 3.39 31.38
N TYR A 372 36.35 2.53 30.54
CA TYR A 372 37.51 1.72 30.87
C TYR A 372 38.60 1.97 29.85
N THR A 373 39.73 1.28 30.04
CA THR A 373 40.89 1.41 29.15
C THR A 373 41.39 0.02 28.78
N LEU A 374 41.79 -0.11 27.53
CA LEU A 374 42.46 -1.32 27.03
C LEU A 374 43.84 -0.94 26.52
N HIS A 375 44.78 -1.86 26.60
CA HIS A 375 46.14 -1.65 26.13
C HIS A 375 46.36 -2.47 24.87
N VAL A 376 46.62 -1.80 23.76
CA VAL A 376 47.00 -2.46 22.53
C VAL A 376 48.45 -2.89 22.65
N ILE A 377 48.76 -4.11 22.24
CA ILE A 377 50.08 -4.67 22.46
C ILE A 377 50.46 -5.55 21.28
N GLU A 378 51.52 -5.17 20.58
CA GLU A 378 52.09 -5.96 19.50
C GLU A 378 53.26 -6.75 20.06
N MET A 379 53.38 -8.00 19.65
CA MET A 379 54.51 -8.84 20.03
C MET A 379 55.40 -9.02 18.80
N LYS A 380 56.57 -8.39 18.84
CA LYS A 380 57.57 -8.58 17.80
C LYS A 380 58.39 -9.82 18.12
N HIS A 381 59.36 -10.13 17.25
CA HIS A 381 60.22 -11.28 17.49
C HIS A 381 60.83 -11.20 18.88
N ASP A 382 61.43 -10.06 19.22
CA ASP A 382 61.84 -9.74 20.58
C ASP A 382 61.33 -8.34 20.88
N GLY A 383 60.06 -8.25 21.28
CA GLY A 383 59.46 -6.96 21.60
C GLY A 383 58.04 -7.06 22.09
N ILE A 384 57.75 -6.42 23.21
CA ILE A 384 56.40 -6.31 23.74
C ILE A 384 56.11 -4.81 23.83
N ARG A 385 55.53 -4.26 22.77
CA ARG A 385 55.40 -2.82 22.62
C ARG A 385 53.95 -2.41 22.85
N LYS A 386 53.76 -1.47 23.78
CA LYS A 386 52.44 -0.90 24.03
C LYS A 386 52.22 0.22 23.03
N ILE A 387 51.64 -0.12 21.89
CA ILE A 387 51.41 0.86 20.84
C ILE A 387 50.54 2.01 21.35
N GLY A 388 49.45 1.67 22.03
CA GLY A 388 48.56 2.69 22.53
C GLY A 388 47.50 2.09 23.43
N TYR A 389 46.49 2.89 23.73
CA TYR A 389 45.38 2.42 24.54
C TYR A 389 44.06 2.88 23.95
N TRP A 390 43.07 2.01 24.06
CA TRP A 390 41.71 2.30 23.64
C TRP A 390 40.87 2.76 24.83
N ASN A 391 40.01 3.74 24.58
CA ASN A 391 39.12 4.28 25.59
C ASN A 391 37.74 4.47 24.99
N GLU A 392 36.73 4.53 25.87
CA GLU A 392 35.36 4.71 25.40
C GLU A 392 35.17 6.07 24.74
N ASP A 393 35.72 7.13 25.33
CA ASP A 393 35.58 8.46 24.76
C ASP A 393 36.48 8.65 23.55
N ASP A 394 37.70 8.13 23.62
CA ASP A 394 38.65 8.23 22.52
C ASP A 394 38.47 7.07 21.55
N LYS A 395 39.29 7.06 20.51
CA LYS A 395 39.29 5.97 19.52
C LYS A 395 40.74 5.61 19.23
N PHE A 396 41.29 4.71 20.03
CA PHE A 396 42.64 4.20 19.85
C PHE A 396 43.64 5.34 19.72
N VAL A 397 43.70 6.14 20.77
CA VAL A 397 44.67 7.23 20.84
C VAL A 397 46.04 6.60 21.07
N PRO A 398 47.02 6.84 20.20
CA PRO A 398 48.31 6.17 20.35
C PRO A 398 49.10 6.74 21.52
N ALA A 399 50.14 5.99 21.90
CA ALA A 399 51.01 6.39 23.00
C ALA A 399 52.24 5.50 23.06
N ASN B 25 -28.45 42.08 12.01
CA ASN B 25 -29.43 41.98 10.94
C ASN B 25 -29.26 40.66 10.19
N SER B 26 -30.15 39.71 10.47
CA SER B 26 -30.08 38.42 9.81
C SER B 26 -30.51 38.54 8.35
N ILE B 27 -29.79 37.88 7.46
CA ILE B 27 -30.12 37.81 6.05
C ILE B 27 -30.27 36.33 5.69
N GLN B 28 -31.41 35.99 5.10
CA GLN B 28 -31.68 34.58 4.79
C GLN B 28 -30.72 34.07 3.74
N ILE B 29 -30.21 32.85 3.95
CA ILE B 29 -29.21 32.24 3.09
C ILE B 29 -29.60 30.79 2.85
N GLY B 30 -29.22 30.28 1.69
CA GLY B 30 -29.46 28.90 1.35
C GLY B 30 -28.17 28.15 1.10
N GLY B 31 -28.18 26.86 1.38
CA GLY B 31 -26.98 26.07 1.23
C GLY B 31 -27.27 24.69 0.69
N LEU B 32 -26.50 24.28 -0.31
CA LEU B 32 -26.57 22.96 -0.90
C LEU B 32 -25.24 22.28 -0.70
N PHE B 33 -25.26 21.01 -0.32
CA PHE B 33 -24.02 20.28 -0.08
C PHE B 33 -24.13 18.87 -0.63
N PRO B 34 -23.18 18.42 -1.43
CA PRO B 34 -23.29 17.09 -2.02
C PRO B 34 -23.23 16.01 -0.97
N ARG B 35 -24.03 14.97 -1.19
CA ARG B 35 -24.00 13.81 -0.31
C ARG B 35 -22.59 13.26 -0.21
N GLY B 36 -22.10 13.17 1.02
CA GLY B 36 -20.75 12.66 1.23
C GLY B 36 -19.67 13.70 1.16
N ALA B 37 -19.95 14.91 1.64
CA ALA B 37 -18.95 15.98 1.72
C ALA B 37 -19.05 16.55 3.14
N ASP B 38 -18.23 16.00 4.03
CA ASP B 38 -18.32 16.35 5.44
C ASP B 38 -17.43 17.53 5.79
N GLN B 39 -16.23 17.58 5.23
CA GLN B 39 -15.29 18.65 5.57
C GLN B 39 -15.85 20.02 5.19
N GLU B 40 -16.55 20.10 4.07
CA GLU B 40 -16.95 21.39 3.54
C GLU B 40 -18.02 22.04 4.41
N TYR B 41 -18.98 21.27 4.88
CA TYR B 41 -19.98 21.81 5.79
C TYR B 41 -19.34 22.23 7.11
N SER B 42 -18.34 21.49 7.56
CA SER B 42 -17.62 21.87 8.77
C SER B 42 -16.92 23.20 8.60
N ALA B 43 -16.27 23.41 7.46
CA ALA B 43 -15.64 24.70 7.19
C ALA B 43 -16.69 25.79 7.09
N PHE B 44 -17.87 25.46 6.57
CA PHE B 44 -18.98 26.40 6.54
C PHE B 44 -19.33 26.87 7.95
N ARG B 45 -19.47 25.91 8.87
CA ARG B 45 -19.82 26.25 10.24
C ARG B 45 -18.71 27.05 10.93
N VAL B 46 -17.46 26.67 10.67
CA VAL B 46 -16.33 27.40 11.24
C VAL B 46 -16.31 28.83 10.72
N GLY B 47 -16.57 29.02 9.43
CA GLY B 47 -16.63 30.36 8.89
C GLY B 47 -17.77 31.15 9.48
N MET B 48 -18.90 30.48 9.72
CA MET B 48 -20.01 31.16 10.40
C MET B 48 -19.57 31.71 11.74
N VAL B 49 -18.97 30.86 12.58
CA VAL B 49 -18.57 31.33 13.90
C VAL B 49 -17.52 32.43 13.79
N GLN B 50 -16.60 32.30 12.83
CA GLN B 50 -15.52 33.26 12.71
C GLN B 50 -16.02 34.64 12.28
N PHE B 51 -16.88 34.68 11.27
CA PHE B 51 -17.35 35.94 10.69
C PHE B 51 -18.68 36.40 11.24
N SER B 52 -19.33 35.61 12.09
CA SER B 52 -20.56 36.05 12.73
C SER B 52 -20.28 37.20 13.68
N THR B 53 -21.25 38.11 13.78
CA THR B 53 -21.13 39.27 14.65
C THR B 53 -22.48 39.57 15.27
N SER B 54 -22.46 40.39 16.32
CA SER B 54 -23.71 40.80 16.96
C SER B 54 -24.56 41.61 15.99
N GLU B 55 -23.94 42.52 15.24
CA GLU B 55 -24.67 43.42 14.36
C GLU B 55 -25.05 42.76 13.05
N PHE B 56 -24.32 41.74 12.60
CA PHE B 56 -24.66 41.04 11.37
C PHE B 56 -24.43 39.56 11.54
N ARG B 57 -25.17 38.78 10.75
CA ARG B 57 -25.08 37.32 10.78
C ARG B 57 -25.70 36.77 9.51
N LEU B 58 -25.78 35.44 9.46
CA LEU B 58 -26.42 34.75 8.36
C LEU B 58 -27.25 33.60 8.91
N THR B 59 -28.41 33.38 8.28
CA THR B 59 -29.32 32.31 8.65
C THR B 59 -29.36 31.31 7.50
N PRO B 60 -28.56 30.25 7.56
CA PRO B 60 -28.52 29.28 6.45
C PRO B 60 -29.52 28.15 6.60
N HIS B 61 -30.23 27.86 5.51
CA HIS B 61 -31.07 26.67 5.42
C HIS B 61 -30.37 25.67 4.52
N ILE B 62 -30.09 24.49 5.05
CA ILE B 62 -29.20 23.53 4.41
C ILE B 62 -30.02 22.42 3.75
N ASP B 63 -29.49 21.92 2.64
CA ASP B 63 -30.04 20.75 1.96
C ASP B 63 -28.87 19.91 1.48
N ASN B 64 -29.01 18.59 1.64
CA ASN B 64 -28.02 17.63 1.20
C ASN B 64 -28.68 16.70 0.20
N LEU B 65 -28.00 16.46 -0.91
CA LEU B 65 -28.59 15.75 -2.03
C LEU B 65 -27.49 15.27 -2.95
N GLU B 66 -27.90 14.57 -4.01
CA GLU B 66 -26.99 14.13 -5.06
C GLU B 66 -27.04 15.18 -6.17
N VAL B 67 -25.99 16.01 -6.22
CA VAL B 67 -25.96 17.14 -7.14
C VAL B 67 -25.96 16.73 -8.59
N ALA B 68 -25.72 15.46 -8.89
CA ALA B 68 -25.77 14.96 -10.26
C ALA B 68 -27.17 14.51 -10.67
N ASN B 69 -28.15 14.71 -9.81
CA ASN B 69 -29.55 14.47 -10.13
C ASN B 69 -30.22 15.82 -10.28
N SER B 70 -30.38 16.25 -11.53
CA SER B 70 -30.96 17.56 -11.80
C SER B 70 -32.34 17.70 -11.19
N PHE B 71 -33.07 16.59 -11.03
CA PHE B 71 -34.38 16.65 -10.40
C PHE B 71 -34.26 17.09 -8.95
N ALA B 72 -33.34 16.50 -8.20
CA ALA B 72 -33.15 16.88 -6.81
C ALA B 72 -32.68 18.31 -6.69
N VAL B 73 -31.77 18.72 -7.58
CA VAL B 73 -31.30 20.10 -7.57
C VAL B 73 -32.45 21.05 -7.83
N THR B 74 -33.31 20.72 -8.79
CA THR B 74 -34.45 21.57 -9.09
C THR B 74 -35.38 21.67 -7.89
N ASN B 75 -35.66 20.53 -7.26
CA ASN B 75 -36.54 20.53 -6.10
C ASN B 75 -35.97 21.37 -4.98
N ALA B 76 -34.69 21.19 -4.67
CA ALA B 76 -34.08 21.94 -3.58
C ALA B 76 -34.02 23.43 -3.90
N PHE B 77 -33.63 23.78 -5.11
CA PHE B 77 -33.56 25.17 -5.53
C PHE B 77 -34.92 25.83 -5.46
N CYS B 78 -35.96 25.17 -5.93
CA CYS B 78 -37.31 25.71 -5.87
C CYS B 78 -37.83 25.84 -4.45
N SER B 79 -37.58 24.85 -3.61
CA SER B 79 -37.98 24.94 -2.21
C SER B 79 -37.32 26.14 -1.54
N GLN B 80 -36.01 26.28 -1.71
CA GLN B 80 -35.30 27.39 -1.10
C GLN B 80 -35.79 28.72 -1.66
N PHE B 81 -36.04 28.78 -2.97
CA PHE B 81 -36.58 29.99 -3.56
C PHE B 81 -37.92 30.35 -2.95
N SER B 82 -38.77 29.35 -2.72
CA SER B 82 -40.02 29.59 -2.03
C SER B 82 -39.79 30.09 -0.61
N ARG B 83 -38.72 29.62 0.03
CA ARG B 83 -38.35 30.08 1.37
C ARG B 83 -37.71 31.47 1.36
N GLY B 84 -37.74 32.18 0.23
CA GLY B 84 -37.27 33.56 0.19
C GLY B 84 -35.79 33.73 0.46
N VAL B 85 -34.95 32.92 -0.17
CA VAL B 85 -33.50 33.02 0.01
C VAL B 85 -32.95 34.05 -0.97
N TYR B 86 -32.12 34.96 -0.47
CA TYR B 86 -31.55 35.99 -1.32
C TYR B 86 -30.39 35.46 -2.15
N ALA B 87 -29.58 34.57 -1.59
CA ALA B 87 -28.49 33.94 -2.31
C ALA B 87 -28.37 32.49 -1.88
N ILE B 88 -27.81 31.66 -2.76
CA ILE B 88 -27.72 30.23 -2.54
C ILE B 88 -26.29 29.79 -2.76
N PHE B 89 -25.63 29.36 -1.70
CA PHE B 89 -24.36 28.69 -1.82
C PHE B 89 -24.60 27.22 -2.15
N GLY B 90 -23.67 26.63 -2.89
CA GLY B 90 -23.83 25.23 -3.24
C GLY B 90 -22.78 24.76 -4.22
N PHE B 91 -22.86 23.48 -4.50
CA PHE B 91 -22.03 22.80 -5.47
C PHE B 91 -22.86 22.38 -6.66
N TYR B 92 -22.17 22.04 -7.74
CA TYR B 92 -22.82 21.50 -8.91
C TYR B 92 -21.83 20.64 -9.69
N ASP B 93 -22.39 19.73 -10.48
CA ASP B 93 -21.63 18.82 -11.31
C ASP B 93 -21.98 19.05 -12.77
N LYS B 94 -21.29 18.33 -13.65
CA LYS B 94 -21.46 18.53 -15.08
C LYS B 94 -22.89 18.28 -15.53
N LYS B 95 -23.65 17.49 -14.79
CA LYS B 95 -25.02 17.17 -15.13
C LYS B 95 -26.03 18.09 -14.45
N SER B 96 -25.58 19.13 -13.77
CA SER B 96 -26.47 20.06 -13.10
C SER B 96 -26.07 21.51 -13.33
N VAL B 97 -25.06 21.78 -14.13
CA VAL B 97 -24.65 23.15 -14.37
C VAL B 97 -25.79 23.92 -15.02
N ASN B 98 -26.30 23.36 -16.11
CA ASN B 98 -27.20 24.11 -16.97
C ASN B 98 -28.49 24.43 -16.25
N THR B 99 -29.02 23.46 -15.51
CA THR B 99 -30.21 23.68 -14.71
C THR B 99 -30.02 24.87 -13.79
N ILE B 100 -28.92 24.85 -13.03
CA ILE B 100 -28.69 25.87 -12.02
C ILE B 100 -28.50 27.23 -12.65
N THR B 101 -27.64 27.31 -13.67
CA THR B 101 -27.37 28.59 -14.29
C THR B 101 -28.61 29.18 -14.94
N SER B 102 -29.41 28.34 -15.61
CA SER B 102 -30.66 28.83 -16.19
C SER B 102 -31.59 29.35 -15.12
N PHE B 103 -31.72 28.62 -14.01
CA PHE B 103 -32.61 29.08 -12.95
C PHE B 103 -32.14 30.42 -12.38
N CYS B 104 -30.83 30.56 -12.17
CA CYS B 104 -30.31 31.81 -11.65
C CYS B 104 -30.55 32.96 -12.62
N GLY B 105 -30.30 32.73 -13.91
CA GLY B 105 -30.52 33.79 -14.88
C GLY B 105 -31.97 34.20 -14.97
N THR B 106 -32.88 33.23 -14.91
CA THR B 106 -34.29 33.56 -15.04
C THR B 106 -34.81 34.27 -13.81
N LEU B 107 -34.48 33.77 -12.62
CA LEU B 107 -35.00 34.31 -11.37
C LEU B 107 -34.11 35.37 -10.76
N HIS B 108 -33.00 35.71 -11.41
CA HIS B 108 -32.09 36.72 -10.88
C HIS B 108 -31.67 36.39 -9.44
N VAL B 109 -31.49 35.11 -9.17
CA VAL B 109 -31.00 34.62 -7.88
C VAL B 109 -29.54 34.26 -8.02
N SER B 110 -28.73 34.71 -7.08
CA SER B 110 -27.29 34.48 -7.14
C SER B 110 -26.97 33.04 -6.77
N PHE B 111 -25.73 32.64 -7.08
CA PHE B 111 -25.24 31.32 -6.76
C PHE B 111 -23.73 31.41 -6.58
N ILE B 112 -23.25 30.90 -5.45
CA ILE B 112 -21.85 30.98 -5.08
C ILE B 112 -21.32 29.56 -4.96
N THR B 113 -20.28 29.24 -5.73
CA THR B 113 -19.79 27.88 -5.80
C THR B 113 -18.27 27.83 -5.71
N PRO B 114 -17.73 26.81 -5.05
CA PRO B 114 -16.33 26.45 -5.25
C PRO B 114 -16.12 25.39 -6.32
N SER B 115 -17.17 24.96 -7.01
CA SER B 115 -17.07 23.94 -8.02
C SER B 115 -16.50 24.53 -9.30
N PHE B 116 -16.41 23.71 -10.33
CA PHE B 116 -15.64 24.07 -11.49
C PHE B 116 -16.26 25.28 -12.18
N PRO B 117 -15.45 26.22 -12.65
CA PRO B 117 -16.00 27.39 -13.32
C PRO B 117 -16.66 27.04 -14.64
N THR B 118 -17.72 27.76 -14.95
CA THR B 118 -18.50 27.51 -16.14
C THR B 118 -17.69 27.83 -17.39
N ASP B 119 -17.90 27.04 -18.44
CA ASP B 119 -17.33 27.31 -19.74
C ASP B 119 -18.24 28.30 -20.47
N GLY B 120 -18.26 29.52 -19.96
CA GLY B 120 -19.14 30.54 -20.50
C GLY B 120 -19.06 31.81 -19.69
N THR B 121 -20.10 32.63 -19.83
CA THR B 121 -20.22 33.90 -19.13
C THR B 121 -21.57 34.00 -18.47
N HIS B 122 -22.00 32.90 -17.85
CA HIS B 122 -23.32 32.84 -17.27
C HIS B 122 -23.44 33.87 -16.15
N PRO B 123 -24.56 34.58 -16.07
CA PRO B 123 -24.71 35.63 -15.06
C PRO B 123 -25.33 35.09 -13.78
N PHE B 124 -25.25 35.92 -12.74
CA PHE B 124 -25.79 35.59 -11.42
C PHE B 124 -25.19 34.30 -10.88
N VAL B 125 -23.92 34.09 -11.16
CA VAL B 125 -23.19 32.93 -10.67
C VAL B 125 -21.78 33.36 -10.32
N ILE B 126 -21.48 33.43 -9.06
CA ILE B 126 -20.14 33.76 -8.59
C ILE B 126 -19.34 32.48 -8.41
N GLN B 127 -18.12 32.48 -8.91
CA GLN B 127 -17.27 31.30 -8.94
C GLN B 127 -16.05 31.57 -8.08
N MET B 128 -15.88 30.75 -7.05
CA MET B 128 -14.77 30.91 -6.13
C MET B 128 -13.54 30.12 -6.56
N ARG B 129 -13.65 29.26 -7.56
CA ARG B 129 -12.55 28.43 -7.98
C ARG B 129 -11.80 29.08 -9.13
N PRO B 130 -10.51 29.32 -9.01
CA PRO B 130 -9.74 29.86 -10.13
C PRO B 130 -9.60 28.86 -11.26
N ASP B 131 -9.44 29.40 -12.46
CA ASP B 131 -9.14 28.57 -13.61
C ASP B 131 -7.75 27.98 -13.47
N LEU B 132 -7.46 27.01 -14.32
CA LEU B 132 -6.23 26.25 -14.25
C LEU B 132 -5.49 26.11 -15.56
N LYS B 133 -6.14 26.37 -16.70
CA LYS B 133 -5.51 26.09 -17.98
C LYS B 133 -4.24 26.90 -18.15
N GLY B 134 -4.24 28.16 -17.72
CA GLY B 134 -3.08 29.00 -17.91
C GLY B 134 -1.85 28.43 -17.22
N ALA B 135 -2.01 28.04 -15.95
CA ALA B 135 -0.88 27.51 -15.20
C ALA B 135 -0.44 26.18 -15.77
N LEU B 136 -1.39 25.35 -16.17
CA LEU B 136 -1.05 24.05 -16.74
C LEU B 136 -0.22 24.21 -17.99
N LEU B 137 -0.64 25.09 -18.90
CA LEU B 137 0.04 25.25 -20.16
C LEU B 137 1.35 26.00 -20.02
N SER B 138 1.48 26.84 -19.00
CA SER B 138 2.77 27.43 -18.71
C SER B 138 3.74 26.39 -18.15
N LEU B 139 3.27 25.56 -17.23
CA LEU B 139 4.13 24.53 -16.65
C LEU B 139 4.60 23.54 -17.70
N ILE B 140 3.70 23.09 -18.57
CA ILE B 140 4.11 22.20 -19.63
C ILE B 140 5.14 22.83 -20.54
N GLU B 141 5.32 24.15 -20.48
CA GLU B 141 6.32 24.83 -21.27
C GLU B 141 7.59 25.13 -20.48
N TYR B 142 7.49 25.17 -19.15
CA TYR B 142 8.67 25.27 -18.31
C TYR B 142 9.46 23.97 -18.26
N TYR B 143 8.93 22.91 -18.87
CA TYR B 143 9.58 21.62 -18.90
C TYR B 143 9.84 21.13 -20.32
N GLN B 144 9.44 21.89 -21.33
CA GLN B 144 9.72 21.56 -22.72
C GLN B 144 9.18 20.17 -23.08
N TRP B 145 7.87 20.05 -22.98
CA TRP B 145 7.18 18.81 -23.24
C TRP B 145 6.65 18.79 -24.66
N ASP B 146 6.79 17.66 -25.31
CA ASP B 146 6.31 17.49 -26.67
C ASP B 146 5.44 16.25 -26.84
N LYS B 147 5.72 15.18 -26.11
CA LYS B 147 4.99 13.93 -26.21
C LYS B 147 4.61 13.53 -24.80
N PHE B 148 3.35 13.76 -24.44
CA PHE B 148 2.86 13.44 -23.11
C PHE B 148 1.44 12.91 -23.21
N ALA B 149 1.11 12.00 -22.30
CA ALA B 149 -0.26 11.53 -22.17
C ALA B 149 -1.07 12.51 -21.35
N TYR B 150 -2.37 12.39 -21.45
CA TYR B 150 -3.31 13.24 -20.73
C TYR B 150 -4.49 12.38 -20.27
N LEU B 151 -4.35 11.84 -19.07
CA LEU B 151 -5.45 11.11 -18.46
C LEU B 151 -6.44 12.10 -17.85
N TYR B 152 -7.71 11.99 -18.23
CA TYR B 152 -8.72 12.94 -17.82
C TYR B 152 -9.96 12.22 -17.35
N ASP B 153 -10.65 12.84 -16.40
CA ASP B 153 -11.93 12.35 -15.93
C ASP B 153 -13.05 13.11 -16.60
N SER B 154 -14.15 12.40 -16.86
CA SER B 154 -15.31 13.00 -17.53
C SER B 154 -16.14 13.75 -16.50
N ASP B 155 -15.52 14.79 -15.94
CA ASP B 155 -16.16 15.67 -14.98
C ASP B 155 -15.54 17.05 -15.14
N ARG B 156 -16.16 18.03 -14.49
CA ARG B 156 -15.75 19.42 -14.61
C ARG B 156 -15.57 19.82 -16.08
N GLY B 157 -16.29 19.14 -16.96
CA GLY B 157 -16.22 19.44 -18.37
C GLY B 157 -14.93 18.94 -18.99
N LEU B 158 -14.75 19.32 -20.25
CA LEU B 158 -13.56 19.00 -21.01
C LEU B 158 -12.87 20.28 -21.49
N SER B 159 -13.09 21.38 -20.79
CA SER B 159 -12.54 22.66 -21.20
C SER B 159 -11.03 22.61 -21.29
N THR B 160 -10.39 22.08 -20.24
CA THR B 160 -8.94 22.03 -20.21
C THR B 160 -8.38 21.03 -21.22
N LEU B 161 -9.12 19.96 -21.48
CA LEU B 161 -8.74 19.04 -22.55
C LEU B 161 -8.71 19.75 -23.89
N GLN B 162 -9.76 20.51 -24.19
CA GLN B 162 -9.80 21.24 -25.45
C GLN B 162 -8.67 22.25 -25.52
N ALA B 163 -8.41 22.95 -24.43
CA ALA B 163 -7.33 23.91 -24.42
C ALA B 163 -6.00 23.25 -24.74
N VAL B 164 -5.76 22.10 -24.13
CA VAL B 164 -4.51 21.37 -24.35
C VAL B 164 -4.40 20.93 -25.80
N LEU B 165 -5.51 20.41 -26.36
CA LEU B 165 -5.47 19.96 -27.74
C LEU B 165 -5.22 21.12 -28.70
N ASP B 166 -5.86 22.26 -28.45
CA ASP B 166 -5.66 23.42 -29.31
C ASP B 166 -4.21 23.90 -29.27
N SER B 167 -3.65 24.01 -28.07
CA SER B 167 -2.26 24.41 -27.97
C SER B 167 -1.34 23.35 -28.56
N ALA B 168 -1.79 22.10 -28.63
CA ALA B 168 -1.01 21.08 -29.32
C ALA B 168 -1.00 21.34 -30.81
N ALA B 169 -2.16 21.63 -31.37
CA ALA B 169 -2.22 21.98 -32.79
C ALA B 169 -1.29 23.14 -33.10
N GLU B 170 -1.30 24.17 -32.26
CA GLU B 170 -0.40 25.29 -32.49
C GLU B 170 1.06 24.89 -32.38
N LYS B 171 1.41 24.12 -31.34
CA LYS B 171 2.80 23.84 -31.02
C LYS B 171 3.26 22.46 -31.44
N LYS B 172 2.44 21.73 -32.20
CA LYS B 172 2.84 20.44 -32.75
C LYS B 172 3.18 19.43 -31.66
N TRP B 173 2.39 19.44 -30.59
CA TRP B 173 2.56 18.46 -29.52
C TRP B 173 1.99 17.12 -29.94
N GLN B 174 2.32 16.11 -29.15
CA GLN B 174 1.83 14.74 -29.34
C GLN B 174 1.14 14.31 -28.06
N VAL B 175 -0.18 14.43 -28.05
CA VAL B 175 -0.98 14.18 -26.86
C VAL B 175 -1.77 12.90 -27.04
N THR B 176 -1.68 12.02 -26.06
CA THR B 176 -2.46 10.80 -25.98
C THR B 176 -3.47 11.00 -24.85
N ALA B 177 -4.71 11.27 -25.21
CA ALA B 177 -5.75 11.60 -24.26
C ALA B 177 -6.59 10.36 -23.99
N ILE B 178 -6.74 10.03 -22.71
CA ILE B 178 -7.40 8.81 -22.29
C ILE B 178 -8.38 9.14 -21.18
N ASN B 179 -9.55 8.51 -21.24
CA ASN B 179 -10.58 8.72 -20.23
C ASN B 179 -10.56 7.55 -19.25
N VAL B 180 -10.73 7.88 -17.98
CA VAL B 180 -10.65 6.91 -16.91
C VAL B 180 -11.85 7.07 -15.99
N GLY B 181 -12.79 7.93 -16.38
CA GLY B 181 -13.95 8.23 -15.58
C GLY B 181 -15.10 7.26 -15.74
N ASN B 182 -15.01 6.34 -16.69
CA ASN B 182 -16.05 5.36 -16.93
C ASN B 182 -15.56 3.96 -16.59
N ILE B 183 -14.77 3.84 -15.53
CA ILE B 183 -14.15 2.58 -15.14
C ILE B 183 -14.87 2.05 -13.90
N ASN B 184 -15.34 0.82 -13.98
CA ASN B 184 -16.03 0.20 -12.86
C ASN B 184 -15.05 -0.08 -11.73
N ASN B 185 -15.47 0.21 -10.50
CA ASN B 185 -14.61 -0.03 -9.35
C ASN B 185 -14.30 -1.51 -9.20
N ASP B 186 -15.28 -2.38 -9.50
CA ASP B 186 -15.06 -3.82 -9.35
C ASP B 186 -13.95 -4.32 -10.25
N LYS B 187 -13.90 -3.84 -11.49
CA LYS B 187 -12.92 -4.29 -12.47
C LYS B 187 -11.82 -3.26 -12.71
N LYS B 188 -11.58 -2.38 -11.74
CA LYS B 188 -10.63 -1.29 -11.94
C LYS B 188 -9.22 -1.80 -12.16
N ASP B 189 -8.84 -2.89 -11.50
CA ASP B 189 -7.44 -3.31 -11.53
C ASP B 189 -6.99 -3.72 -12.92
N GLU B 190 -7.82 -4.47 -13.64
CA GLU B 190 -7.41 -4.99 -14.94
C GLU B 190 -7.20 -3.87 -15.95
N THR B 191 -8.08 -2.87 -15.96
CA THR B 191 -8.05 -1.85 -17.00
C THR B 191 -6.82 -0.97 -16.88
N TYR B 192 -6.49 -0.53 -15.66
CA TYR B 192 -5.40 0.41 -15.48
C TYR B 192 -4.07 -0.18 -15.95
N ARG B 193 -3.83 -1.45 -15.63
CA ARG B 193 -2.59 -2.09 -16.04
C ARG B 193 -2.50 -2.17 -17.55
N SER B 194 -3.59 -2.53 -18.22
CA SER B 194 -3.56 -2.57 -19.68
C SER B 194 -3.36 -1.17 -20.26
N LEU B 195 -3.95 -0.16 -19.63
CA LEU B 195 -3.74 1.22 -20.05
C LEU B 195 -2.27 1.57 -20.03
N PHE B 196 -1.60 1.29 -18.92
CA PHE B 196 -0.18 1.63 -18.84
C PHE B 196 0.66 0.73 -19.74
N GLN B 197 0.23 -0.50 -19.98
CA GLN B 197 0.91 -1.34 -20.94
C GLN B 197 0.85 -0.73 -22.33
N ASP B 198 -0.31 -0.20 -22.71
CA ASP B 198 -0.43 0.52 -23.97
C ASP B 198 0.52 1.71 -24.00
N LEU B 199 0.49 2.53 -22.94
CA LEU B 199 1.35 3.70 -22.92
C LEU B 199 2.82 3.34 -23.02
N GLU B 200 3.21 2.17 -22.53
CA GLU B 200 4.63 1.82 -22.53
C GLU B 200 5.16 1.66 -23.95
N LEU B 201 4.34 1.09 -24.83
CA LEU B 201 4.78 0.87 -26.21
C LEU B 201 5.23 2.16 -26.87
N LYS B 202 4.70 3.29 -26.42
CA LYS B 202 5.07 4.60 -26.93
C LYS B 202 6.13 5.29 -26.10
N LYS B 203 6.65 4.63 -25.06
CA LYS B 203 7.60 5.25 -24.14
C LYS B 203 7.03 6.53 -23.57
N GLU B 204 5.82 6.44 -23.02
CA GLU B 204 5.18 7.60 -22.40
C GLU B 204 5.67 7.70 -20.97
N ARG B 205 6.72 8.48 -20.79
CA ARG B 205 7.30 8.72 -19.49
C ARG B 205 6.72 9.94 -18.80
N ARG B 206 5.78 10.62 -19.44
CA ARG B 206 5.22 11.86 -18.92
C ARG B 206 3.71 11.78 -18.97
N VAL B 207 3.06 12.25 -17.91
CA VAL B 207 1.62 12.07 -17.73
C VAL B 207 1.07 13.25 -16.97
N ILE B 208 -0.17 13.60 -17.28
CA ILE B 208 -0.92 14.63 -16.60
C ILE B 208 -2.16 13.97 -16.04
N LEU B 209 -2.27 13.96 -14.71
CA LEU B 209 -3.38 13.32 -14.03
C LEU B 209 -4.41 14.40 -13.70
N ASP B 210 -5.27 14.68 -14.66
CA ASP B 210 -6.32 15.70 -14.50
C ASP B 210 -7.55 15.03 -13.92
N CYS B 211 -7.56 14.88 -12.61
CA CYS B 211 -8.67 14.21 -11.94
C CYS B 211 -8.75 14.74 -10.52
N GLU B 212 -9.85 14.43 -9.86
CA GLU B 212 -10.03 14.80 -8.47
C GLU B 212 -9.24 13.88 -7.56
N ARG B 213 -9.18 14.27 -6.29
CA ARG B 213 -8.38 13.59 -5.29
C ARG B 213 -8.53 12.08 -5.33
N ASP B 214 -9.77 11.60 -5.31
CA ASP B 214 -10.03 10.17 -5.15
C ASP B 214 -9.43 9.36 -6.29
N LYS B 215 -9.66 9.79 -7.53
CA LYS B 215 -9.13 9.02 -8.65
C LYS B 215 -7.64 9.19 -8.79
N VAL B 216 -7.10 10.31 -8.35
CA VAL B 216 -5.65 10.46 -8.33
C VAL B 216 -5.04 9.43 -7.41
N ASN B 217 -5.64 9.24 -6.23
CA ASN B 217 -5.16 8.20 -5.33
C ASN B 217 -5.31 6.82 -5.95
N ASP B 218 -6.47 6.54 -6.54
CA ASP B 218 -6.71 5.24 -7.15
C ASP B 218 -5.77 4.95 -8.30
N ILE B 219 -5.17 5.99 -8.89
CA ILE B 219 -4.22 5.78 -9.97
C ILE B 219 -2.80 5.68 -9.43
N VAL B 220 -2.44 6.54 -8.48
CA VAL B 220 -1.13 6.47 -7.86
C VAL B 220 -0.93 5.14 -7.16
N ASP B 221 -2.00 4.51 -6.70
CA ASP B 221 -1.92 3.19 -6.10
C ASP B 221 -1.87 2.08 -7.12
N GLN B 222 -1.75 2.43 -8.40
CA GLN B 222 -1.54 1.45 -9.46
C GLN B 222 -0.35 1.79 -10.34
N VAL B 223 0.19 3.00 -10.22
CA VAL B 223 1.52 3.26 -10.75
C VAL B 223 2.56 2.56 -9.90
N ILE B 224 2.34 2.56 -8.59
CA ILE B 224 3.29 1.97 -7.67
C ILE B 224 3.38 0.47 -7.89
N THR B 225 2.23 -0.20 -7.92
CA THR B 225 2.20 -1.64 -8.09
C THR B 225 3.03 -2.09 -9.28
N ILE B 226 3.00 -1.34 -10.38
CA ILE B 226 3.70 -1.72 -11.60
C ILE B 226 5.05 -1.03 -11.71
N GLY B 227 5.46 -0.31 -10.67
CA GLY B 227 6.81 0.22 -10.63
C GLY B 227 7.10 1.27 -11.67
N LYS B 228 6.12 2.11 -11.96
CA LYS B 228 6.30 3.21 -12.88
C LYS B 228 6.54 4.53 -12.16
N HIS B 229 6.73 4.49 -10.85
CA HIS B 229 7.19 5.64 -10.07
C HIS B 229 8.69 5.51 -9.82
N VAL B 230 9.47 5.82 -10.84
CA VAL B 230 10.92 5.70 -10.76
C VAL B 230 11.55 6.88 -11.49
N LYS B 231 12.88 6.87 -11.55
CA LYS B 231 13.63 8.05 -11.97
C LYS B 231 13.16 8.55 -13.34
N GLY B 232 12.75 7.64 -14.21
CA GLY B 232 12.45 8.03 -15.58
C GLY B 232 11.17 8.83 -15.74
N TYR B 233 10.22 8.65 -14.84
CA TYR B 233 8.87 9.14 -15.06
C TYR B 233 8.67 10.53 -14.46
N HIS B 234 7.70 11.25 -15.03
CA HIS B 234 7.27 12.54 -14.53
C HIS B 234 5.76 12.56 -14.52
N TYR B 235 5.18 13.11 -13.46
CA TYR B 235 3.74 13.23 -13.32
C TYR B 235 3.37 14.65 -12.96
N ILE B 236 2.32 15.15 -13.60
CA ILE B 236 1.76 16.45 -13.31
C ILE B 236 0.33 16.22 -12.87
N ILE B 237 0.02 16.65 -11.65
CA ILE B 237 -1.29 16.43 -11.07
C ILE B 237 -2.08 17.73 -11.25
N ALA B 238 -2.93 17.75 -12.27
CA ALA B 238 -3.64 18.95 -12.70
C ALA B 238 -4.83 19.17 -11.78
N ASN B 239 -4.53 19.69 -10.60
CA ASN B 239 -5.52 19.90 -9.57
C ASN B 239 -5.02 21.03 -8.69
N LEU B 240 -5.95 21.77 -8.10
CA LEU B 240 -5.58 22.86 -7.23
C LEU B 240 -5.24 22.39 -5.82
N GLY B 241 -5.45 21.12 -5.53
CA GLY B 241 -5.00 20.54 -4.29
C GLY B 241 -3.99 19.44 -4.54
N PHE B 242 -2.75 19.70 -4.18
CA PHE B 242 -1.64 18.81 -4.43
C PHE B 242 -1.34 17.95 -3.21
N THR B 243 -1.31 18.58 -2.04
CA THR B 243 -1.10 17.85 -0.80
C THR B 243 -2.30 16.99 -0.43
N ASP B 244 -3.50 17.42 -0.82
CA ASP B 244 -4.73 16.79 -0.38
C ASP B 244 -4.66 15.27 -0.48
N GLY B 245 -4.01 14.77 -1.52
CA GLY B 245 -3.89 13.35 -1.71
C GLY B 245 -2.88 12.73 -0.76
N ASP B 246 -2.38 11.55 -1.12
CA ASP B 246 -1.34 10.86 -0.35
C ASP B 246 -0.11 10.79 -1.23
N LEU B 247 0.83 11.71 -0.98
CA LEU B 247 2.07 11.76 -1.72
C LEU B 247 3.20 11.03 -1.02
N LEU B 248 2.99 10.56 0.20
CA LEU B 248 4.05 9.84 0.90
C LEU B 248 4.39 8.54 0.21
N LYS B 249 3.56 8.08 -0.72
CA LYS B 249 3.85 6.85 -1.44
C LYS B 249 4.93 7.05 -2.48
N ILE B 250 5.00 8.23 -3.10
CA ILE B 250 5.85 8.48 -4.25
C ILE B 250 6.95 9.47 -3.96
N GLN B 251 7.06 9.97 -2.73
CA GLN B 251 8.18 10.86 -2.41
C GLN B 251 9.50 10.21 -2.77
N PHE B 252 9.63 8.92 -2.51
CA PHE B 252 10.91 8.24 -2.48
C PHE B 252 11.17 7.36 -3.69
N GLY B 253 10.18 7.14 -4.55
CA GLY B 253 10.38 6.31 -5.71
C GLY B 253 11.44 6.85 -6.65
N GLY B 254 11.62 8.15 -6.68
CA GLY B 254 12.59 8.80 -7.54
C GLY B 254 11.99 9.56 -8.70
N ALA B 255 10.66 9.57 -8.82
CA ALA B 255 9.99 10.20 -9.94
C ALA B 255 9.54 11.60 -9.58
N ASN B 256 9.59 12.49 -10.56
CA ASN B 256 9.11 13.84 -10.34
C ASN B 256 7.61 13.83 -10.11
N VAL B 257 7.14 14.82 -9.37
CA VAL B 257 5.72 15.04 -9.20
C VAL B 257 5.50 16.53 -9.00
N SER B 258 4.74 17.13 -9.90
CA SER B 258 4.47 18.54 -9.91
C SER B 258 2.99 18.79 -9.75
N GLY B 259 2.65 19.98 -9.31
CA GLY B 259 1.26 20.29 -9.03
C GLY B 259 1.08 21.71 -8.62
N PHE B 260 -0.16 22.03 -8.26
CA PHE B 260 -0.57 23.39 -7.97
C PHE B 260 -1.32 23.42 -6.65
N GLN B 261 -1.17 24.53 -5.94
CA GLN B 261 -1.85 24.74 -4.67
C GLN B 261 -2.17 26.22 -4.54
N ILE B 262 -3.43 26.52 -4.22
CA ILE B 262 -3.83 27.89 -3.97
C ILE B 262 -3.67 28.25 -2.51
N VAL B 263 -3.85 27.27 -1.62
CA VAL B 263 -3.78 27.50 -0.18
C VAL B 263 -2.31 27.43 0.22
N ASP B 264 -1.70 28.59 0.44
CA ASP B 264 -0.32 28.65 0.88
C ASP B 264 -0.27 28.50 2.39
N TYR B 265 0.46 27.50 2.87
CA TYR B 265 0.53 27.21 4.29
C TYR B 265 1.56 28.06 5.01
N ASP B 266 2.42 28.77 4.28
CA ASP B 266 3.38 29.69 4.87
C ASP B 266 2.82 31.09 5.04
N ASP B 267 1.50 31.23 5.12
CA ASP B 267 0.84 32.52 5.27
C ASP B 267 0.37 32.69 6.71
N SER B 268 -0.05 33.92 7.02
CA SER B 268 -0.48 34.25 8.37
C SER B 268 -1.91 33.79 8.64
N LEU B 269 -2.85 34.27 7.81
CA LEU B 269 -4.24 33.86 7.99
C LEU B 269 -4.38 32.35 7.93
N VAL B 270 -3.63 31.71 7.04
CA VAL B 270 -3.69 30.25 6.92
C VAL B 270 -3.21 29.60 8.21
N SER B 271 -2.11 30.10 8.76
CA SER B 271 -1.57 29.50 9.98
C SER B 271 -2.53 29.65 11.14
N LYS B 272 -3.12 30.85 11.29
CA LYS B 272 -4.10 31.04 12.36
C LYS B 272 -5.31 30.13 12.17
N PHE B 273 -5.78 30.00 10.92
CA PHE B 273 -6.90 29.12 10.66
C PHE B 273 -6.55 27.69 11.01
N ILE B 274 -5.31 27.27 10.73
CA ILE B 274 -4.90 25.92 11.09
C ILE B 274 -4.87 25.77 12.60
N GLU B 275 -4.40 26.79 13.31
CA GLU B 275 -4.44 26.74 14.77
C GLU B 275 -5.86 26.49 15.25
N ARG B 276 -6.84 27.17 14.65
CA ARG B 276 -8.23 26.95 15.01
C ARG B 276 -8.79 25.62 14.45
N TRP B 277 -8.12 25.04 13.46
CA TRP B 277 -8.62 23.86 12.76
C TRP B 277 -8.20 22.57 13.44
N SER B 278 -6.90 22.42 13.68
CA SER B 278 -6.40 21.23 14.35
C SER B 278 -7.02 21.07 15.72
N THR B 279 -7.15 22.17 16.47
CA THR B 279 -7.82 22.14 17.76
C THR B 279 -9.33 22.21 17.58
N LEU B 280 -9.86 21.19 16.92
CA LEU B 280 -11.28 21.07 16.65
C LEU B 280 -11.76 19.67 17.00
N GLU B 281 -13.00 19.60 17.49
CA GLU B 281 -13.56 18.34 17.96
C GLU B 281 -14.11 17.59 16.75
N GLU B 282 -13.36 16.57 16.30
CA GLU B 282 -13.82 15.77 15.17
C GLU B 282 -15.19 15.15 15.46
N LYS B 283 -15.53 14.95 16.72
CA LYS B 283 -16.90 14.56 17.05
C LYS B 283 -17.90 15.61 16.60
N GLU B 284 -17.46 16.85 16.38
CA GLU B 284 -18.30 17.93 15.91
C GLU B 284 -17.91 18.46 14.54
N TYR B 285 -16.61 18.49 14.22
CA TYR B 285 -16.12 19.02 12.95
C TYR B 285 -15.35 17.92 12.21
N PRO B 286 -16.06 17.01 11.55
CA PRO B 286 -15.37 15.92 10.85
C PRO B 286 -14.37 16.44 9.83
N GLY B 287 -13.21 15.81 9.78
CA GLY B 287 -12.12 16.23 8.93
C GLY B 287 -11.32 17.40 9.46
N ALA B 288 -11.75 18.01 10.56
CA ALA B 288 -11.12 19.24 11.05
C ALA B 288 -9.79 18.99 11.75
N HIS B 289 -9.62 17.84 12.40
CA HIS B 289 -8.43 17.65 13.23
C HIS B 289 -7.16 17.71 12.40
N THR B 290 -7.17 17.12 11.21
CA THR B 290 -5.96 17.05 10.40
C THR B 290 -5.38 18.44 10.17
N ALA B 291 -4.08 18.48 9.90
CA ALA B 291 -3.41 19.74 9.61
C ALA B 291 -3.70 20.20 8.18
N THR B 292 -4.06 19.29 7.29
CA THR B 292 -4.35 19.67 5.92
C THR B 292 -5.77 20.21 5.80
N ILE B 293 -5.96 21.07 4.82
CA ILE B 293 -7.29 21.58 4.46
C ILE B 293 -7.44 21.51 2.95
N LYS B 294 -8.55 20.94 2.50
CA LYS B 294 -8.81 20.80 1.08
C LYS B 294 -9.29 22.12 0.49
N TYR B 295 -8.93 22.34 -0.77
CA TYR B 295 -9.20 23.64 -1.37
C TYR B 295 -10.69 23.93 -1.45
N THR B 296 -11.52 22.90 -1.60
CA THR B 296 -12.96 23.12 -1.62
C THR B 296 -13.44 23.73 -0.30
N SER B 297 -12.97 23.18 0.82
CA SER B 297 -13.34 23.73 2.12
C SER B 297 -12.81 25.14 2.30
N ALA B 298 -11.58 25.39 1.84
CA ALA B 298 -11.01 26.72 1.95
C ALA B 298 -11.86 27.73 1.19
N LEU B 299 -12.30 27.36 -0.01
CA LEU B 299 -13.12 28.25 -0.80
C LEU B 299 -14.51 28.42 -0.18
N THR B 300 -15.02 27.39 0.50
CA THR B 300 -16.27 27.55 1.22
C THR B 300 -16.15 28.58 2.33
N TYR B 301 -15.07 28.49 3.10
CA TYR B 301 -14.82 29.47 4.17
C TYR B 301 -14.69 30.88 3.59
N ASP B 302 -13.88 31.01 2.54
CA ASP B 302 -13.76 32.30 1.88
C ASP B 302 -15.10 32.77 1.33
N ALA B 303 -15.97 31.85 0.92
CA ALA B 303 -17.27 32.21 0.40
C ALA B 303 -18.14 32.82 1.49
N VAL B 304 -18.08 32.25 2.69
CA VAL B 304 -18.79 32.88 3.80
C VAL B 304 -18.27 34.30 3.99
N GLN B 305 -16.96 34.47 3.95
CA GLN B 305 -16.41 35.82 4.07
C GLN B 305 -16.94 36.72 2.96
N VAL B 306 -17.02 36.21 1.75
CA VAL B 306 -17.48 37.00 0.60
C VAL B 306 -18.90 37.46 0.83
N MET B 307 -19.78 36.54 1.20
CA MET B 307 -21.18 36.90 1.42
C MET B 307 -21.31 37.95 2.51
N THR B 308 -20.61 37.76 3.63
CA THR B 308 -20.70 38.74 4.70
C THR B 308 -20.22 40.10 4.23
N GLU B 309 -19.09 40.14 3.51
CA GLU B 309 -18.56 41.42 3.06
C GLU B 309 -19.55 42.13 2.14
N ALA B 310 -20.12 41.40 1.18
CA ALA B 310 -21.04 42.02 0.22
C ALA B 310 -22.29 42.53 0.92
N PHE B 311 -22.86 41.69 1.79
CA PHE B 311 -24.11 42.05 2.44
C PHE B 311 -23.91 43.23 3.41
N ARG B 312 -22.79 43.24 4.12
CA ARG B 312 -22.47 44.36 4.99
C ARG B 312 -22.21 45.63 4.20
N ASN B 313 -21.59 45.50 3.02
CA ASN B 313 -21.42 46.65 2.15
C ASN B 313 -22.77 47.20 1.71
N LEU B 314 -23.72 46.31 1.41
CA LEU B 314 -25.08 46.76 1.11
C LEU B 314 -25.67 47.51 2.29
N ARG B 315 -25.54 46.95 3.49
CA ARG B 315 -26.11 47.60 4.66
C ARG B 315 -25.51 48.99 4.87
N LYS B 316 -24.19 49.11 4.74
CA LYS B 316 -23.54 50.40 4.88
C LYS B 316 -24.00 51.37 3.79
N GLN B 317 -24.14 50.88 2.55
CA GLN B 317 -24.54 51.74 1.45
C GLN B 317 -26.03 52.04 1.45
N ARG B 318 -26.80 51.36 2.30
CA ARG B 318 -28.23 51.54 2.47
C ARG B 318 -29.02 50.98 1.29
N ILE B 319 -28.39 50.18 0.41
CA ILE B 319 -29.12 49.55 -0.67
C ILE B 319 -30.29 48.75 -0.08
N GLU B 320 -31.46 48.92 -0.69
CA GLU B 320 -32.69 48.34 -0.16
C GLU B 320 -32.84 46.92 -0.70
N ILE B 321 -32.74 45.94 0.18
CA ILE B 321 -32.88 44.53 -0.17
C ILE B 321 -33.79 43.90 0.86
N SER B 322 -35.00 43.52 0.42
CA SER B 322 -35.96 42.89 1.32
C SER B 322 -37.11 42.36 0.49
N ARG B 323 -37.59 41.17 0.85
CA ARG B 323 -38.66 40.49 0.13
C ARG B 323 -39.98 40.84 0.78
N ARG B 324 -40.67 41.83 0.24
CA ARG B 324 -41.98 42.25 0.75
C ARG B 324 -43.02 41.32 0.16
N GLY B 325 -43.24 40.19 0.83
CA GLY B 325 -44.23 39.22 0.39
C GLY B 325 -43.69 37.81 0.37
N ASN B 326 -43.91 37.10 -0.73
CA ASN B 326 -43.43 35.74 -0.89
C ASN B 326 -43.19 35.46 -2.36
N ALA B 327 -42.03 34.87 -2.66
CA ALA B 327 -41.76 34.37 -4.00
C ALA B 327 -42.60 33.12 -4.23
N GLY B 328 -43.64 33.26 -5.05
CA GLY B 328 -44.62 32.20 -5.20
C GLY B 328 -44.01 30.85 -5.48
N ASP B 329 -43.40 30.71 -6.66
CA ASP B 329 -42.80 29.43 -7.03
C ASP B 329 -41.74 29.69 -8.09
N CYS B 330 -40.78 28.77 -8.16
CA CYS B 330 -39.76 28.86 -9.20
C CYS B 330 -40.40 28.76 -10.58
N LEU B 331 -41.29 27.81 -10.76
CA LEU B 331 -42.00 27.62 -12.02
C LEU B 331 -43.27 28.46 -11.99
N ALA B 332 -43.25 29.57 -12.72
CA ALA B 332 -44.40 30.47 -12.79
C ALA B 332 -44.38 31.16 -14.14
N ASN B 333 -45.48 31.04 -14.88
CA ASN B 333 -45.59 31.63 -16.20
C ASN B 333 -46.44 32.89 -16.11
N PRO B 334 -45.89 34.08 -16.41
CA PRO B 334 -44.50 34.38 -16.75
C PRO B 334 -43.59 34.42 -15.54
N ALA B 335 -42.30 34.21 -15.76
CA ALA B 335 -41.31 34.40 -14.71
C ALA B 335 -41.17 35.88 -14.40
N VAL B 336 -41.21 36.22 -13.12
CA VAL B 336 -41.16 37.62 -12.69
C VAL B 336 -40.03 37.80 -11.69
N PRO B 337 -38.78 37.94 -12.15
CA PRO B 337 -37.68 38.15 -11.22
C PRO B 337 -37.85 39.40 -10.38
N TRP B 338 -37.43 39.32 -9.13
CA TRP B 338 -37.46 40.47 -8.24
C TRP B 338 -36.22 41.32 -8.47
N GLY B 339 -36.43 42.63 -8.61
CA GLY B 339 -35.44 43.51 -9.19
C GLY B 339 -34.30 43.94 -8.29
N GLN B 340 -34.29 43.53 -7.03
CA GLN B 340 -33.15 43.84 -6.17
C GLN B 340 -32.02 42.84 -6.31
N GLY B 341 -32.21 41.77 -7.10
CA GLY B 341 -31.15 40.79 -7.28
C GLY B 341 -29.92 41.34 -7.94
N VAL B 342 -30.10 42.29 -8.87
CA VAL B 342 -28.95 42.92 -9.51
C VAL B 342 -28.05 43.57 -8.46
N GLU B 343 -28.65 44.21 -7.46
CA GLU B 343 -27.86 44.83 -6.40
C GLU B 343 -27.02 43.80 -5.67
N ILE B 344 -27.63 42.67 -5.33
CA ILE B 344 -26.92 41.63 -4.61
C ILE B 344 -25.77 41.09 -5.44
N GLU B 345 -26.02 40.82 -6.73
CA GLU B 345 -24.96 40.32 -7.58
C GLU B 345 -23.82 41.30 -7.71
N ARG B 346 -24.15 42.59 -7.88
CA ARG B 346 -23.10 43.58 -8.02
C ARG B 346 -22.28 43.68 -6.74
N ALA B 347 -22.95 43.64 -5.59
CA ALA B 347 -22.22 43.68 -4.32
C ALA B 347 -21.30 42.48 -4.18
N LEU B 348 -21.80 41.30 -4.53
CA LEU B 348 -20.97 40.10 -4.42
C LEU B 348 -19.77 40.18 -5.34
N LYS B 349 -19.96 40.70 -6.56
CA LYS B 349 -18.85 40.80 -7.47
C LYS B 349 -17.91 41.95 -7.11
N GLN B 350 -18.42 42.96 -6.41
CA GLN B 350 -17.61 44.10 -6.01
C GLN B 350 -17.15 43.97 -4.55
N VAL B 351 -16.30 42.97 -4.33
CA VAL B 351 -15.68 42.77 -3.02
C VAL B 351 -14.24 42.33 -3.23
N GLN B 352 -13.34 42.84 -2.39
CA GLN B 352 -11.90 42.66 -2.57
C GLN B 352 -11.34 42.35 -1.18
N VAL B 353 -11.08 41.09 -0.89
CA VAL B 353 -10.60 40.71 0.44
C VAL B 353 -9.58 39.58 0.34
N GLU B 354 -8.77 39.46 1.38
CA GLU B 354 -7.84 38.35 1.50
C GLU B 354 -8.48 37.21 2.28
N GLY B 355 -8.03 36.01 1.97
CA GLY B 355 -8.55 34.82 2.59
C GLY B 355 -7.57 33.68 2.41
N LEU B 356 -8.00 32.50 2.81
CA LEU B 356 -7.13 31.33 2.77
C LEU B 356 -6.56 31.12 1.37
N SER B 357 -7.43 31.16 0.36
CA SER B 357 -6.97 30.96 -1.01
C SER B 357 -6.02 32.07 -1.44
N GLY B 358 -6.23 33.28 -0.93
CA GLY B 358 -5.42 34.40 -1.35
C GLY B 358 -6.26 35.64 -1.56
N ASN B 359 -6.03 36.36 -2.64
CA ASN B 359 -6.76 37.59 -2.89
C ASN B 359 -7.97 37.30 -3.75
N ILE B 360 -9.14 37.72 -3.30
CA ILE B 360 -10.40 37.35 -3.93
C ILE B 360 -10.97 38.60 -4.60
N LYS B 361 -10.96 38.56 -5.94
CA LYS B 361 -11.48 39.61 -6.80
C LYS B 361 -12.24 38.95 -7.93
N PHE B 362 -13.32 39.59 -8.38
CA PHE B 362 -14.16 39.03 -9.42
C PHE B 362 -14.29 40.01 -10.59
N ASP B 363 -14.86 39.49 -11.67
CA ASP B 363 -15.15 40.25 -12.87
C ASP B 363 -16.61 40.66 -12.88
N GLN B 364 -17.05 41.24 -13.99
CA GLN B 364 -18.48 41.41 -14.24
C GLN B 364 -19.15 40.09 -14.59
N ASN B 365 -18.37 39.08 -14.96
CA ASN B 365 -18.91 37.77 -15.32
C ASN B 365 -18.95 36.79 -14.16
N GLY B 366 -18.16 37.02 -13.12
CA GLY B 366 -18.12 36.18 -11.94
C GLY B 366 -16.84 35.42 -11.74
N LYS B 367 -16.05 35.24 -12.80
CA LYS B 367 -14.81 34.51 -12.68
C LYS B 367 -13.80 35.30 -11.87
N ARG B 368 -12.97 34.59 -11.12
CA ARG B 368 -11.99 35.23 -10.26
C ARG B 368 -10.79 35.72 -11.06
N ILE B 369 -10.17 36.78 -10.56
CA ILE B 369 -8.99 37.40 -11.16
C ILE B 369 -8.05 37.85 -10.07
N ASN B 370 -6.86 38.28 -10.50
CA ASN B 370 -5.83 38.78 -9.59
C ASN B 370 -5.56 37.77 -8.48
N TYR B 371 -5.26 36.54 -8.87
CA TYR B 371 -4.99 35.46 -7.96
C TYR B 371 -3.64 34.85 -8.29
N THR B 372 -3.06 34.19 -7.30
CA THR B 372 -1.77 33.55 -7.44
C THR B 372 -1.93 32.06 -7.18
N ILE B 373 -1.43 31.25 -8.10
CA ILE B 373 -1.52 29.80 -8.02
C ILE B 373 -0.11 29.28 -7.78
N ASN B 374 0.17 28.89 -6.54
CA ASN B 374 1.51 28.44 -6.21
C ASN B 374 1.78 27.09 -6.85
N ILE B 375 3.00 26.90 -7.30
CA ILE B 375 3.42 25.67 -7.94
C ILE B 375 4.28 24.90 -6.97
N MET B 376 4.24 23.58 -7.07
CA MET B 376 4.92 22.74 -6.10
C MET B 376 5.46 21.51 -6.79
N GLU B 377 6.54 20.99 -6.22
CA GLU B 377 7.13 19.73 -6.60
C GLU B 377 7.12 18.81 -5.39
N LEU B 378 7.58 17.59 -5.61
CA LEU B 378 7.69 16.59 -4.55
C LEU B 378 9.14 16.21 -4.38
N LYS B 379 9.65 16.38 -3.17
CA LYS B 379 11.01 16.02 -2.82
C LYS B 379 10.99 15.10 -1.61
N THR B 380 12.08 14.34 -1.45
CA THR B 380 12.14 13.36 -0.37
C THR B 380 11.85 13.99 0.98
N ASN B 381 12.31 15.23 1.17
CA ASN B 381 11.94 15.96 2.38
C ASN B 381 10.45 16.21 2.43
N GLY B 382 9.84 16.50 1.28
CA GLY B 382 8.44 16.81 1.21
C GLY B 382 8.15 17.77 0.07
N PRO B 383 6.89 18.17 -0.06
CA PRO B 383 6.55 19.18 -1.06
C PRO B 383 7.26 20.49 -0.77
N ARG B 384 7.73 21.13 -1.84
CA ARG B 384 8.39 22.42 -1.74
C ARG B 384 7.96 23.29 -2.90
N LYS B 385 7.66 24.54 -2.61
CA LYS B 385 7.27 25.48 -3.63
C LYS B 385 8.48 25.93 -4.44
N ILE B 386 8.28 26.06 -5.75
CA ILE B 386 9.33 26.52 -6.65
C ILE B 386 8.95 27.78 -7.39
N GLY B 387 7.68 28.18 -7.34
CA GLY B 387 7.26 29.36 -8.07
C GLY B 387 5.79 29.57 -7.93
N TYR B 388 5.27 30.51 -8.71
CA TYR B 388 3.86 30.81 -8.72
C TYR B 388 3.45 31.17 -10.13
N TRP B 389 2.21 31.61 -10.28
CA TRP B 389 1.65 31.88 -11.58
C TRP B 389 0.50 32.86 -11.41
N SER B 390 0.54 33.95 -12.16
CA SER B 390 -0.51 34.94 -12.18
C SER B 390 -0.84 35.27 -13.62
N GLU B 391 -2.12 35.56 -13.88
CA GLU B 391 -2.56 35.79 -15.24
C GLU B 391 -1.85 36.99 -15.85
N VAL B 392 -1.68 38.05 -15.06
CA VAL B 392 -1.04 39.25 -15.58
C VAL B 392 0.42 39.00 -15.91
N ASP B 393 1.17 38.41 -14.98
CA ASP B 393 2.61 38.39 -15.17
C ASP B 393 3.09 37.23 -16.04
N LYS B 394 3.12 36.04 -15.48
CA LYS B 394 3.62 34.86 -16.17
C LYS B 394 3.68 33.70 -15.19
N MET B 395 4.18 32.56 -15.63
CA MET B 395 4.81 31.65 -14.69
C MET B 395 6.06 32.29 -14.13
N VAL B 396 6.13 32.39 -12.81
CA VAL B 396 7.22 33.07 -12.11
C VAL B 396 7.94 32.06 -11.26
N VAL B 397 9.26 32.17 -11.20
CA VAL B 397 10.12 31.21 -10.51
C VAL B 397 10.90 31.94 -9.43
N THR B 398 10.94 31.35 -8.23
CA THR B 398 11.76 31.85 -7.14
C THR B 398 12.85 30.85 -6.76
N LEU B 399 12.47 29.63 -6.40
CA LEU B 399 13.43 28.60 -6.02
C LEU B 399 13.77 27.71 -7.20
N PHE C 29 -59.04 0.66 -24.58
CA PHE C 29 -58.51 1.79 -23.84
C PHE C 29 -59.11 3.10 -24.37
N PRO C 30 -59.11 4.14 -23.55
CA PRO C 30 -59.68 5.42 -23.98
C PRO C 30 -58.96 5.98 -25.19
N ASN C 31 -59.72 6.61 -26.08
CA ASN C 31 -59.15 7.23 -27.27
C ASN C 31 -58.55 8.60 -26.99
N ASN C 32 -58.78 9.15 -25.80
CA ASN C 32 -58.19 10.44 -25.43
C ASN C 32 -56.84 10.24 -24.73
N ILE C 33 -55.94 9.53 -25.41
CA ILE C 33 -54.60 9.27 -24.88
C ILE C 33 -53.72 10.46 -25.24
N GLN C 34 -53.72 11.47 -24.36
CA GLN C 34 -53.04 12.72 -24.66
C GLN C 34 -51.53 12.51 -24.65
N ILE C 35 -50.88 12.99 -25.71
CA ILE C 35 -49.43 12.95 -25.85
C ILE C 35 -48.93 14.38 -25.97
N GLY C 36 -47.72 14.61 -25.44
CA GLY C 36 -47.13 15.92 -25.47
C GLY C 36 -46.18 16.10 -26.63
N GLY C 37 -45.64 17.32 -26.72
CA GLY C 37 -44.69 17.64 -27.75
C GLY C 37 -43.93 18.90 -27.41
N LEU C 38 -42.61 18.87 -27.52
CA LEU C 38 -41.75 20.01 -27.24
C LEU C 38 -40.99 20.36 -28.50
N PHE C 39 -41.25 21.53 -29.07
CA PHE C 39 -40.58 21.91 -30.29
C PHE C 39 -40.01 23.31 -30.18
N PRO C 40 -38.96 23.62 -30.95
CA PRO C 40 -38.37 24.96 -30.91
C PRO C 40 -39.03 25.97 -31.84
N ASN C 41 -39.62 25.52 -32.95
CA ASN C 41 -40.15 26.44 -33.96
C ASN C 41 -41.52 25.97 -34.42
N GLN C 42 -42.45 26.92 -34.51
CA GLN C 42 -43.82 26.59 -34.90
C GLN C 42 -43.88 26.06 -36.33
N GLN C 43 -43.12 26.67 -37.24
CA GLN C 43 -43.14 26.31 -38.65
C GLN C 43 -41.78 25.74 -39.02
N SER C 44 -41.73 24.44 -39.29
CA SER C 44 -40.50 23.79 -39.72
C SER C 44 -40.85 22.43 -40.30
N GLN C 45 -39.90 21.87 -41.05
CA GLN C 45 -40.14 20.58 -41.69
C GLN C 45 -40.44 19.50 -40.67
N GLU C 46 -39.71 19.51 -39.55
CA GLU C 46 -39.91 18.52 -38.51
C GLU C 46 -41.33 18.60 -37.95
N HIS C 47 -41.76 19.80 -37.60
CA HIS C 47 -43.10 19.99 -37.06
C HIS C 47 -44.16 19.58 -38.08
N ALA C 48 -43.97 19.97 -39.34
CA ALA C 48 -44.94 19.61 -40.37
C ALA C 48 -45.04 18.11 -40.54
N ALA C 49 -43.90 17.42 -40.53
CA ALA C 49 -43.92 15.97 -40.65
C ALA C 49 -44.64 15.33 -39.47
N PHE C 50 -44.36 15.81 -38.26
CA PHE C 50 -45.07 15.28 -37.10
C PHE C 50 -46.57 15.49 -37.23
N ARG C 51 -46.98 16.67 -37.68
CA ARG C 51 -48.40 16.94 -37.83
C ARG C 51 -49.02 16.03 -38.87
N PHE C 52 -48.31 15.80 -39.98
CA PHE C 52 -48.86 15.01 -41.07
C PHE C 52 -49.00 13.54 -40.68
N ALA C 53 -47.96 12.97 -40.08
CA ALA C 53 -47.97 11.53 -39.84
C ALA C 53 -49.16 11.11 -38.99
N LEU C 54 -49.67 12.01 -38.16
CA LEU C 54 -50.83 11.68 -37.34
C LEU C 54 -52.07 11.42 -38.19
N SER C 55 -52.17 12.09 -39.34
CA SER C 55 -53.31 11.88 -40.22
C SER C 55 -53.41 10.43 -40.65
N GLN C 56 -52.28 9.81 -40.99
CA GLN C 56 -52.28 8.41 -41.37
C GLN C 56 -52.68 7.49 -40.22
N LEU C 57 -52.68 7.98 -38.99
CA LEU C 57 -53.01 7.16 -37.85
C LEU C 57 -54.49 6.75 -37.93
N THR C 58 -54.74 5.49 -38.28
CA THR C 58 -56.08 4.95 -38.34
C THR C 58 -56.38 4.02 -37.17
N GLU C 59 -55.48 3.94 -36.19
CA GLU C 59 -55.66 3.06 -35.07
C GLU C 59 -56.80 3.55 -34.17
N PRO C 60 -57.42 2.66 -33.40
CA PRO C 60 -58.53 3.07 -32.53
C PRO C 60 -58.12 4.17 -31.58
N PRO C 61 -56.91 4.10 -31.00
CA PRO C 61 -56.47 5.21 -30.14
C PRO C 61 -56.29 6.49 -30.93
N LYS C 62 -56.58 7.61 -30.29
CA LYS C 62 -56.41 8.93 -30.86
C LYS C 62 -55.35 9.67 -30.05
N LEU C 63 -54.21 9.94 -30.67
CA LEU C 63 -53.10 10.59 -30.01
C LEU C 63 -53.16 12.09 -30.27
N LEU C 64 -53.10 12.87 -29.20
CA LEU C 64 -53.15 14.32 -29.30
C LEU C 64 -51.73 14.89 -29.39
N PRO C 65 -51.46 15.82 -30.30
CA PRO C 65 -50.11 16.39 -30.38
C PRO C 65 -49.76 17.22 -29.17
N GLN C 66 -50.67 18.12 -28.79
CA GLN C 66 -50.50 18.98 -27.63
C GLN C 66 -49.13 19.67 -27.66
N ILE C 67 -48.86 20.35 -28.77
CA ILE C 67 -47.55 20.94 -29.00
C ILE C 67 -47.32 22.11 -28.06
N ASP C 68 -46.09 22.24 -27.59
CA ASP C 68 -45.61 23.42 -26.89
C ASP C 68 -44.35 23.90 -27.59
N ILE C 69 -44.31 25.17 -27.95
CA ILE C 69 -43.13 25.76 -28.55
C ILE C 69 -42.24 26.27 -27.44
N VAL C 70 -41.04 25.69 -27.34
CA VAL C 70 -40.14 25.95 -26.23
C VAL C 70 -38.74 26.10 -26.77
N ASN C 71 -37.99 27.03 -26.21
CA ASN C 71 -36.59 27.16 -26.58
C ASN C 71 -35.79 26.03 -25.96
N ILE C 72 -34.96 25.38 -26.77
CA ILE C 72 -34.29 24.17 -26.32
C ILE C 72 -33.19 24.48 -25.31
N SER C 73 -32.37 25.49 -25.59
CA SER C 73 -31.18 25.71 -24.78
C SER C 73 -31.54 26.00 -23.33
N ASP C 74 -32.60 26.77 -23.10
CA ASP C 74 -32.92 27.23 -21.75
C ASP C 74 -33.55 26.09 -20.97
N SER C 75 -32.86 25.64 -19.92
CA SER C 75 -33.34 24.51 -19.14
C SER C 75 -34.55 24.89 -18.31
N PHE C 76 -34.61 26.14 -17.83
CA PHE C 76 -35.73 26.54 -16.99
C PHE C 76 -37.04 26.54 -17.77
N GLU C 77 -37.04 27.17 -18.94
CA GLU C 77 -38.22 27.14 -19.78
C GLU C 77 -38.68 25.72 -20.03
N MET C 78 -37.73 24.82 -20.32
CA MET C 78 -38.09 23.42 -20.58
C MET C 78 -38.68 22.75 -19.36
N THR C 79 -38.09 22.97 -18.20
CA THR C 79 -38.63 22.34 -17.01
C THR C 79 -40.04 22.83 -16.76
N TYR C 80 -40.30 24.11 -17.04
CA TYR C 80 -41.66 24.63 -16.95
C TYR C 80 -42.60 23.87 -17.86
N ARG C 81 -42.22 23.70 -19.13
CA ARG C 81 -43.09 23.03 -20.09
C ARG C 81 -43.31 21.57 -19.73
N PHE C 82 -42.25 20.88 -19.32
CA PHE C 82 -42.34 19.47 -18.96
C PHE C 82 -43.24 19.28 -17.75
N CYS C 83 -43.15 20.17 -16.76
CA CYS C 83 -44.05 20.09 -15.62
C CYS C 83 -45.49 20.46 -16.01
N SER C 84 -45.66 21.36 -16.98
CA SER C 84 -47.01 21.64 -17.46
C SER C 84 -47.63 20.40 -18.09
N GLN C 85 -46.87 19.70 -18.93
CA GLN C 85 -47.37 18.47 -19.52
C GLN C 85 -47.63 17.42 -18.46
N PHE C 86 -46.82 17.40 -17.41
CA PHE C 86 -47.12 16.55 -16.26
C PHE C 86 -48.48 16.93 -15.67
N SER C 87 -48.74 18.22 -15.54
CA SER C 87 -50.03 18.67 -15.00
C SER C 87 -51.17 18.17 -15.87
N LYS C 88 -51.01 18.24 -17.19
CA LYS C 88 -52.07 17.77 -18.08
C LYS C 88 -52.26 16.26 -17.99
N GLY C 89 -51.30 15.55 -17.41
CA GLY C 89 -51.40 14.10 -17.31
C GLY C 89 -50.91 13.35 -18.53
N VAL C 90 -50.06 13.98 -19.34
CA VAL C 90 -49.63 13.38 -20.60
C VAL C 90 -48.98 12.03 -20.33
N TYR C 91 -49.28 11.06 -21.20
CA TYR C 91 -48.79 9.70 -21.02
C TYR C 91 -47.37 9.54 -21.54
N ALA C 92 -47.05 10.19 -22.65
CA ALA C 92 -45.72 10.10 -23.25
C ALA C 92 -45.38 11.43 -23.87
N ILE C 93 -44.09 11.64 -24.11
CA ILE C 93 -43.58 12.91 -24.58
C ILE C 93 -42.68 12.69 -25.79
N PHE C 94 -42.78 13.58 -26.76
CA PHE C 94 -41.92 13.61 -27.93
C PHE C 94 -41.33 15.01 -28.05
N GLY C 95 -40.07 15.08 -28.42
CA GLY C 95 -39.44 16.37 -28.58
C GLY C 95 -37.94 16.24 -28.79
N PHE C 96 -37.30 17.40 -28.76
CA PHE C 96 -35.89 17.56 -29.02
C PHE C 96 -35.18 18.03 -27.76
N TYR C 97 -33.88 17.77 -27.72
CA TYR C 97 -33.04 18.28 -26.65
C TYR C 97 -31.62 18.53 -27.15
N GLU C 98 -31.00 19.54 -26.58
CA GLU C 98 -29.65 19.96 -26.93
C GLU C 98 -28.71 19.68 -25.75
N ARG C 99 -27.43 19.96 -25.97
CA ARG C 99 -26.40 19.67 -24.99
C ARG C 99 -26.71 20.23 -23.61
N ARG C 100 -27.17 21.48 -23.57
CA ARG C 100 -27.33 22.16 -22.29
C ARG C 100 -28.39 21.47 -21.44
N THR C 101 -29.45 20.97 -22.09
CA THR C 101 -30.65 20.49 -21.43
C THR C 101 -30.90 19.01 -21.63
N VAL C 102 -29.91 18.27 -22.11
CA VAL C 102 -30.05 16.82 -22.16
C VAL C 102 -30.11 16.23 -20.76
N ASN C 103 -29.19 16.64 -19.89
CA ASN C 103 -29.15 16.05 -18.56
C ASN C 103 -30.44 16.32 -17.81
N MET C 104 -30.81 17.59 -17.67
CA MET C 104 -32.04 17.96 -17.00
C MET C 104 -33.18 17.05 -17.43
N LEU C 105 -33.50 17.05 -18.72
CA LEU C 105 -34.60 16.24 -19.21
C LEU C 105 -34.42 14.78 -18.82
N THR C 106 -33.25 14.22 -19.13
CA THR C 106 -33.02 12.83 -18.82
C THR C 106 -33.34 12.56 -17.36
N SER C 107 -32.90 13.46 -16.48
CA SER C 107 -33.09 13.25 -15.06
C SER C 107 -34.57 13.19 -14.70
N PHE C 108 -35.38 14.08 -15.28
CA PHE C 108 -36.80 14.03 -14.92
C PHE C 108 -37.46 12.78 -15.45
N CYS C 109 -36.95 12.22 -16.55
CA CYS C 109 -37.61 11.09 -17.16
C CYS C 109 -37.36 9.81 -16.37
N GLY C 110 -36.22 9.71 -15.70
CA GLY C 110 -35.90 8.57 -14.87
C GLY C 110 -36.44 8.63 -13.47
N ALA C 111 -36.98 9.78 -13.06
CA ALA C 111 -37.51 9.97 -11.72
C ALA C 111 -39.01 9.78 -11.66
N LEU C 112 -39.73 10.39 -12.59
CA LEU C 112 -41.17 10.25 -12.68
C LEU C 112 -41.60 9.03 -13.48
N HIS C 113 -40.64 8.27 -14.00
CA HIS C 113 -40.93 7.11 -14.83
C HIS C 113 -41.85 7.50 -15.99
N VAL C 114 -41.37 8.47 -16.77
CA VAL C 114 -42.11 9.01 -17.90
C VAL C 114 -41.20 8.93 -19.12
N CYS C 115 -41.75 8.39 -20.21
CA CYS C 115 -40.94 8.16 -21.40
C CYS C 115 -40.81 9.42 -22.23
N PHE C 116 -39.74 9.48 -23.01
CA PHE C 116 -39.42 10.65 -23.81
C PHE C 116 -38.83 10.18 -25.12
N ILE C 117 -39.58 10.39 -26.20
CA ILE C 117 -39.12 10.05 -27.54
C ILE C 117 -38.32 11.21 -28.09
N THR C 118 -37.26 10.91 -28.83
CA THR C 118 -36.51 11.98 -29.43
C THR C 118 -35.74 11.53 -30.66
N PRO C 119 -35.65 12.36 -31.69
CA PRO C 119 -34.68 12.16 -32.76
C PRO C 119 -33.37 12.92 -32.59
N SER C 120 -33.15 13.55 -31.44
CA SER C 120 -31.96 14.36 -31.27
C SER C 120 -30.74 13.48 -31.08
N PHE C 121 -29.59 14.13 -30.91
CA PHE C 121 -28.34 13.40 -30.84
C PHE C 121 -28.38 12.40 -29.68
N PRO C 122 -27.88 11.19 -29.89
CA PRO C 122 -27.89 10.21 -28.79
C PRO C 122 -26.76 10.46 -27.82
N VAL C 123 -26.93 9.89 -26.62
CA VAL C 123 -26.01 10.11 -25.53
C VAL C 123 -25.59 8.77 -24.94
N ASP C 124 -24.44 8.77 -24.29
CA ASP C 124 -23.87 7.54 -23.76
C ASP C 124 -24.51 7.16 -22.42
N THR C 125 -24.65 8.12 -21.52
CA THR C 125 -25.24 7.88 -20.21
C THR C 125 -26.67 8.40 -20.24
N SER C 126 -27.63 7.50 -20.03
CA SER C 126 -29.03 7.86 -20.11
C SER C 126 -29.85 6.79 -19.41
N ASN C 127 -31.08 7.14 -19.10
CA ASN C 127 -32.01 6.20 -18.51
C ASN C 127 -32.59 5.30 -19.59
N GLN C 128 -33.48 4.40 -19.17
CA GLN C 128 -34.19 3.53 -20.09
C GLN C 128 -35.48 4.14 -20.58
N PHE C 129 -35.88 5.29 -20.05
CA PHE C 129 -37.12 5.95 -20.43
C PHE C 129 -36.94 6.93 -21.58
N VAL C 130 -35.73 7.05 -22.11
CA VAL C 130 -35.43 8.00 -23.19
C VAL C 130 -35.14 7.18 -24.44
N LEU C 131 -36.06 7.24 -25.39
CA LEU C 131 -35.94 6.49 -26.63
C LEU C 131 -35.36 7.40 -27.71
N GLN C 132 -34.15 7.09 -28.13
CA GLN C 132 -33.40 7.91 -29.07
C GLN C 132 -33.54 7.29 -30.45
N LEU C 133 -34.32 7.93 -31.32
CA LEU C 133 -34.53 7.47 -32.68
C LEU C 133 -33.47 8.03 -33.62
N ARG C 134 -32.22 7.87 -33.24
CA ARG C 134 -31.10 8.29 -34.10
C ARG C 134 -29.94 7.37 -33.81
N PRO C 135 -29.70 6.39 -34.68
CA PRO C 135 -28.57 5.48 -34.44
C PRO C 135 -27.26 6.25 -34.39
N GLU C 136 -26.35 5.76 -33.54
CA GLU C 136 -25.07 6.43 -33.36
C GLU C 136 -24.15 6.15 -34.54
N LEU C 137 -23.51 7.20 -35.03
CA LEU C 137 -22.56 7.09 -36.12
C LEU C 137 -21.13 6.85 -35.65
N GLN C 138 -20.89 6.86 -34.33
CA GLN C 138 -19.51 6.79 -33.85
C GLN C 138 -18.85 5.47 -34.25
N GLU C 139 -19.58 4.36 -34.14
CA GLU C 139 -19.01 3.07 -34.48
C GLU C 139 -18.71 2.99 -35.97
N ALA C 140 -19.67 3.37 -36.81
CA ALA C 140 -19.48 3.27 -38.26
C ALA C 140 -18.38 4.19 -38.74
N LEU C 141 -18.28 5.38 -38.15
CA LEU C 141 -17.23 6.30 -38.53
C LEU C 141 -15.86 5.69 -38.29
N ILE C 142 -15.70 5.00 -37.18
CA ILE C 142 -14.44 4.33 -36.89
C ILE C 142 -14.13 3.31 -37.97
N SER C 143 -15.13 2.52 -38.38
CA SER C 143 -14.92 1.50 -39.39
C SER C 143 -14.49 2.12 -40.72
N ILE C 144 -15.19 3.18 -41.14
CA ILE C 144 -14.86 3.81 -42.40
C ILE C 144 -13.47 4.40 -42.37
N ILE C 145 -13.10 5.07 -41.27
CA ILE C 145 -11.75 5.60 -41.17
C ILE C 145 -10.74 4.46 -41.21
N ASP C 146 -11.05 3.34 -40.54
CA ASP C 146 -10.13 2.21 -40.51
C ASP C 146 -9.89 1.67 -41.92
N HIS C 147 -10.96 1.52 -42.71
CA HIS C 147 -10.82 0.89 -44.01
C HIS C 147 -9.85 1.67 -44.89
N TYR C 148 -10.09 2.96 -45.05
CA TYR C 148 -9.13 3.79 -45.77
C TYR C 148 -7.83 3.85 -44.99
N LYS C 149 -6.72 3.88 -45.72
CA LYS C 149 -5.39 3.94 -45.11
C LYS C 149 -5.18 5.37 -44.59
N TRP C 150 -5.84 5.67 -43.48
CA TRP C 150 -5.78 6.98 -42.86
C TRP C 150 -4.75 6.97 -41.74
N GLN C 151 -3.63 7.67 -41.95
CA GLN C 151 -2.54 7.67 -40.98
C GLN C 151 -2.65 8.85 -40.03
N THR C 152 -2.89 10.04 -40.57
CA THR C 152 -3.10 11.23 -39.76
C THR C 152 -4.22 12.04 -40.38
N PHE C 153 -4.97 12.75 -39.55
CA PHE C 153 -6.03 13.58 -40.09
C PHE C 153 -6.48 14.62 -39.08
N VAL C 154 -7.32 15.52 -39.58
CA VAL C 154 -7.91 16.58 -38.78
C VAL C 154 -9.35 16.21 -38.48
N TYR C 155 -9.77 16.48 -37.25
CA TYR C 155 -11.13 16.26 -36.81
C TYR C 155 -11.75 17.61 -36.53
N ILE C 156 -12.96 17.83 -36.99
CA ILE C 156 -13.72 19.04 -36.74
C ILE C 156 -14.99 18.62 -36.05
N TYR C 157 -15.23 19.16 -34.86
CA TYR C 157 -16.33 18.72 -34.02
C TYR C 157 -17.10 19.92 -33.53
N ASP C 158 -18.42 19.80 -33.56
CA ASP C 158 -19.30 20.79 -32.96
C ASP C 158 -19.54 20.41 -31.51
N ALA C 159 -19.45 21.39 -30.63
CA ALA C 159 -19.66 21.13 -29.22
C ALA C 159 -21.06 20.63 -28.92
N ASP C 160 -21.97 20.69 -29.89
CA ASP C 160 -23.35 20.30 -29.65
C ASP C 160 -23.45 18.77 -29.52
N ARG C 161 -22.89 18.24 -28.45
CA ARG C 161 -22.96 16.84 -28.04
C ARG C 161 -21.99 15.97 -28.83
N GLY C 162 -21.17 16.55 -29.71
CA GLY C 162 -20.23 15.75 -30.46
C GLY C 162 -19.12 15.16 -29.62
N LEU C 163 -18.97 15.63 -28.37
CA LEU C 163 -17.84 15.21 -27.56
C LEU C 163 -17.82 13.71 -27.35
N SER C 164 -18.99 13.10 -27.19
CA SER C 164 -19.06 11.65 -27.01
C SER C 164 -18.35 10.93 -28.14
N VAL C 165 -18.43 11.45 -29.36
CA VAL C 165 -17.77 10.82 -30.49
C VAL C 165 -16.30 11.16 -30.54
N LEU C 166 -15.89 12.27 -29.95
CA LEU C 166 -14.48 12.62 -29.91
C LEU C 166 -13.70 11.61 -29.09
N GLN C 167 -14.16 11.35 -27.87
CA GLN C 167 -13.43 10.45 -26.97
C GLN C 167 -13.20 9.12 -27.64
N ARG C 168 -14.27 8.51 -28.15
CA ARG C 168 -14.13 7.26 -28.89
C ARG C 168 -12.93 7.33 -29.83
N VAL C 169 -12.89 8.34 -30.69
CA VAL C 169 -11.79 8.48 -31.63
C VAL C 169 -10.47 8.57 -30.88
N LEU C 170 -10.38 9.48 -29.92
CA LEU C 170 -9.15 9.63 -29.17
C LEU C 170 -8.78 8.34 -28.44
N ASP C 171 -9.78 7.54 -28.07
CA ASP C 171 -9.48 6.26 -27.45
C ASP C 171 -9.00 5.24 -28.46
N THR C 172 -9.59 5.25 -29.66
CA THR C 172 -9.14 4.36 -30.71
C THR C 172 -7.86 4.84 -31.36
N ALA C 173 -7.57 6.13 -31.31
CA ALA C 173 -6.31 6.62 -31.84
C ALA C 173 -5.14 5.98 -31.11
N ALA C 174 -5.24 5.85 -29.80
CA ALA C 174 -4.16 5.25 -29.03
C ALA C 174 -4.00 3.77 -29.36
N GLU C 175 -5.12 3.04 -29.44
CA GLU C 175 -5.06 1.61 -29.70
C GLU C 175 -4.46 1.32 -31.08
N LYS C 176 -4.83 2.12 -32.07
CA LYS C 176 -4.53 1.89 -33.48
C LYS C 176 -3.52 2.87 -34.06
N ASN C 177 -3.08 3.87 -33.30
CA ASN C 177 -1.91 4.67 -33.65
C ASN C 177 -2.09 5.47 -34.95
N TRP C 178 -3.12 6.30 -35.01
CA TRP C 178 -3.11 7.40 -35.96
C TRP C 178 -3.19 8.72 -35.20
N GLN C 179 -2.77 9.79 -35.87
CA GLN C 179 -2.78 11.12 -35.29
C GLN C 179 -4.04 11.87 -35.66
N VAL C 180 -4.60 12.56 -34.68
CA VAL C 180 -5.85 13.30 -34.84
C VAL C 180 -5.65 14.70 -34.31
N THR C 181 -5.84 15.70 -35.18
CA THR C 181 -5.72 17.10 -34.79
C THR C 181 -7.11 17.72 -34.71
N ALA C 182 -7.69 17.65 -33.51
CA ALA C 182 -9.04 18.15 -33.33
C ALA C 182 -9.07 19.67 -33.29
N VAL C 183 -10.14 20.24 -33.85
CA VAL C 183 -10.40 21.66 -33.82
C VAL C 183 -11.90 21.85 -33.66
N ASN C 184 -12.30 22.75 -32.77
CA ASN C 184 -13.70 22.98 -32.50
C ASN C 184 -14.21 24.16 -33.32
N ILE C 185 -15.37 23.99 -33.94
CA ILE C 185 -15.96 25.07 -34.73
C ILE C 185 -16.68 26.07 -33.85
N LEU C 186 -17.26 25.61 -32.75
CA LEU C 186 -18.03 26.51 -31.90
C LEU C 186 -17.15 27.64 -31.39
N THR C 187 -15.92 27.34 -30.98
CA THR C 187 -14.97 28.33 -30.50
C THR C 187 -13.87 28.60 -31.52
N THR C 188 -14.18 28.44 -32.81
CA THR C 188 -13.26 28.75 -33.88
C THR C 188 -13.83 29.87 -34.74
N THR C 189 -12.97 30.80 -35.14
CA THR C 189 -13.34 31.94 -35.97
C THR C 189 -12.77 31.76 -37.37
N GLU C 190 -13.03 32.76 -38.22
CA GLU C 190 -12.50 32.71 -39.58
C GLU C 190 -10.98 32.64 -39.57
N GLU C 191 -10.34 33.40 -38.68
CA GLU C 191 -8.88 33.32 -38.55
C GLU C 191 -8.45 31.94 -38.10
N GLY C 192 -9.24 31.32 -37.21
CA GLY C 192 -8.91 29.97 -36.78
C GLY C 192 -8.92 28.99 -37.94
N TYR C 193 -9.97 29.05 -38.76
CA TYR C 193 -10.02 28.18 -39.94
C TYR C 193 -8.86 28.48 -40.88
N ARG C 194 -8.57 29.75 -41.09
CA ARG C 194 -7.48 30.11 -41.99
C ARG C 194 -6.17 29.51 -41.53
N MET C 195 -5.84 29.69 -40.24
CA MET C 195 -4.59 29.15 -39.72
C MET C 195 -4.58 27.64 -39.78
N LEU C 196 -5.70 27.00 -39.42
CA LEU C 196 -5.76 25.54 -39.42
C LEU C 196 -5.51 24.99 -40.81
N PHE C 197 -6.19 25.55 -41.81
CA PHE C 197 -6.05 25.06 -43.17
C PHE C 197 -4.67 25.38 -43.74
N GLN C 198 -4.11 26.54 -43.38
CA GLN C 198 -2.77 26.89 -43.84
C GLN C 198 -1.74 25.91 -43.31
N ASP C 199 -1.83 25.57 -42.02
CA ASP C 199 -0.94 24.56 -41.46
C ASP C 199 -1.25 23.18 -42.01
N LEU C 200 -2.49 22.94 -42.44
CA LEU C 200 -2.88 21.63 -42.94
C LEU C 200 -2.28 21.38 -44.32
N GLU C 201 -2.36 22.36 -45.21
CA GLU C 201 -1.93 22.16 -46.58
C GLU C 201 -0.43 22.06 -46.73
N LYS C 202 0.33 22.40 -45.68
CA LYS C 202 1.76 22.12 -45.69
C LYS C 202 2.05 20.63 -45.77
N LYS C 203 1.07 19.79 -45.43
CA LYS C 203 1.22 18.35 -45.53
C LYS C 203 0.84 17.89 -46.93
N LYS C 204 1.53 16.85 -47.40
CA LYS C 204 1.26 16.34 -48.75
C LYS C 204 -0.16 15.80 -48.87
N GLU C 205 -0.60 15.03 -47.88
CA GLU C 205 -1.93 14.42 -47.87
C GLU C 205 -2.79 15.13 -46.85
N ARG C 206 -4.05 15.42 -47.23
CA ARG C 206 -4.96 16.19 -46.40
C ARG C 206 -6.25 15.41 -46.22
N LEU C 207 -6.51 14.97 -44.99
CA LEU C 207 -7.72 14.23 -44.65
C LEU C 207 -8.42 14.92 -43.50
N VAL C 208 -9.75 15.02 -43.61
CA VAL C 208 -10.54 15.80 -42.69
C VAL C 208 -11.85 15.09 -42.40
N VAL C 209 -12.27 15.13 -41.14
CA VAL C 209 -13.57 14.67 -40.73
C VAL C 209 -14.34 15.87 -40.22
N VAL C 210 -15.62 15.92 -40.55
CA VAL C 210 -16.47 17.05 -40.20
C VAL C 210 -17.74 16.56 -39.52
N ASP C 211 -17.71 16.48 -38.19
CA ASP C 211 -18.91 16.22 -37.42
C ASP C 211 -19.59 17.54 -37.12
N CYS C 212 -20.87 17.64 -37.47
CA CYS C 212 -21.57 18.90 -37.38
C CYS C 212 -23.07 18.63 -37.29
N GLU C 213 -23.81 19.69 -36.99
CA GLU C 213 -25.26 19.62 -37.01
C GLU C 213 -25.75 19.73 -38.45
N SER C 214 -27.07 19.74 -38.61
CA SER C 214 -27.63 19.88 -39.96
C SER C 214 -27.29 21.25 -40.54
N GLU C 215 -27.50 22.31 -39.77
CA GLU C 215 -27.30 23.67 -40.27
C GLU C 215 -25.86 24.14 -40.17
N ARG C 216 -25.09 23.64 -39.20
CA ARG C 216 -23.70 24.06 -39.09
C ARG C 216 -22.89 23.52 -40.25
N LEU C 217 -23.29 22.36 -40.79
CA LEU C 217 -22.55 21.78 -41.91
C LEU C 217 -22.63 22.68 -43.14
N ASN C 218 -23.78 23.29 -43.39
CA ASN C 218 -23.90 24.17 -44.54
C ASN C 218 -22.97 25.37 -44.43
N ALA C 219 -22.93 25.99 -43.25
CA ALA C 219 -22.05 27.14 -43.06
C ALA C 219 -20.59 26.75 -43.17
N ILE C 220 -20.22 25.59 -42.62
CA ILE C 220 -18.82 25.15 -42.72
C ILE C 220 -18.48 24.83 -44.15
N LEU C 221 -19.42 24.26 -44.91
CA LEU C 221 -19.19 24.01 -46.33
C LEU C 221 -18.94 25.31 -47.06
N GLY C 222 -19.78 26.32 -46.80
CA GLY C 222 -19.54 27.63 -47.37
C GLY C 222 -18.17 28.16 -46.99
N GLN C 223 -17.75 27.90 -45.75
CA GLN C 223 -16.44 28.37 -45.31
C GLN C 223 -15.33 27.71 -46.11
N ILE C 224 -15.45 26.41 -46.38
CA ILE C 224 -14.39 25.70 -47.08
C ILE C 224 -14.42 25.97 -48.57
N VAL C 225 -15.57 26.34 -49.12
CA VAL C 225 -15.66 26.66 -50.54
C VAL C 225 -14.83 27.89 -50.86
N LYS C 226 -14.81 28.88 -49.95
CA LYS C 226 -14.05 30.10 -50.19
C LYS C 226 -12.61 29.79 -50.57
N LEU C 227 -11.98 28.87 -49.86
CA LEU C 227 -10.62 28.45 -50.17
C LEU C 227 -10.32 27.19 -49.37
N GLU C 228 -9.30 26.46 -49.82
CA GLU C 228 -8.82 25.22 -49.22
C GLU C 228 -9.71 24.03 -49.58
N LYS C 229 -10.68 24.21 -50.48
CA LYS C 229 -11.53 23.12 -50.95
C LYS C 229 -11.21 22.75 -52.39
N ASN C 230 -9.94 22.92 -52.80
CA ASN C 230 -9.60 22.78 -54.21
C ASN C 230 -9.80 21.36 -54.70
N GLY C 231 -9.53 20.37 -53.86
CA GLY C 231 -9.52 18.99 -54.28
C GLY C 231 -8.16 18.42 -54.55
N ILE C 232 -7.09 19.09 -54.12
CA ILE C 232 -5.74 18.61 -54.32
C ILE C 232 -5.37 17.68 -53.17
N GLY C 233 -5.75 16.41 -53.29
CA GLY C 233 -5.51 15.45 -52.23
C GLY C 233 -6.37 15.66 -51.00
N TYR C 234 -7.39 16.51 -51.10
CA TYR C 234 -8.29 16.76 -49.98
C TYR C 234 -9.34 15.66 -49.93
N HIS C 235 -9.48 15.01 -48.77
CA HIS C 235 -10.53 14.02 -48.57
C HIS C 235 -11.33 14.37 -47.34
N TYR C 236 -12.58 14.78 -47.54
CA TYR C 236 -13.50 15.12 -46.47
C TYR C 236 -14.42 13.95 -46.16
N ILE C 237 -14.78 13.83 -44.89
CA ILE C 237 -15.82 12.91 -44.44
C ILE C 237 -16.86 13.71 -43.70
N LEU C 238 -18.12 13.36 -43.91
CA LEU C 238 -19.25 14.08 -43.32
C LEU C 238 -19.99 13.12 -42.39
N ALA C 239 -19.79 13.31 -41.09
CA ALA C 239 -20.46 12.49 -40.08
C ALA C 239 -21.85 13.06 -39.81
N ASN C 240 -22.71 12.91 -40.80
CA ASN C 240 -24.12 13.28 -40.70
C ASN C 240 -24.95 12.14 -41.25
N LEU C 241 -25.98 11.75 -40.50
CA LEU C 241 -26.75 10.58 -40.89
C LEU C 241 -27.44 10.78 -42.22
N GLY C 242 -27.60 12.03 -42.65
CA GLY C 242 -28.24 12.32 -43.93
C GLY C 242 -27.34 13.13 -44.84
N PHE C 243 -26.91 12.51 -45.93
CA PHE C 243 -25.94 13.10 -46.84
C PHE C 243 -26.55 13.56 -48.15
N MET C 244 -27.76 13.11 -48.48
CA MET C 244 -28.43 13.58 -49.69
C MET C 244 -29.00 14.98 -49.49
N ASP C 245 -29.45 15.30 -48.29
CA ASP C 245 -30.07 16.60 -48.04
C ASP C 245 -29.07 17.73 -48.27
N ILE C 246 -27.80 17.51 -47.92
CA ILE C 246 -26.82 18.58 -47.97
C ILE C 246 -26.55 18.96 -49.42
N ASP C 247 -26.50 20.27 -49.69
CA ASP C 247 -26.27 20.78 -51.03
C ASP C 247 -24.77 20.83 -51.29
N LEU C 248 -24.25 19.72 -51.80
CA LEU C 248 -22.84 19.61 -52.16
C LEU C 248 -22.60 19.88 -53.65
N ASN C 249 -23.43 20.73 -54.26
CA ASN C 249 -23.25 21.04 -55.68
C ASN C 249 -21.90 21.69 -55.93
N LYS C 250 -21.49 22.62 -55.07
CA LYS C 250 -20.19 23.25 -55.22
C LYS C 250 -19.06 22.24 -55.18
N PHE C 251 -19.29 21.07 -54.61
CA PHE C 251 -18.27 20.03 -54.52
C PHE C 251 -18.26 19.09 -55.71
N LYS C 252 -19.27 19.17 -56.59
CA LYS C 252 -19.33 18.31 -57.76
C LYS C 252 -18.48 18.83 -58.92
N GLU C 253 -17.88 20.00 -58.78
CA GLU C 253 -17.07 20.61 -59.84
C GLU C 253 -15.61 20.78 -59.48
N SER C 254 -15.31 21.18 -58.23
CA SER C 254 -13.94 21.42 -57.85
C SER C 254 -13.08 20.16 -57.94
N GLY C 255 -13.70 18.99 -57.99
CA GLY C 255 -12.95 17.76 -58.11
C GLY C 255 -12.35 17.32 -56.80
N ALA C 256 -13.17 17.29 -55.76
CA ALA C 256 -12.76 16.89 -54.43
C ALA C 256 -13.56 15.68 -53.98
N ASN C 257 -12.93 14.83 -53.18
CA ASN C 257 -13.58 13.67 -52.62
C ASN C 257 -14.36 14.04 -51.37
N VAL C 258 -15.53 13.44 -51.21
CA VAL C 258 -16.28 13.53 -49.96
C VAL C 258 -17.01 12.22 -49.75
N THR C 259 -16.94 11.71 -48.53
CA THR C 259 -17.67 10.53 -48.12
C THR C 259 -18.66 10.91 -47.04
N GLY C 260 -19.81 10.24 -47.04
CA GLY C 260 -20.88 10.55 -46.11
C GLY C 260 -21.71 9.33 -45.86
N PHE C 261 -22.69 9.50 -44.98
CA PHE C 261 -23.58 8.43 -44.57
C PHE C 261 -25.02 8.81 -44.88
N GLN C 262 -25.82 7.81 -45.20
CA GLN C 262 -27.24 7.98 -45.41
C GLN C 262 -27.99 6.93 -44.62
N LEU C 263 -29.11 7.34 -44.02
CA LEU C 263 -29.96 6.44 -43.27
C LEU C 263 -31.29 6.16 -43.96
N VAL C 264 -31.70 7.04 -44.87
CA VAL C 264 -33.00 6.95 -45.52
C VAL C 264 -32.79 6.65 -47.00
N ASN C 265 -33.48 5.62 -47.48
CA ASN C 265 -33.51 5.27 -48.89
C ASN C 265 -34.89 5.61 -49.44
N TYR C 266 -34.93 6.48 -50.43
CA TYR C 266 -36.20 6.90 -51.00
C TYR C 266 -36.72 5.93 -52.06
N THR C 267 -35.84 5.13 -52.66
CA THR C 267 -36.24 4.27 -53.75
C THR C 267 -37.02 3.05 -53.27
N ASP C 268 -36.70 2.54 -52.08
CA ASP C 268 -37.32 1.31 -51.60
C ASP C 268 -38.84 1.46 -51.56
N THR C 269 -39.52 0.31 -51.51
CA THR C 269 -40.96 0.30 -51.73
C THR C 269 -41.71 1.06 -50.65
N ILE C 270 -41.45 0.74 -49.38
CA ILE C 270 -42.13 1.45 -48.29
C ILE C 270 -41.75 2.93 -48.29
N PRO C 271 -40.47 3.31 -48.32
CA PRO C 271 -40.15 4.74 -48.43
C PRO C 271 -40.75 5.38 -49.67
N ALA C 272 -40.75 4.68 -50.80
CA ALA C 272 -41.29 5.27 -52.02
C ALA C 272 -42.77 5.57 -51.87
N ARG C 273 -43.53 4.62 -51.33
CA ARG C 273 -44.96 4.84 -51.12
C ARG C 273 -45.20 5.95 -50.11
N ILE C 274 -44.44 5.96 -49.02
CA ILE C 274 -44.65 6.97 -47.99
C ILE C 274 -44.35 8.36 -48.55
N MET C 275 -43.22 8.49 -49.25
CA MET C 275 -42.85 9.77 -49.83
C MET C 275 -43.87 10.21 -50.88
N GLN C 276 -44.31 9.28 -51.73
CA GLN C 276 -45.29 9.64 -52.75
C GLN C 276 -46.57 10.15 -52.12
N GLN C 277 -47.12 9.40 -51.17
CA GLN C 277 -48.37 9.81 -50.54
C GLN C 277 -48.21 11.15 -49.83
N TRP C 278 -47.13 11.30 -49.07
CA TRP C 278 -46.95 12.50 -48.26
C TRP C 278 -46.74 13.72 -49.14
N ARG C 279 -45.88 13.61 -50.16
CA ARG C 279 -45.62 14.75 -51.03
C ARG C 279 -46.86 15.09 -51.85
N THR C 280 -47.60 14.08 -52.31
CA THR C 280 -48.83 14.36 -53.04
C THR C 280 -49.84 15.08 -52.16
N SER C 281 -49.98 14.65 -50.91
CA SER C 281 -50.90 15.32 -50.00
C SER C 281 -50.46 16.76 -49.73
N ASP C 282 -49.17 16.95 -49.49
CA ASP C 282 -48.67 18.30 -49.18
C ASP C 282 -48.86 19.23 -50.38
N SER C 283 -48.53 18.76 -51.59
CA SER C 283 -48.71 19.59 -52.77
C SER C 283 -50.18 19.87 -53.01
N ARG C 284 -51.04 18.88 -52.81
CA ARG C 284 -52.48 19.09 -52.99
C ARG C 284 -53.01 20.10 -51.99
N ASP C 285 -52.34 20.25 -50.84
CA ASP C 285 -52.75 21.23 -49.85
C ASP C 285 -52.48 22.65 -50.37
N LYS C 292 -39.47 18.47 -52.93
CA LYS C 292 -38.33 18.46 -52.03
C LYS C 292 -38.22 17.13 -51.30
N ARG C 293 -37.10 16.92 -50.61
CA ARG C 293 -36.86 15.72 -49.85
C ARG C 293 -36.65 16.07 -48.39
N PRO C 294 -37.33 15.41 -47.45
CA PRO C 294 -37.20 15.77 -46.04
C PRO C 294 -35.80 15.50 -45.52
N LYS C 295 -35.39 16.33 -44.55
CA LYS C 295 -34.13 16.09 -43.86
C LYS C 295 -34.25 14.86 -42.97
N TYR C 296 -33.09 14.31 -42.59
CA TYR C 296 -33.09 13.12 -41.76
C TYR C 296 -33.78 13.37 -40.43
N THR C 297 -33.65 14.59 -39.89
CA THR C 297 -34.34 14.92 -38.66
C THR C 297 -35.86 14.81 -38.84
N SER C 298 -36.37 15.34 -39.96
CA SER C 298 -37.80 15.25 -40.23
C SER C 298 -38.23 13.81 -40.43
N ALA C 299 -37.39 13.01 -41.08
CA ALA C 299 -37.72 11.60 -41.29
C ALA C 299 -37.84 10.87 -39.96
N LEU C 300 -36.90 11.11 -39.06
CA LEU C 300 -36.94 10.48 -37.74
C LEU C 300 -38.14 10.97 -36.95
N THR C 301 -38.48 12.25 -37.11
CA THR C 301 -39.66 12.79 -36.47
C THR C 301 -40.91 12.05 -36.93
N TYR C 302 -41.02 11.83 -38.23
CA TYR C 302 -42.15 11.09 -38.77
C TYR C 302 -42.17 9.67 -38.23
N ASP C 303 -41.00 9.02 -38.18
CA ASP C 303 -40.93 7.65 -37.68
C ASP C 303 -41.36 7.55 -36.23
N GLY C 304 -41.05 8.56 -35.42
CA GLY C 304 -41.39 8.49 -34.01
C GLY C 304 -42.89 8.40 -33.79
N VAL C 305 -43.67 9.09 -34.63
CA VAL C 305 -45.11 8.96 -34.57
C VAL C 305 -45.51 7.49 -34.76
N LYS C 306 -44.91 6.82 -35.73
CA LYS C 306 -45.20 5.42 -35.96
C LYS C 306 -44.81 4.59 -34.76
N VAL C 307 -43.69 4.92 -34.12
CA VAL C 307 -43.25 4.16 -32.94
C VAL C 307 -44.31 4.25 -31.84
N MET C 308 -44.71 5.47 -31.52
CA MET C 308 -45.68 5.67 -30.44
C MET C 308 -47.00 5.01 -30.78
N ALA C 309 -47.44 5.15 -32.04
CA ALA C 309 -48.71 4.56 -32.45
C ALA C 309 -48.65 3.04 -32.36
N GLU C 310 -47.53 2.45 -32.78
CA GLU C 310 -47.40 1.00 -32.71
C GLU C 310 -47.45 0.52 -31.28
N ALA C 311 -46.76 1.21 -30.38
CA ALA C 311 -46.77 0.80 -28.98
C ALA C 311 -48.18 0.88 -28.41
N PHE C 312 -48.91 1.95 -28.71
CA PHE C 312 -50.22 2.10 -28.11
C PHE C 312 -51.23 1.14 -28.74
N GLN C 313 -51.11 0.88 -30.04
CA GLN C 313 -51.95 -0.13 -30.69
C GLN C 313 -51.71 -1.49 -30.05
N SER C 314 -50.44 -1.87 -29.86
CA SER C 314 -50.14 -3.13 -29.22
C SER C 314 -50.60 -3.18 -27.77
N LEU C 315 -50.63 -2.04 -27.09
CA LEU C 315 -51.12 -2.00 -25.72
C LEU C 315 -52.62 -2.23 -25.68
N ARG C 316 -53.36 -1.57 -26.58
CA ARG C 316 -54.79 -1.81 -26.65
C ARG C 316 -55.09 -3.25 -27.03
N ARG C 317 -54.34 -3.81 -27.97
CA ARG C 317 -54.53 -5.20 -28.35
C ARG C 317 -54.23 -6.14 -27.18
N GLN C 318 -53.15 -5.88 -26.46
CA GLN C 318 -52.76 -6.73 -25.33
C GLN C 318 -53.67 -6.58 -24.13
N ARG C 319 -54.58 -5.60 -24.14
CA ARG C 319 -55.52 -5.39 -23.06
C ARG C 319 -54.78 -5.18 -21.73
N ILE C 320 -53.99 -4.12 -21.70
CA ILE C 320 -53.24 -3.72 -20.52
C ILE C 320 -53.94 -2.53 -19.88
N ASP C 321 -54.10 -2.58 -18.56
CA ASP C 321 -54.87 -1.56 -17.85
C ASP C 321 -54.05 -0.29 -17.75
N ILE C 322 -54.41 0.71 -18.55
CA ILE C 322 -53.78 2.03 -18.51
C ILE C 322 -54.82 3.05 -18.09
N SER C 323 -54.50 3.83 -17.06
CA SER C 323 -55.40 4.83 -16.53
C SER C 323 -54.59 5.96 -15.94
N ARG C 324 -55.03 7.18 -16.20
CA ARG C 324 -54.35 8.38 -15.70
C ARG C 324 -55.13 8.95 -14.53
N ARG C 325 -54.49 9.00 -13.37
CA ARG C 325 -55.11 9.61 -12.21
C ARG C 325 -55.18 11.13 -12.38
N GLY C 326 -56.29 11.71 -11.98
CA GLY C 326 -56.48 13.13 -12.10
C GLY C 326 -55.75 13.96 -11.08
N ASN C 327 -54.94 13.33 -10.22
CA ASN C 327 -54.17 14.08 -9.24
C ASN C 327 -53.24 15.08 -9.93
N ALA C 328 -52.57 14.66 -11.00
CA ALA C 328 -51.68 15.53 -11.75
C ALA C 328 -50.71 16.23 -10.80
N GLY C 329 -50.05 15.43 -9.96
CA GLY C 329 -49.20 16.00 -8.94
C GLY C 329 -48.14 16.90 -9.55
N ASP C 330 -47.81 17.96 -8.83
CA ASP C 330 -46.74 18.84 -9.28
C ASP C 330 -45.46 18.05 -9.46
N CYS C 331 -44.76 18.32 -10.57
CA CYS C 331 -43.50 17.64 -10.81
C CYS C 331 -42.56 17.79 -9.63
N LEU C 332 -42.62 18.93 -8.95
CA LEU C 332 -41.80 19.18 -7.77
C LEU C 332 -42.54 18.75 -6.50
N ALA C 333 -42.89 17.47 -6.46
CA ALA C 333 -43.53 16.86 -5.30
C ALA C 333 -42.50 16.09 -4.51
N ASN C 334 -42.44 16.33 -3.21
CA ASN C 334 -41.42 15.72 -2.35
C ASN C 334 -42.08 14.77 -1.36
N PRO C 335 -41.97 13.44 -1.53
CA PRO C 335 -41.35 12.75 -2.66
C PRO C 335 -42.30 12.57 -3.81
N ALA C 336 -41.75 12.49 -5.02
CA ALA C 336 -42.53 12.32 -6.24
C ALA C 336 -42.71 10.82 -6.48
N VAL C 337 -43.92 10.33 -6.26
CA VAL C 337 -44.18 8.90 -6.46
C VAL C 337 -44.12 8.58 -7.94
N PRO C 338 -43.39 7.55 -8.36
CA PRO C 338 -43.44 7.15 -9.76
C PRO C 338 -44.83 6.73 -10.18
N TRP C 339 -45.19 7.04 -11.42
CA TRP C 339 -46.43 6.55 -11.98
C TRP C 339 -46.34 5.03 -12.15
N GLY C 340 -47.32 4.32 -11.60
CA GLY C 340 -47.24 2.88 -11.58
C GLY C 340 -47.25 2.26 -12.97
N GLN C 341 -48.14 2.75 -13.85
CA GLN C 341 -48.26 2.19 -15.19
C GLN C 341 -47.10 2.60 -16.09
N GLY C 342 -46.47 3.75 -15.81
CA GLY C 342 -45.47 4.29 -16.71
C GLY C 342 -44.35 3.32 -17.02
N ILE C 343 -44.09 2.35 -16.14
CA ILE C 343 -43.05 1.37 -16.41
C ILE C 343 -43.44 0.50 -17.59
N ASP C 344 -44.64 -0.07 -17.55
CA ASP C 344 -45.04 -1.01 -18.60
C ASP C 344 -45.07 -0.33 -19.94
N ILE C 345 -45.60 0.90 -19.99
CA ILE C 345 -45.55 1.68 -21.22
C ILE C 345 -44.15 1.62 -21.81
N GLN C 346 -43.14 1.90 -20.99
CA GLN C 346 -41.78 1.88 -21.47
C GLN C 346 -41.47 0.56 -22.15
N ARG C 347 -41.74 -0.54 -21.45
CA ARG C 347 -41.48 -1.86 -22.04
C ARG C 347 -42.19 -1.97 -23.38
N ALA C 348 -43.46 -1.57 -23.42
CA ALA C 348 -44.19 -1.63 -24.69
C ALA C 348 -43.49 -0.80 -25.75
N LEU C 349 -43.14 0.45 -25.41
CA LEU C 349 -42.46 1.30 -26.37
C LEU C 349 -41.13 0.69 -26.79
N GLN C 350 -40.51 -0.09 -25.91
CA GLN C 350 -39.26 -0.74 -26.25
C GLN C 350 -39.49 -1.96 -27.12
N GLN C 351 -40.62 -2.64 -26.94
CA GLN C 351 -40.84 -3.92 -27.61
C GLN C 351 -41.17 -3.74 -29.08
N VAL C 352 -41.78 -2.61 -29.46
CA VAL C 352 -42.30 -2.47 -30.80
C VAL C 352 -41.20 -2.68 -31.83
N ARG C 353 -41.60 -3.11 -33.02
CA ARG C 353 -40.64 -3.37 -34.08
C ARG C 353 -41.39 -3.39 -35.41
N PHE C 354 -40.83 -2.72 -36.41
CA PHE C 354 -41.46 -2.65 -37.72
C PHE C 354 -40.49 -2.01 -38.70
N GLU C 355 -40.75 -2.25 -39.98
CA GLU C 355 -39.96 -1.66 -41.06
C GLU C 355 -40.49 -0.26 -41.32
N GLY C 356 -39.85 0.74 -40.73
CA GLY C 356 -40.23 2.12 -40.94
C GLY C 356 -39.49 2.73 -42.10
N LEU C 357 -39.74 4.03 -42.29
CA LEU C 357 -39.23 4.73 -43.46
C LEU C 357 -37.71 4.71 -43.49
N THR C 358 -37.08 5.12 -42.39
CA THR C 358 -35.62 5.22 -42.36
C THR C 358 -34.99 3.85 -42.47
N GLY C 359 -35.46 2.90 -41.67
CA GLY C 359 -34.94 1.55 -41.69
C GLY C 359 -35.83 0.66 -40.86
N ASN C 360 -35.27 -0.44 -40.39
CA ASN C 360 -36.02 -1.26 -39.44
C ASN C 360 -35.85 -0.70 -38.04
N VAL C 361 -36.97 -0.43 -37.37
CA VAL C 361 -36.94 0.22 -36.07
C VAL C 361 -36.88 -0.85 -34.99
N GLN C 362 -35.91 -0.72 -34.09
CA GLN C 362 -35.75 -1.62 -32.97
C GLN C 362 -35.14 -0.83 -31.83
N PHE C 363 -35.12 -1.45 -30.64
CA PHE C 363 -34.59 -0.79 -29.47
C PHE C 363 -33.85 -1.77 -28.57
N ASN C 364 -32.67 -1.35 -28.12
CA ASN C 364 -31.87 -2.09 -27.17
C ASN C 364 -32.47 -1.97 -25.77
N GLU C 365 -31.85 -2.68 -24.83
CA GLU C 365 -32.25 -2.55 -23.43
C GLU C 365 -31.98 -1.14 -22.91
N LYS C 366 -30.85 -0.56 -23.29
CA LYS C 366 -30.51 0.78 -22.82
C LYS C 366 -31.48 1.82 -23.37
N GLY C 367 -32.19 1.49 -24.45
CA GLY C 367 -33.11 2.41 -25.06
C GLY C 367 -32.52 3.18 -26.22
N ARG C 368 -31.95 2.44 -27.17
CA ARG C 368 -31.25 3.05 -28.30
C ARG C 368 -31.45 2.18 -29.53
N ARG C 369 -31.43 2.80 -30.70
CA ARG C 369 -31.64 2.06 -31.93
C ARG C 369 -30.62 0.93 -32.04
N THR C 370 -31.09 -0.24 -32.43
CA THR C 370 -30.26 -1.42 -32.56
C THR C 370 -30.58 -2.13 -33.86
N ASN C 371 -29.59 -2.86 -34.37
CA ASN C 371 -29.76 -3.70 -35.54
C ASN C 371 -30.34 -2.92 -36.71
N TYR C 372 -29.56 -1.95 -37.17
CA TYR C 372 -29.94 -1.07 -38.26
C TYR C 372 -28.89 -1.12 -39.35
N THR C 373 -29.11 -0.36 -40.42
CA THR C 373 -28.20 -0.30 -41.54
C THR C 373 -27.95 1.14 -41.93
N LEU C 374 -26.70 1.43 -42.29
CA LEU C 374 -26.30 2.71 -42.83
C LEU C 374 -25.73 2.50 -44.21
N HIS C 375 -25.87 3.51 -45.07
CA HIS C 375 -25.37 3.45 -46.44
C HIS C 375 -24.18 4.39 -46.56
N VAL C 376 -23.01 3.84 -46.85
CA VAL C 376 -21.83 4.65 -47.13
C VAL C 376 -21.97 5.18 -48.55
N ILE C 377 -21.67 6.46 -48.74
CA ILE C 377 -21.92 7.12 -50.01
C ILE C 377 -20.80 8.12 -50.29
N GLU C 378 -20.05 7.90 -51.35
CA GLU C 378 -19.04 8.83 -51.82
C GLU C 378 -19.64 9.66 -52.93
N MET C 379 -19.35 10.96 -52.94
CA MET C 379 -19.78 11.86 -54.00
C MET C 379 -18.55 12.21 -54.84
N LYS C 380 -18.51 11.69 -56.06
CA LYS C 380 -17.47 12.05 -57.01
C LYS C 380 -17.88 13.33 -57.74
N HIS C 381 -17.03 13.80 -58.64
CA HIS C 381 -17.36 15.00 -59.40
C HIS C 381 -18.72 14.86 -60.05
N ASP C 382 -18.94 13.74 -60.76
CA ASP C 382 -20.27 13.35 -61.24
C ASP C 382 -20.44 11.87 -60.86
N GLY C 383 -20.86 11.64 -59.61
CA GLY C 383 -21.08 10.29 -59.14
C GLY C 383 -21.60 10.23 -57.72
N ILE C 384 -22.66 9.46 -57.52
CA ILE C 384 -23.21 9.18 -56.20
C ILE C 384 -23.18 7.67 -56.04
N ARG C 385 -22.09 7.16 -55.48
CA ARG C 385 -21.80 5.73 -55.47
C ARG C 385 -22.03 5.18 -54.08
N LYS C 386 -22.87 4.15 -53.99
CA LYS C 386 -23.09 3.45 -52.72
C LYS C 386 -22.00 2.39 -52.59
N ILE C 387 -20.90 2.79 -51.94
CA ILE C 387 -19.77 1.88 -51.76
C ILE C 387 -20.20 0.62 -51.02
N GLY C 388 -20.92 0.80 -49.92
CA GLY C 388 -21.36 -0.34 -49.14
C GLY C 388 -22.32 0.09 -48.05
N TYR C 389 -22.56 -0.82 -47.12
CA TYR C 389 -23.43 -0.52 -46.00
C TYR C 389 -22.83 -1.04 -44.70
N TRP C 390 -23.04 -0.27 -43.63
CA TRP C 390 -22.62 -0.64 -42.29
C TRP C 390 -23.78 -1.27 -41.54
N ASN C 391 -23.46 -2.29 -40.75
CA ASN C 391 -24.44 -3.01 -39.95
C ASN C 391 -23.84 -3.25 -38.57
N GLU C 392 -24.73 -3.49 -37.60
CA GLU C 392 -24.28 -3.74 -36.24
C GLU C 392 -23.50 -5.05 -36.14
N ASP C 393 -23.99 -6.10 -36.80
CA ASP C 393 -23.30 -7.40 -36.75
C ASP C 393 -22.06 -7.39 -37.63
N ASP C 394 -22.16 -6.77 -38.81
CA ASP C 394 -21.04 -6.70 -39.73
C ASP C 394 -20.18 -5.48 -39.43
N LYS C 395 -19.11 -5.30 -40.22
CA LYS C 395 -18.24 -4.14 -40.10
C LYS C 395 -17.95 -3.64 -41.51
N PHE C 396 -18.83 -2.77 -42.00
CA PHE C 396 -18.65 -2.11 -43.30
C PHE C 396 -18.41 -3.15 -44.39
N VAL C 397 -19.39 -4.04 -44.55
CA VAL C 397 -19.34 -5.03 -45.61
C VAL C 397 -19.60 -4.30 -46.92
N PRO C 398 -18.69 -4.37 -47.89
CA PRO C 398 -18.88 -3.61 -49.12
C PRO C 398 -19.97 -4.21 -50.00
N ALA C 399 -20.40 -3.42 -50.97
CA ALA C 399 -21.45 -3.83 -51.90
C ALA C 399 -21.56 -2.84 -53.06
N ASN D 25 -8.91 -45.22 24.41
CA ASN D 25 -7.87 -45.12 25.43
C ASN D 25 -7.22 -43.74 25.39
N SER D 26 -7.60 -42.90 26.35
CA SER D 26 -7.04 -41.55 26.41
C SER D 26 -5.59 -41.60 26.88
N ILE D 27 -4.75 -40.81 26.23
CA ILE D 27 -3.36 -40.66 26.60
C ILE D 27 -3.12 -39.18 26.88
N GLN D 28 -2.57 -38.88 28.06
CA GLN D 28 -2.40 -37.49 28.47
C GLN D 28 -1.36 -36.81 27.58
N ILE D 29 -1.66 -35.57 27.18
CA ILE D 29 -0.83 -34.81 26.26
C ILE D 29 -0.73 -33.38 26.77
N GLY D 30 0.39 -32.76 26.47
CA GLY D 30 0.62 -31.38 26.84
C GLY D 30 0.83 -30.50 25.63
N GLY D 31 0.45 -29.24 25.73
CA GLY D 31 0.54 -28.33 24.62
C GLY D 31 0.97 -26.95 25.05
N LEU D 32 1.95 -26.39 24.34
CA LEU D 32 2.42 -25.04 24.54
C LEU D 32 2.20 -24.25 23.27
N PHE D 33 1.71 -23.03 23.40
CA PHE D 33 1.43 -22.22 22.23
C PHE D 33 1.85 -20.78 22.47
N PRO D 34 2.64 -20.18 21.58
CA PRO D 34 3.12 -18.82 21.82
C PRO D 34 1.98 -17.84 21.84
N ARG D 35 2.10 -16.85 22.72
CA ARG D 35 1.14 -15.77 22.78
C ARG D 35 1.01 -15.11 21.42
N GLY D 36 -0.21 -15.07 20.90
CA GLY D 36 -0.44 -14.45 19.62
C GLY D 36 -0.26 -15.39 18.44
N ALA D 37 -0.65 -16.66 18.59
CA ALA D 37 -0.62 -17.64 17.51
C ALA D 37 -1.98 -18.31 17.51
N ASP D 38 -2.91 -17.77 16.73
CA ASP D 38 -4.29 -18.24 16.75
C ASP D 38 -4.52 -19.37 15.76
N GLN D 39 -3.95 -19.26 14.56
CA GLN D 39 -4.18 -20.27 13.54
C GLN D 39 -3.70 -21.64 13.98
N GLU D 40 -2.58 -21.70 14.69
CA GLU D 40 -1.96 -22.97 15.00
C GLU D 40 -2.80 -23.78 15.97
N TYR D 41 -3.33 -23.14 17.00
CA TYR D 41 -4.23 -23.84 17.92
C TYR D 41 -5.49 -24.30 17.21
N SER D 42 -5.98 -23.51 16.26
CA SER D 42 -7.15 -23.92 15.49
C SER D 42 -6.86 -25.17 14.68
N ALA D 43 -5.68 -25.22 14.04
CA ALA D 43 -5.30 -26.42 13.32
C ALA D 43 -5.13 -27.60 14.26
N PHE D 44 -4.66 -27.33 15.47
CA PHE D 44 -4.58 -28.37 16.49
C PHE D 44 -5.95 -28.97 16.77
N ARG D 45 -6.94 -28.11 16.97
CA ARG D 45 -8.29 -28.58 17.26
C ARG D 45 -8.88 -29.33 16.06
N VAL D 46 -8.63 -28.82 14.85
CA VAL D 46 -9.12 -29.50 13.66
C VAL D 46 -8.49 -30.88 13.53
N GLY D 47 -7.20 -30.98 13.80
CA GLY D 47 -6.55 -32.27 13.76
C GLY D 47 -7.09 -33.20 14.81
N MET D 48 -7.42 -32.67 15.98
CA MET D 48 -8.05 -33.49 17.00
C MET D 48 -9.34 -34.10 16.49
N VAL D 49 -10.23 -33.27 15.95
CA VAL D 49 -11.50 -33.81 15.48
C VAL D 49 -11.28 -34.80 14.34
N GLN D 50 -10.32 -34.51 13.46
CA GLN D 50 -10.11 -35.37 12.29
C GLN D 50 -9.57 -36.74 12.69
N PHE D 51 -8.58 -36.78 13.57
CA PHE D 51 -7.89 -38.02 13.93
C PHE D 51 -8.44 -38.64 15.21
N SER D 52 -9.36 -37.97 15.90
CA SER D 52 -9.98 -38.58 17.06
C SER D 52 -10.83 -39.78 16.66
N THR D 53 -10.87 -40.77 17.54
CA THR D 53 -11.64 -41.98 17.30
C THR D 53 -12.27 -42.45 18.61
N SER D 54 -13.25 -43.34 18.49
CA SER D 54 -13.86 -43.92 19.68
C SER D 54 -12.85 -44.72 20.48
N GLU D 55 -12.02 -45.51 19.79
CA GLU D 55 -11.08 -46.39 20.47
C GLU D 55 -9.83 -45.68 20.95
N PHE D 56 -9.45 -44.56 20.32
CA PHE D 56 -8.29 -43.80 20.74
C PHE D 56 -8.58 -42.31 20.65
N ARG D 57 -7.87 -41.54 21.47
CA ARG D 57 -8.03 -40.10 21.51
C ARG D 57 -6.81 -39.49 22.20
N LEU D 58 -6.86 -38.18 22.41
CA LEU D 58 -5.83 -37.46 23.12
C LEU D 58 -6.49 -36.45 24.04
N THR D 59 -5.90 -36.28 25.23
CA THR D 59 -6.38 -35.32 26.23
C THR D 59 -5.31 -34.26 26.38
N PRO D 60 -5.44 -33.14 25.68
CA PRO D 60 -4.42 -32.07 25.75
C PRO D 60 -4.67 -31.06 26.83
N HIS D 61 -3.63 -30.74 27.60
CA HIS D 61 -3.64 -29.63 28.54
C HIS D 61 -2.82 -28.50 27.95
N ILE D 62 -3.43 -27.35 27.76
CA ILE D 62 -2.86 -26.26 26.98
C ILE D 62 -2.31 -25.19 27.91
N ASP D 63 -1.23 -24.56 27.47
CA ASP D 63 -0.67 -23.39 28.11
C ASP D 63 -0.23 -22.40 27.04
N ASN D 64 -0.50 -21.13 27.30
CA ASN D 64 -0.13 -20.05 26.41
C ASN D 64 0.79 -19.10 27.17
N LEU D 65 1.88 -18.70 26.53
CA LEU D 65 2.92 -17.97 27.22
C LEU D 65 3.82 -17.32 26.19
N GLU D 66 4.82 -16.59 26.69
CA GLU D 66 5.85 -15.98 25.85
C GLU D 66 7.03 -16.93 25.82
N VAL D 67 7.17 -17.67 24.72
CA VAL D 67 8.18 -18.71 24.61
C VAL D 67 9.60 -18.18 24.67
N ALA D 68 9.79 -16.88 24.55
CA ALA D 68 11.11 -16.28 24.68
C ALA D 68 11.45 -15.93 26.12
N ASN D 69 10.60 -16.28 27.07
CA ASN D 69 10.87 -16.13 28.49
C ASN D 69 11.13 -17.53 29.03
N SER D 70 12.40 -17.87 29.19
CA SER D 70 12.77 -19.20 29.66
C SER D 70 12.16 -19.52 31.01
N PHE D 71 11.89 -18.49 31.83
CA PHE D 71 11.24 -18.71 33.11
C PHE D 71 9.84 -19.27 32.92
N ALA D 72 9.06 -18.65 32.03
CA ALA D 72 7.71 -19.12 31.77
C ALA D 72 7.72 -20.51 31.17
N VAL D 73 8.65 -20.76 30.25
CA VAL D 73 8.75 -22.10 29.67
C VAL D 73 9.07 -23.11 30.74
N THR D 74 9.99 -22.79 31.64
CA THR D 74 10.34 -23.71 32.71
C THR D 74 9.14 -23.99 33.59
N ASN D 75 8.40 -22.94 33.97
CA ASN D 75 7.23 -23.10 34.81
C ASN D 75 6.19 -23.99 34.15
N ALA D 76 5.89 -23.72 32.88
CA ALA D 76 4.89 -24.49 32.17
C ALA D 76 5.32 -25.94 32.00
N PHE D 77 6.57 -26.15 31.60
CA PHE D 77 7.10 -27.49 31.42
C PHE D 77 7.06 -28.28 32.72
N CYS D 78 7.46 -27.67 33.83
CA CYS D 78 7.43 -28.34 35.12
C CYS D 78 6.00 -28.63 35.58
N SER D 79 5.09 -27.68 35.40
CA SER D 79 3.69 -27.93 35.76
C SER D 79 3.13 -29.11 34.98
N GLN D 80 3.34 -29.12 33.67
CA GLN D 80 2.84 -30.21 32.85
C GLN D 80 3.50 -31.53 33.24
N PHE D 81 4.80 -31.50 33.51
CA PHE D 81 5.48 -32.70 33.96
C PHE D 81 4.87 -33.23 35.25
N SER D 82 4.55 -32.33 36.18
CA SER D 82 3.86 -32.73 37.39
C SER D 82 2.48 -33.32 37.07
N ARG D 83 1.83 -32.82 36.03
CA ARG D 83 0.54 -33.35 35.58
C ARG D 83 0.67 -34.67 34.83
N GLY D 84 1.85 -35.29 34.83
CA GLY D 84 2.02 -36.61 34.23
C GLY D 84 1.78 -36.67 32.74
N VAL D 85 2.37 -35.73 31.99
CA VAL D 85 2.21 -35.72 30.54
C VAL D 85 3.29 -36.61 29.92
N TYR D 86 2.88 -37.48 28.99
CA TYR D 86 3.83 -38.39 28.36
C TYR D 86 4.64 -37.69 27.27
N ALA D 87 4.01 -36.78 26.54
CA ALA D 87 4.69 -36.00 25.53
C ALA D 87 4.15 -34.59 25.52
N ILE D 88 4.96 -33.65 25.05
CA ILE D 88 4.64 -32.23 25.09
C ILE D 88 4.85 -31.66 23.71
N PHE D 89 3.76 -31.24 23.06
CA PHE D 89 3.85 -30.45 21.86
C PHE D 89 4.06 -28.99 22.23
N GLY D 90 4.76 -28.26 21.38
CA GLY D 90 4.99 -26.87 21.66
C GLY D 90 5.94 -26.23 20.69
N PHE D 91 6.12 -24.93 20.90
CA PHE D 91 7.05 -24.11 20.14
C PHE D 91 8.18 -23.67 21.04
N TYR D 92 9.24 -23.18 20.41
CA TYR D 92 10.36 -22.61 21.13
C TYR D 92 11.07 -21.62 20.25
N ASP D 93 11.78 -20.69 20.89
CA ASP D 93 12.54 -19.65 20.25
C ASP D 93 14.02 -19.80 20.61
N LYS D 94 14.85 -18.96 20.01
CA LYS D 94 16.28 -19.05 20.20
C LYS D 94 16.69 -18.90 21.64
N LYS D 95 15.86 -18.24 22.46
CA LYS D 95 16.17 -18.02 23.87
C LYS D 95 15.55 -19.07 24.77
N SER D 96 14.96 -20.12 24.21
CA SER D 96 14.36 -21.18 24.99
C SER D 96 14.69 -22.56 24.48
N VAL D 97 15.55 -22.67 23.47
CA VAL D 97 15.89 -23.99 22.95
C VAL D 97 16.59 -24.79 24.02
N ASN D 98 17.62 -24.21 24.61
CA ASN D 98 18.52 -24.95 25.46
C ASN D 98 17.81 -25.45 26.70
N THR D 99 16.99 -24.59 27.30
CA THR D 99 16.18 -24.98 28.45
C THR D 99 15.36 -26.22 28.12
N ILE D 100 14.63 -26.16 27.01
CA ILE D 100 13.70 -27.23 26.67
C ILE D 100 14.45 -28.52 26.38
N THR D 101 15.49 -28.44 25.55
CA THR D 101 16.22 -29.64 25.18
C THR D 101 16.89 -30.28 26.38
N SER D 102 17.47 -29.46 27.26
CA SER D 102 18.07 -30.00 28.47
C SER D 102 17.03 -30.70 29.33
N PHE D 103 15.87 -30.08 29.50
CA PHE D 103 14.83 -30.71 30.31
C PHE D 103 14.37 -32.03 29.72
N CYS D 104 14.20 -32.06 28.39
CA CYS D 104 13.79 -33.31 27.75
C CYS D 104 14.85 -34.39 27.91
N GLY D 105 16.12 -34.03 27.72
CA GLY D 105 17.17 -35.03 27.86
C GLY D 105 17.27 -35.57 29.27
N THR D 106 17.11 -34.69 30.26
CA THR D 106 17.25 -35.12 31.65
C THR D 106 16.07 -35.98 32.08
N LEU D 107 14.85 -35.55 31.76
CA LEU D 107 13.64 -36.22 32.19
C LEU D 107 13.13 -37.25 31.20
N HIS D 108 13.82 -37.44 30.08
CA HIS D 108 13.40 -38.39 29.07
C HIS D 108 11.95 -38.15 28.65
N VAL D 109 11.57 -36.88 28.57
CA VAL D 109 10.26 -36.46 28.10
C VAL D 109 10.40 -35.97 26.68
N SER D 110 9.50 -36.41 25.81
CA SER D 110 9.57 -36.05 24.41
C SER D 110 9.09 -34.61 24.20
N PHE D 111 9.39 -34.09 23.01
CA PHE D 111 8.97 -32.75 22.62
C PHE D 111 8.82 -32.72 21.11
N ILE D 112 7.67 -32.26 20.65
CA ILE D 112 7.33 -32.24 19.23
C ILE D 112 7.10 -30.79 18.84
N THR D 113 7.86 -30.32 17.84
CA THR D 113 7.83 -28.93 17.47
C THR D 113 7.76 -28.75 15.97
N PRO D 114 7.03 -27.74 15.50
CA PRO D 114 7.23 -27.22 14.15
C PRO D 114 8.21 -26.08 14.05
N SER D 115 8.83 -25.70 15.16
CA SER D 115 9.77 -24.59 15.17
C SER D 115 11.10 -25.02 14.58
N PHE D 116 12.06 -24.11 14.60
CA PHE D 116 13.26 -24.31 13.82
C PHE D 116 14.04 -25.52 14.35
N PRO D 117 14.60 -26.33 13.48
CA PRO D 117 15.35 -27.49 13.94
C PRO D 117 16.63 -27.10 14.65
N THR D 118 16.96 -27.89 15.66
CA THR D 118 18.13 -27.62 16.48
C THR D 118 19.41 -27.76 15.68
N ASP D 119 20.38 -26.91 15.99
CA ASP D 119 21.72 -27.03 15.41
C ASP D 119 22.51 -28.02 16.26
N GLY D 120 22.11 -29.29 16.16
CA GLY D 120 22.70 -30.32 16.96
C GLY D 120 22.01 -31.65 16.75
N THR D 121 22.19 -32.54 17.72
CA THR D 121 21.59 -33.87 17.70
C THR D 121 20.92 -34.15 19.03
N HIS D 122 20.21 -33.14 19.53
CA HIS D 122 19.61 -33.25 20.84
C HIS D 122 18.56 -34.36 20.84
N PRO D 123 18.53 -35.18 21.88
CA PRO D 123 17.60 -36.32 21.92
C PRO D 123 16.27 -35.94 22.56
N PHE D 124 15.31 -36.84 22.37
CA PHE D 124 13.96 -36.68 22.91
C PHE D 124 13.33 -35.38 22.42
N VAL D 125 13.60 -35.03 21.17
CA VAL D 125 13.04 -33.85 20.54
C VAL D 125 12.76 -34.19 19.09
N ILE D 126 11.50 -34.32 18.75
CA ILE D 126 11.08 -34.57 17.38
C ILE D 126 10.81 -33.24 16.70
N GLN D 127 11.34 -33.10 15.48
CA GLN D 127 11.28 -31.85 14.74
C GLN D 127 10.47 -32.07 13.49
N MET D 128 9.38 -31.33 13.36
CA MET D 128 8.50 -31.46 12.22
C MET D 128 8.87 -30.53 11.08
N ARG D 129 9.80 -29.60 11.29
CA ARG D 129 10.17 -28.64 10.27
C ARG D 129 11.38 -29.13 9.50
N PRO D 130 11.30 -29.26 8.18
CA PRO D 130 12.48 -29.64 7.41
C PRO D 130 13.53 -28.54 7.38
N ASP D 131 14.77 -28.97 7.21
CA ASP D 131 15.86 -28.04 7.01
C ASP D 131 15.69 -27.33 5.67
N LEU D 132 16.47 -26.27 5.49
CA LEU D 132 16.35 -25.41 4.33
C LEU D 132 17.66 -25.11 3.64
N LYS D 133 18.81 -25.32 4.29
CA LYS D 133 20.08 -24.89 3.72
C LYS D 133 20.34 -25.57 2.38
N GLY D 134 20.01 -26.85 2.27
CA GLY D 134 20.27 -27.56 1.03
C GLY D 134 19.56 -26.94 -0.14
N ALA D 135 18.26 -26.68 0.01
CA ALA D 135 17.49 -26.11 -1.08
C ALA D 135 17.96 -24.70 -1.40
N LEU D 136 18.27 -23.92 -0.36
CA LEU D 136 18.73 -22.57 -0.58
C LEU D 136 20.03 -22.54 -1.39
N LEU D 137 20.98 -23.38 -1.01
CA LEU D 137 22.27 -23.39 -1.68
C LEU D 137 22.21 -24.03 -3.05
N SER D 138 21.26 -24.93 -3.29
CA SER D 138 21.05 -25.42 -4.63
C SER D 138 20.43 -24.34 -5.52
N LEU D 139 19.43 -23.62 -5.00
CA LEU D 139 18.78 -22.59 -5.78
C LEU D 139 19.75 -21.47 -6.13
N ILE D 140 20.58 -21.05 -5.18
CA ILE D 140 21.57 -20.03 -5.48
C ILE D 140 22.54 -20.49 -6.55
N GLU D 141 22.59 -21.79 -6.83
CA GLU D 141 23.44 -22.31 -7.88
C GLU D 141 22.71 -22.56 -9.18
N TYR D 142 21.39 -22.72 -9.13
CA TYR D 142 20.57 -22.78 -10.33
C TYR D 142 20.44 -21.42 -10.99
N TYR D 143 20.95 -20.37 -10.36
CA TYR D 143 20.88 -19.02 -10.89
C TYR D 143 22.26 -18.40 -11.08
N GLN D 144 23.32 -19.11 -10.71
CA GLN D 144 24.70 -18.65 -10.93
C GLN D 144 24.92 -17.29 -10.27
N TRP D 145 24.80 -17.30 -8.95
CA TRP D 145 24.93 -16.10 -8.15
C TRP D 145 26.34 -16.01 -7.58
N ASP D 146 26.89 -14.84 -7.61
CA ASP D 146 28.23 -14.60 -7.08
C ASP D 146 28.29 -13.44 -6.10
N LYS D 147 27.47 -12.41 -6.31
CA LYS D 147 27.46 -11.21 -5.47
C LYS D 147 26.01 -10.96 -5.08
N PHE D 148 25.65 -11.34 -3.87
CA PHE D 148 24.30 -11.16 -3.37
C PHE D 148 24.31 -10.76 -1.92
N ALA D 149 23.34 -9.96 -1.52
CA ALA D 149 23.15 -9.63 -0.13
C ALA D 149 22.39 -10.74 0.58
N TYR D 150 22.46 -10.73 1.90
CA TYR D 150 21.80 -11.71 2.73
C TYR D 150 21.25 -11.00 3.96
N LEU D 151 20.00 -10.55 3.85
CA LEU D 151 19.32 -9.98 5.00
C LEU D 151 18.79 -11.10 5.87
N TYR D 152 19.13 -11.06 7.16
CA TYR D 152 18.77 -12.14 8.06
C TYR D 152 18.23 -11.58 9.36
N ASP D 153 17.33 -12.33 9.96
CA ASP D 153 16.79 -11.99 11.27
C ASP D 153 17.51 -12.79 12.34
N SER D 154 17.69 -12.16 13.50
CA SER D 154 18.38 -12.82 14.62
C SER D 154 17.39 -13.72 15.35
N ASP D 155 16.94 -14.74 14.62
CA ASP D 155 16.04 -15.74 15.17
C ASP D 155 16.32 -17.05 14.44
N ARG D 156 15.75 -18.13 14.95
CA ARG D 156 15.99 -19.46 14.42
C ARG D 156 17.49 -19.72 14.25
N GLY D 157 18.30 -19.05 15.05
CA GLY D 157 19.73 -19.21 14.98
C GLY D 157 20.33 -18.56 13.76
N LEU D 158 21.62 -18.82 13.58
CA LEU D 158 22.37 -18.34 12.43
C LEU D 158 22.97 -19.50 11.65
N SER D 159 22.34 -20.68 11.75
CA SER D 159 22.88 -21.86 11.11
C SER D 159 22.98 -21.67 9.59
N THR D 160 21.91 -21.16 8.99
CA THR D 160 21.90 -20.99 7.54
C THR D 160 22.84 -19.87 7.11
N LEU D 161 23.00 -18.85 7.94
CA LEU D 161 23.99 -17.82 7.67
C LEU D 161 25.38 -18.41 7.61
N GLN D 162 25.73 -19.24 8.59
CA GLN D 162 27.04 -19.86 8.60
C GLN D 162 27.22 -20.76 7.40
N ALA D 163 26.19 -21.52 7.04
CA ALA D 163 26.28 -22.39 5.88
C ALA D 163 26.57 -21.58 4.63
N VAL D 164 25.86 -20.46 4.46
CA VAL D 164 26.05 -19.61 3.29
C VAL D 164 27.46 -19.04 3.27
N LEU D 165 27.95 -18.59 4.41
CA LEU D 165 29.30 -18.02 4.46
C LEU D 165 30.35 -19.08 4.13
N ASP D 166 30.19 -20.28 4.66
CA ASP D 166 31.14 -21.35 4.38
C ASP D 166 31.16 -21.69 2.89
N SER D 167 29.98 -21.85 2.30
CA SER D 167 29.95 -22.13 0.87
C SER D 167 30.46 -20.95 0.06
N ALA D 168 30.41 -19.74 0.63
CA ALA D 168 31.03 -18.61 -0.03
C ALA D 168 32.54 -18.75 -0.05
N ALA D 169 33.11 -19.10 1.10
CA ALA D 169 34.55 -19.33 1.17
C ALA D 169 34.97 -20.38 0.15
N GLU D 170 34.22 -21.47 0.05
CA GLU D 170 34.55 -22.49 -0.94
C GLU D 170 34.43 -21.96 -2.37
N LYS D 171 33.35 -21.25 -2.67
CA LYS D 171 33.02 -20.87 -4.04
C LYS D 171 33.34 -19.42 -4.36
N LYS D 172 34.02 -18.71 -3.47
CA LYS D 172 34.48 -17.35 -3.74
C LYS D 172 33.30 -16.41 -4.01
N TRP D 173 32.23 -16.57 -3.26
CA TRP D 173 31.09 -15.68 -3.36
C TRP D 173 31.38 -14.36 -2.67
N GLN D 174 30.52 -13.39 -2.92
CA GLN D 174 30.59 -12.06 -2.32
C GLN D 174 29.27 -11.80 -1.61
N VAL D 175 29.24 -12.04 -0.32
CA VAL D 175 28.02 -11.95 0.48
C VAL D 175 28.09 -10.74 1.39
N THR D 176 27.03 -9.94 1.34
CA THR D 176 26.84 -8.80 2.23
C THR D 176 25.72 -9.18 3.18
N ALA D 177 26.08 -9.53 4.41
CA ALA D 177 25.14 -10.03 5.38
C ALA D 177 24.75 -8.90 6.33
N ILE D 178 23.45 -8.69 6.47
CA ILE D 178 22.92 -7.56 7.23
C ILE D 178 21.83 -8.06 8.14
N ASN D 179 21.80 -7.54 9.37
CA ASN D 179 20.80 -7.91 10.35
C ASN D 179 19.73 -6.84 10.41
N VAL D 180 18.49 -7.29 10.52
CA VAL D 180 17.35 -6.39 10.50
C VAL D 180 16.42 -6.73 11.66
N GLY D 181 16.87 -7.64 12.52
CA GLY D 181 16.07 -8.10 13.64
C GLY D 181 16.13 -7.25 14.87
N ASN D 182 17.00 -6.25 14.89
CA ASN D 182 17.14 -5.35 16.01
C ASN D 182 16.70 -3.93 15.65
N ILE D 183 15.65 -3.83 14.84
CA ILE D 183 15.17 -2.56 14.32
C ILE D 183 13.88 -2.20 15.06
N ASN D 184 13.85 -1.00 15.64
CA ASN D 184 12.67 -0.54 16.35
C ASN D 184 11.53 -0.25 15.37
N ASN D 185 10.33 -0.69 15.74
CA ASN D 185 9.18 -0.47 14.88
C ASN D 185 8.91 1.02 14.69
N ASP D 186 9.12 1.82 15.74
CA ASP D 186 8.85 3.24 15.65
C ASP D 186 9.73 3.93 14.61
N LYS D 187 11.01 3.55 14.55
CA LYS D 187 11.97 4.16 13.64
C LYS D 187 12.31 3.26 12.46
N LYS D 188 11.41 2.33 12.12
CA LYS D 188 11.72 1.34 11.07
C LYS D 188 11.93 2.00 9.73
N ASP D 189 11.20 3.07 9.43
CA ASP D 189 11.20 3.61 8.07
C ASP D 189 12.56 4.16 7.70
N GLU D 190 13.21 4.90 8.60
CA GLU D 190 14.47 5.55 8.28
C GLU D 190 15.56 4.54 7.99
N THR D 191 15.64 3.47 8.79
CA THR D 191 16.76 2.55 8.68
C THR D 191 16.74 1.77 7.38
N TYR D 192 15.56 1.27 6.99
CA TYR D 192 15.48 0.41 5.81
C TYR D 192 15.93 1.15 4.55
N ARG D 193 15.51 2.41 4.42
CA ARG D 193 15.88 3.20 3.25
C ARG D 193 17.39 3.40 3.19
N SER D 194 18.01 3.71 4.32
CA SER D 194 19.46 3.86 4.35
C SER D 194 20.15 2.55 4.03
N LEU D 195 19.60 1.45 4.52
CA LEU D 195 20.13 0.12 4.20
C LEU D 195 20.17 -0.10 2.70
N PHE D 196 19.05 0.15 2.03
CA PHE D 196 19.03 -0.06 0.59
C PHE D 196 19.86 0.97 -0.15
N GLN D 197 19.99 2.18 0.40
CA GLN D 197 20.90 3.16 -0.18
C GLN D 197 22.33 2.66 -0.15
N ASP D 198 22.72 2.06 0.98
CA ASP D 198 24.04 1.43 1.06
C ASP D 198 24.17 0.33 0.02
N LEU D 199 23.19 -0.56 -0.06
CA LEU D 199 23.28 -1.66 -1.02
C LEU D 199 23.39 -1.15 -2.45
N GLU D 200 22.80 0.00 -2.75
CA GLU D 200 22.80 0.47 -4.13
C GLU D 200 24.20 0.81 -4.60
N LEU D 201 25.03 1.35 -3.72
CA LEU D 201 26.39 1.73 -4.10
C LEU D 201 27.16 0.54 -4.65
N LYS D 202 26.78 -0.66 -4.24
CA LYS D 202 27.41 -1.89 -4.70
C LYS D 202 26.66 -2.55 -5.85
N LYS D 203 25.59 -1.93 -6.33
CA LYS D 203 24.74 -2.52 -7.35
C LYS D 203 24.26 -3.90 -6.91
N GLU D 204 23.69 -3.96 -5.71
CA GLU D 204 23.15 -5.21 -5.18
C GLU D 204 21.75 -5.39 -5.72
N ARG D 205 21.65 -6.09 -6.83
CA ARG D 205 20.37 -6.37 -7.47
C ARG D 205 19.78 -7.69 -7.02
N ARG D 206 20.46 -8.41 -6.12
CA ARG D 206 20.03 -9.72 -5.69
C ARG D 206 20.05 -9.76 -4.17
N VAL D 207 19.02 -10.38 -3.60
CA VAL D 207 18.80 -10.35 -2.16
C VAL D 207 18.12 -11.63 -1.72
N ILE D 208 18.44 -12.06 -0.51
CA ILE D 208 17.84 -13.21 0.13
C ILE D 208 17.20 -12.72 1.41
N LEU D 209 15.88 -12.82 1.48
CA LEU D 209 15.12 -12.34 2.63
C LEU D 209 14.87 -13.52 3.54
N ASP D 210 15.83 -13.80 4.40
CA ASP D 210 15.74 -14.92 5.34
C ASP D 210 15.09 -14.42 6.63
N CYS D 211 13.76 -14.38 6.62
CA CYS D 211 13.03 -13.86 7.76
C CYS D 211 11.65 -14.51 7.76
N GLU D 212 10.95 -14.35 8.87
CA GLU D 212 9.60 -14.86 8.98
C GLU D 212 8.63 -13.94 8.24
N ARG D 213 7.39 -14.41 8.13
CA ARG D 213 6.34 -13.75 7.36
C ARG D 213 6.27 -12.25 7.64
N ASP D 214 6.19 -11.90 8.92
CA ASP D 214 5.91 -10.52 9.30
C ASP D 214 6.99 -9.57 8.80
N LYS D 215 8.25 -9.92 9.03
CA LYS D 215 9.32 -9.01 8.61
C LYS D 215 9.49 -9.03 7.09
N VAL D 216 9.15 -10.14 6.45
CA VAL D 216 9.18 -10.16 4.99
C VAL D 216 8.18 -9.15 4.45
N ASN D 217 6.99 -9.11 5.04
CA ASN D 217 6.01 -8.11 4.63
C ASN D 217 6.53 -6.71 4.92
N ASP D 218 7.06 -6.48 6.12
CA ASP D 218 7.55 -5.16 6.48
C ASP D 218 8.70 -4.71 5.60
N ILE D 219 9.38 -5.64 4.92
CA ILE D 219 10.45 -5.26 4.01
C ILE D 219 9.93 -5.06 2.61
N VAL D 220 9.06 -5.95 2.15
CA VAL D 220 8.46 -5.83 0.84
C VAL D 220 7.66 -4.53 0.74
N ASP D 221 7.12 -4.06 1.84
CA ASP D 221 6.42 -2.79 1.86
C ASP D 221 7.36 -1.60 1.94
N GLN D 222 8.65 -1.83 1.82
CA GLN D 222 9.63 -0.76 1.73
C GLN D 222 10.56 -0.92 0.54
N VAL D 223 10.55 -2.07 -0.11
CA VAL D 223 11.12 -2.17 -1.45
C VAL D 223 10.24 -1.45 -2.44
N ILE D 224 8.93 -1.58 -2.26
CA ILE D 224 7.97 -0.97 -3.18
C ILE D 224 8.08 0.54 -3.13
N THR D 225 8.04 1.10 -1.93
CA THR D 225 8.09 2.54 -1.76
C THR D 225 9.25 3.16 -2.51
N ILE D 226 10.40 2.51 -2.52
CA ILE D 226 11.60 3.04 -3.16
C ILE D 226 11.78 2.47 -4.56
N GLY D 227 10.82 1.72 -5.06
CA GLY D 227 10.84 1.32 -6.45
C GLY D 227 11.97 0.38 -6.80
N LYS D 228 12.31 -0.52 -5.90
CA LYS D 228 13.32 -1.52 -6.16
C LYS D 228 12.72 -2.87 -6.53
N HIS D 229 11.41 -2.92 -6.75
CA HIS D 229 10.74 -4.08 -7.32
C HIS D 229 10.50 -3.82 -8.80
N VAL D 230 11.56 -3.99 -9.58
CA VAL D 230 11.50 -3.75 -11.03
C VAL D 230 12.33 -4.81 -11.73
N LYS D 231 12.41 -4.67 -13.06
CA LYS D 231 12.95 -5.74 -13.89
C LYS D 231 14.34 -6.18 -13.44
N GLY D 232 15.12 -5.23 -12.92
CA GLY D 232 16.51 -5.54 -12.64
C GLY D 232 16.72 -6.43 -11.43
N TYR D 233 15.79 -6.41 -10.49
CA TYR D 233 16.02 -7.01 -9.19
C TYR D 233 15.53 -8.45 -9.12
N HIS D 234 16.14 -9.21 -8.21
CA HIS D 234 15.74 -10.57 -7.90
C HIS D 234 15.70 -10.72 -6.39
N TYR D 235 14.69 -11.41 -5.90
CA TYR D 235 14.53 -11.66 -4.48
C TYR D 235 14.29 -13.14 -4.25
N ILE D 236 14.94 -13.67 -3.22
CA ILE D 236 14.75 -15.05 -2.79
C ILE D 236 14.27 -14.98 -1.36
N ILE D 237 13.09 -15.52 -1.11
CA ILE D 237 12.46 -15.48 0.19
C ILE D 237 12.74 -16.82 0.87
N ALA D 238 13.74 -16.83 1.74
CA ALA D 238 14.25 -18.05 2.35
C ALA D 238 13.34 -18.45 3.50
N ASN D 239 12.21 -19.04 3.12
CA ASN D 239 11.18 -19.42 4.07
C ASN D 239 10.42 -20.57 3.45
N LEU D 240 9.86 -21.42 4.29
CA LEU D 240 9.08 -22.56 3.80
C LEU D 240 7.65 -22.16 3.47
N GLY D 241 7.26 -20.94 3.78
CA GLY D 241 5.98 -20.43 3.36
C GLY D 241 6.16 -19.23 2.47
N PHE D 242 5.85 -19.41 1.19
CA PHE D 242 6.04 -18.40 0.17
C PHE D 242 4.76 -17.62 -0.07
N THR D 243 3.64 -18.34 -0.20
CA THR D 243 2.35 -17.69 -0.37
C THR D 243 1.89 -16.97 0.88
N ASP D 244 2.29 -17.47 2.05
CA ASP D 244 1.78 -16.99 3.33
C ASP D 244 1.76 -15.47 3.39
N GLY D 245 2.76 -14.84 2.81
CA GLY D 245 2.84 -13.39 2.83
C GLY D 245 1.87 -12.76 1.85
N ASP D 246 2.13 -11.52 1.47
CA ASP D 246 1.33 -10.81 0.48
C ASP D 246 2.22 -10.55 -0.72
N LEU D 247 2.07 -11.40 -1.74
CA LEU D 247 2.83 -11.28 -2.97
C LEU D 247 2.09 -10.51 -4.06
N LEU D 248 0.83 -10.16 -3.83
CA LEU D 248 0.10 -9.40 -4.83
C LEU D 248 0.68 -8.02 -5.05
N LYS D 249 1.55 -7.58 -4.16
CA LYS D 249 2.18 -6.28 -4.32
C LYS D 249 3.26 -6.28 -5.39
N ILE D 250 3.96 -7.41 -5.53
CA ILE D 250 5.14 -7.48 -6.38
C ILE D 250 4.96 -8.40 -7.57
N GLN D 251 3.78 -8.98 -7.76
CA GLN D 251 3.55 -9.78 -8.95
C GLN D 251 3.88 -8.99 -10.21
N PHE D 252 3.51 -7.72 -10.23
CA PHE D 252 3.46 -6.93 -11.45
C PHE D 252 4.59 -5.93 -11.60
N GLY D 253 5.41 -5.75 -10.57
CA GLY D 253 6.50 -4.81 -10.67
C GLY D 253 7.50 -5.17 -11.75
N GLY D 254 7.63 -6.45 -12.04
CA GLY D 254 8.57 -6.93 -13.04
C GLY D 254 9.77 -7.64 -12.48
N ALA D 255 9.88 -7.77 -11.16
CA ALA D 255 11.02 -8.36 -10.51
C ALA D 255 10.77 -9.83 -10.20
N ASN D 256 11.83 -10.62 -10.31
CA ASN D 256 11.71 -12.02 -9.95
C ASN D 256 11.45 -12.17 -8.46
N VAL D 257 10.79 -13.25 -8.10
CA VAL D 257 10.61 -13.61 -6.71
C VAL D 257 10.54 -15.12 -6.63
N SER D 258 11.47 -15.72 -5.89
CA SER D 258 11.59 -17.15 -5.76
C SER D 258 11.41 -17.54 -4.30
N GLY D 259 11.08 -18.79 -4.08
CA GLY D 259 10.80 -19.23 -2.73
C GLY D 259 10.50 -20.70 -2.69
N PHE D 260 10.14 -21.15 -1.49
CA PHE D 260 9.96 -22.56 -1.21
C PHE D 260 8.64 -22.77 -0.50
N GLN D 261 8.02 -23.92 -0.76
CA GLN D 261 6.76 -24.28 -0.14
C GLN D 261 6.74 -25.79 0.05
N ILE D 262 6.43 -26.22 1.27
CA ILE D 262 6.29 -27.64 1.54
C ILE D 262 4.86 -28.10 1.31
N VAL D 263 3.89 -27.22 1.56
CA VAL D 263 2.48 -27.56 1.43
C VAL D 263 2.09 -27.38 -0.03
N ASP D 264 1.99 -28.50 -0.76
CA ASP D 264 1.58 -28.47 -2.15
C ASP D 264 0.06 -28.44 -2.21
N TYR D 265 -0.49 -27.41 -2.87
CA TYR D 265 -1.93 -27.24 -2.94
C TYR D 265 -2.57 -28.05 -4.07
N ASP D 266 -1.76 -28.61 -4.97
CA ASP D 266 -2.26 -29.48 -6.02
C ASP D 266 -2.32 -30.94 -5.59
N ASP D 267 -2.41 -31.21 -4.29
CA ASP D 267 -2.47 -32.55 -3.75
C ASP D 267 -3.89 -32.89 -3.33
N SER D 268 -4.11 -34.17 -3.02
CA SER D 268 -5.44 -34.64 -2.66
C SER D 268 -5.77 -34.34 -1.20
N LEU D 269 -4.93 -34.83 -0.28
CA LEU D 269 -5.15 -34.57 1.13
C LEU D 269 -5.22 -33.07 1.40
N VAL D 270 -4.37 -32.30 0.73
CA VAL D 270 -4.37 -30.85 0.92
C VAL D 270 -5.70 -30.25 0.47
N SER D 271 -6.20 -30.69 -0.68
CA SER D 271 -7.45 -30.15 -1.19
C SER D 271 -8.61 -30.49 -0.28
N LYS D 272 -8.67 -31.73 0.20
CA LYS D 272 -9.73 -32.10 1.13
C LYS D 272 -9.64 -31.29 2.42
N PHE D 273 -8.42 -31.10 2.92
CA PHE D 273 -8.25 -30.31 4.12
C PHE D 273 -8.70 -28.88 3.90
N ILE D 274 -8.44 -28.33 2.71
CA ILE D 274 -8.91 -26.99 2.41
C ILE D 274 -10.42 -26.95 2.35
N GLU D 275 -11.04 -27.98 1.77
CA GLU D 275 -12.49 -28.05 1.79
C GLU D 275 -13.01 -27.97 3.21
N ARG D 276 -12.38 -28.68 4.14
CA ARG D 276 -12.78 -28.61 5.54
C ARG D 276 -12.34 -27.32 6.22
N TRP D 277 -11.39 -26.59 5.63
CA TRP D 277 -10.80 -25.42 6.27
C TRP D 277 -11.58 -24.15 5.93
N SER D 278 -11.80 -23.90 4.65
CA SER D 278 -12.56 -22.72 4.23
C SER D 278 -13.95 -22.72 4.83
N THR D 279 -14.60 -23.89 4.85
CA THR D 279 -15.91 -24.03 5.48
C THR D 279 -15.75 -24.23 6.99
N LEU D 280 -15.19 -23.20 7.62
CA LEU D 280 -14.94 -23.20 9.05
C LEU D 280 -15.42 -21.87 9.64
N GLU D 281 -15.94 -21.95 10.87
CA GLU D 281 -16.51 -20.79 11.54
C GLU D 281 -15.39 -19.99 12.17
N GLU D 282 -15.01 -18.88 11.54
CA GLU D 282 -13.96 -18.04 12.09
C GLU D 282 -14.30 -17.58 13.50
N LYS D 283 -15.60 -17.51 13.82
CA LYS D 283 -15.98 -17.27 15.21
C LYS D 283 -15.46 -18.35 16.13
N GLU D 284 -15.14 -19.53 15.58
CA GLU D 284 -14.60 -20.65 16.33
C GLU D 284 -13.17 -21.03 15.93
N TYR D 285 -12.83 -20.91 14.65
CA TYR D 285 -11.52 -21.29 14.14
C TYR D 285 -10.85 -20.08 13.49
N PRO D 286 -10.29 -19.18 14.29
CA PRO D 286 -9.66 -17.97 13.72
C PRO D 286 -8.59 -18.33 12.71
N GLY D 287 -8.57 -17.59 11.60
CA GLY D 287 -7.67 -17.85 10.51
C GLY D 287 -8.09 -18.97 9.59
N ALA D 288 -9.15 -19.71 9.94
CA ALA D 288 -9.52 -20.90 9.19
C ALA D 288 -10.22 -20.60 7.87
N HIS D 289 -10.95 -19.49 7.78
CA HIS D 289 -11.77 -19.27 6.61
C HIS D 289 -10.92 -19.16 5.35
N THR D 290 -9.78 -18.47 5.44
CA THR D 290 -8.97 -18.22 4.26
C THR D 290 -8.61 -19.53 3.57
N ALA D 291 -8.32 -19.42 2.27
CA ALA D 291 -7.90 -20.59 1.51
C ALA D 291 -6.44 -20.96 1.79
N THR D 292 -5.64 -20.02 2.24
CA THR D 292 -4.25 -20.32 2.54
C THR D 292 -4.12 -20.98 3.91
N ILE D 293 -3.07 -21.77 4.05
CA ILE D 293 -2.70 -22.37 5.34
C ILE D 293 -1.20 -22.18 5.53
N LYS D 294 -0.81 -21.69 6.69
CA LYS D 294 0.59 -21.46 7.00
C LYS D 294 1.27 -22.76 7.38
N TYR D 295 2.55 -22.85 7.03
CA TYR D 295 3.24 -24.12 7.20
C TYR D 295 3.32 -24.53 8.66
N THR D 296 3.38 -23.56 9.58
CA THR D 296 3.39 -23.92 11.00
C THR D 296 2.11 -24.66 11.39
N SER D 297 0.97 -24.18 10.94
CA SER D 297 -0.28 -24.86 11.23
C SER D 297 -0.35 -26.23 10.57
N ALA D 298 0.15 -26.32 9.34
CA ALA D 298 0.17 -27.60 8.65
C ALA D 298 0.99 -28.62 9.42
N LEU D 299 2.15 -28.20 9.92
CA LEU D 299 2.99 -29.10 10.69
C LEU D 299 2.36 -29.43 12.03
N THR D 300 1.59 -28.51 12.61
CA THR D 300 0.86 -28.83 13.83
C THR D 300 -0.16 -29.94 13.59
N TYR D 301 -0.92 -29.81 12.51
CA TYR D 301 -1.88 -30.84 12.14
C TYR D 301 -1.19 -32.18 11.91
N ASP D 302 -0.11 -32.17 11.12
CA ASP D 302 0.64 -33.38 10.90
C ASP D 302 1.21 -33.93 12.20
N ALA D 303 1.52 -33.05 13.15
CA ALA D 303 2.05 -33.50 14.43
C ALA D 303 0.99 -34.26 15.22
N VAL D 304 -0.25 -33.79 15.18
CA VAL D 304 -1.31 -34.56 15.80
C VAL D 304 -1.39 -35.94 15.16
N GLN D 305 -1.30 -35.99 13.83
CA GLN D 305 -1.30 -37.29 13.17
C GLN D 305 -0.13 -38.15 13.64
N VAL D 306 1.04 -37.55 13.79
CA VAL D 306 2.24 -38.27 14.22
C VAL D 306 2.02 -38.90 15.59
N MET D 307 1.56 -38.08 16.54
CA MET D 307 1.35 -38.58 17.88
C MET D 307 0.34 -39.72 17.90
N THR D 308 -0.77 -39.55 17.19
CA THR D 308 -1.76 -40.62 17.16
C THR D 308 -1.17 -41.89 16.58
N GLU D 309 -0.44 -41.78 15.48
CA GLU D 309 0.12 -42.96 14.84
C GLU D 309 1.08 -43.68 15.79
N ALA D 310 1.98 -42.93 16.44
CA ALA D 310 2.96 -43.56 17.32
C ALA D 310 2.28 -44.22 18.51
N PHE D 311 1.34 -43.52 19.13
CA PHE D 311 0.69 -44.04 20.33
C PHE D 311 -0.17 -45.26 20.00
N ARG D 312 -0.85 -45.23 18.86
CA ARG D 312 -1.63 -46.39 18.43
C ARG D 312 -0.73 -47.56 18.07
N ASN D 313 0.44 -47.27 17.50
CA ASN D 313 1.41 -48.35 17.25
C ASN D 313 1.86 -48.97 18.56
N LEU D 314 2.07 -48.15 19.59
CA LEU D 314 2.39 -48.70 20.90
C LEU D 314 1.27 -49.59 21.41
N ARG D 315 0.02 -49.11 21.29
CA ARG D 315 -1.10 -49.90 21.78
C ARG D 315 -1.18 -51.25 21.05
N LYS D 316 -1.02 -51.23 19.73
CA LYS D 316 -1.03 -52.48 18.97
C LYS D 316 0.12 -53.39 19.37
N GLN D 317 1.30 -52.82 19.57
CA GLN D 317 2.47 -53.61 19.92
C GLN D 317 2.47 -54.04 21.38
N ARG D 318 1.55 -53.51 22.18
CA ARG D 318 1.38 -53.83 23.60
C ARG D 318 2.49 -53.25 24.46
N ILE D 319 3.31 -52.33 23.93
CA ILE D 319 4.32 -51.68 24.74
C ILE D 319 3.66 -51.04 25.96
N GLU D 320 4.25 -51.27 27.12
CA GLU D 320 3.66 -50.84 28.39
C GLU D 320 4.08 -49.41 28.67
N ILE D 321 3.12 -48.49 28.63
CA ILE D 321 3.35 -47.07 28.90
C ILE D 321 2.26 -46.61 29.85
N SER D 322 2.63 -46.32 31.09
CA SER D 322 1.68 -45.84 32.08
C SER D 322 2.44 -45.35 33.30
N ARG D 323 1.98 -44.24 33.87
CA ARG D 323 2.63 -43.62 35.00
C ARG D 323 1.97 -44.13 36.28
N ARG D 324 2.59 -45.14 36.90
CA ARG D 324 2.08 -45.71 38.15
C ARG D 324 2.58 -44.83 39.29
N GLY D 325 1.82 -43.78 39.59
CA GLY D 325 2.16 -42.87 40.66
C GLY D 325 2.08 -41.42 40.25
N ASN D 326 3.11 -40.65 40.56
CA ASN D 326 3.16 -39.24 40.21
C ASN D 326 4.61 -38.83 40.02
N ALA D 327 4.88 -38.10 38.93
CA ALA D 327 6.18 -37.49 38.74
C ALA D 327 6.29 -36.30 39.69
N GLY D 328 7.10 -36.46 40.73
CA GLY D 328 7.15 -35.49 41.82
C GLY D 328 7.34 -34.07 41.33
N ASP D 329 8.50 -33.78 40.76
CA ASP D 329 8.79 -32.43 40.29
C ASP D 329 9.88 -32.51 39.23
N CYS D 330 9.89 -31.51 38.36
CA CYS D 330 10.95 -31.42 37.36
C CYS D 330 12.31 -31.26 38.03
N LEU D 331 12.39 -30.39 39.02
CA LEU D 331 13.62 -30.17 39.77
C LEU D 331 13.64 -31.12 40.95
N ALA D 332 14.46 -32.16 40.86
CA ALA D 332 14.58 -33.15 41.92
C ALA D 332 15.98 -33.72 41.88
N ASN D 333 16.69 -33.64 43.00
CA ASN D 333 18.05 -34.14 43.09
C ASN D 333 18.05 -35.47 43.82
N PRO D 334 18.45 -36.58 43.19
CA PRO D 334 18.84 -36.72 41.79
C PRO D 334 17.64 -36.77 40.84
N ALA D 335 17.88 -36.44 39.58
CA ALA D 335 16.86 -36.62 38.56
C ALA D 335 16.68 -38.10 38.27
N VAL D 336 15.43 -38.55 38.25
CA VAL D 336 15.11 -39.96 38.06
C VAL D 336 14.15 -40.11 36.89
N PRO D 337 14.64 -40.11 35.66
CA PRO D 337 13.75 -40.29 34.51
C PRO D 337 13.02 -41.62 34.56
N TRP D 338 11.78 -41.60 34.12
CA TRP D 338 10.98 -42.82 34.03
C TRP D 338 11.31 -43.53 32.72
N GLY D 339 11.54 -44.83 32.82
CA GLY D 339 12.21 -45.58 31.77
C GLY D 339 11.38 -45.97 30.58
N GLN D 340 10.08 -45.66 30.57
CA GLN D 340 9.27 -45.94 29.39
C GLN D 340 9.35 -44.83 28.35
N GLY D 341 10.05 -43.72 28.65
CA GLY D 341 10.15 -42.64 27.69
C GLY D 341 10.88 -43.03 26.43
N VAL D 342 11.89 -43.90 26.55
CA VAL D 342 12.59 -44.39 25.37
C VAL D 342 11.62 -45.02 24.38
N GLU D 343 10.66 -45.80 24.90
CA GLU D 343 9.67 -46.43 24.03
C GLU D 343 8.87 -45.39 23.28
N ILE D 344 8.44 -44.34 23.97
CA ILE D 344 7.64 -43.30 23.33
C ILE D 344 8.45 -42.60 22.26
N GLU D 345 9.70 -42.27 22.56
CA GLU D 345 10.53 -41.59 21.58
C GLU D 345 10.75 -42.47 20.37
N ARG D 346 11.02 -43.75 20.58
CA ARG D 346 11.26 -44.63 19.44
C ARG D 346 10.01 -44.76 18.59
N ALA D 347 8.85 -44.87 19.23
CA ALA D 347 7.61 -44.95 18.47
C ALA D 347 7.38 -43.69 17.66
N LEU D 348 7.63 -42.52 18.26
CA LEU D 348 7.43 -41.27 17.55
C LEU D 348 8.37 -41.17 16.36
N LYS D 349 9.62 -41.60 16.53
CA LYS D 349 10.57 -41.54 15.44
C LYS D 349 10.32 -42.62 14.41
N GLN D 350 9.69 -43.72 14.80
CA GLN D 350 9.39 -44.83 13.89
C GLN D 350 7.95 -44.75 13.40
N VAL D 351 7.64 -43.71 12.64
CA VAL D 351 6.34 -43.56 12.01
C VAL D 351 6.55 -42.97 10.62
N GLN D 352 5.77 -43.46 9.65
CA GLN D 352 5.96 -43.14 8.24
C GLN D 352 4.55 -42.90 7.69
N VAL D 353 4.16 -41.64 7.53
CA VAL D 353 2.82 -41.33 7.04
C VAL D 353 2.85 -40.12 6.13
N GLU D 354 1.81 -40.01 5.31
CA GLU D 354 1.62 -38.83 4.48
C GLU D 354 0.73 -37.82 5.19
N GLY D 355 0.96 -36.55 4.87
CA GLY D 355 0.23 -35.47 5.46
C GLY D 355 0.33 -34.24 4.59
N LEU D 356 -0.17 -33.13 5.13
CA LEU D 356 -0.21 -31.89 4.37
C LEU D 356 1.17 -31.53 3.85
N SER D 357 2.17 -31.56 4.72
CA SER D 357 3.52 -31.21 4.32
C SER D 357 4.07 -32.19 3.30
N GLY D 358 3.66 -33.45 3.37
CA GLY D 358 4.18 -34.46 2.48
C GLY D 358 4.47 -35.75 3.21
N ASN D 359 5.61 -36.35 2.95
CA ASN D 359 5.95 -37.63 3.57
C ASN D 359 6.77 -37.37 4.83
N ILE D 360 6.33 -37.93 5.94
CA ILE D 360 6.90 -37.64 7.25
C ILE D 360 7.67 -38.86 7.73
N LYS D 361 8.99 -38.72 7.75
CA LYS D 361 9.92 -39.74 8.20
C LYS D 361 10.99 -39.07 9.04
N PHE D 362 11.46 -39.76 10.07
CA PHE D 362 12.45 -39.20 10.98
C PHE D 362 13.68 -40.08 11.05
N ASP D 363 14.71 -39.55 11.69
CA ASP D 363 15.96 -40.23 11.94
C ASP D 363 15.98 -40.76 13.36
N GLN D 364 17.14 -41.29 13.77
CA GLN D 364 17.36 -41.56 15.18
C GLN D 364 17.60 -40.29 15.97
N ASN D 365 17.89 -39.17 15.30
CA ASN D 365 18.14 -37.90 15.96
C ASN D 365 16.89 -37.03 16.06
N GLY D 366 15.90 -37.27 15.22
CA GLY D 366 14.65 -36.53 15.24
C GLY D 366 14.42 -35.67 14.03
N LYS D 367 15.47 -35.34 13.28
CA LYS D 367 15.31 -34.50 12.10
C LYS D 367 14.59 -35.27 11.01
N ARG D 368 13.80 -34.54 10.22
CA ARG D 368 13.01 -35.16 9.17
C ARG D 368 13.88 -35.48 7.96
N ILE D 369 13.47 -36.51 7.23
CA ILE D 369 14.14 -36.96 6.03
C ILE D 369 13.11 -37.43 5.01
N ASN D 370 13.58 -37.72 3.80
CA ASN D 370 12.74 -38.19 2.71
C ASN D 370 11.56 -37.25 2.50
N TYR D 371 11.85 -35.97 2.33
CA TYR D 371 10.86 -34.94 2.13
C TYR D 371 11.15 -34.19 0.84
N THR D 372 10.12 -33.57 0.30
CA THR D 372 10.24 -32.80 -0.94
C THR D 372 9.85 -31.35 -0.65
N ILE D 373 10.71 -30.44 -1.05
CA ILE D 373 10.52 -29.01 -0.83
C ILE D 373 10.26 -28.39 -2.19
N ASN D 374 8.99 -28.07 -2.47
CA ASN D 374 8.66 -27.53 -3.77
C ASN D 374 9.19 -26.12 -3.90
N ILE D 375 9.63 -25.78 -5.09
CA ILE D 375 10.19 -24.47 -5.39
C ILE D 375 9.17 -23.71 -6.21
N MET D 376 9.16 -22.39 -6.04
CA MET D 376 8.14 -21.58 -6.67
C MET D 376 8.73 -20.25 -7.08
N GLU D 377 8.15 -19.69 -8.13
CA GLU D 377 8.42 -18.35 -8.59
C GLU D 377 7.15 -17.52 -8.52
N LEU D 378 7.28 -16.25 -8.87
CA LEU D 378 6.15 -15.35 -8.92
C LEU D 378 5.96 -14.85 -10.34
N LYS D 379 4.78 -15.07 -10.89
CA LYS D 379 4.42 -14.63 -12.22
C LYS D 379 3.14 -13.80 -12.14
N THR D 380 2.94 -12.96 -13.16
CA THR D 380 1.79 -12.07 -13.17
C THR D 380 0.50 -12.84 -12.97
N ASN D 381 0.41 -14.04 -13.54
CA ASN D 381 -0.74 -14.89 -13.27
C ASN D 381 -0.80 -15.28 -11.80
N GLY D 382 0.36 -15.54 -11.20
CA GLY D 382 0.43 -15.96 -9.83
C GLY D 382 1.64 -16.84 -9.59
N PRO D 383 1.78 -17.34 -8.37
CA PRO D 383 2.85 -18.30 -8.10
C PRO D 383 2.69 -19.55 -8.93
N ARG D 384 3.81 -20.06 -9.43
CA ARG D 384 3.83 -21.29 -10.19
C ARG D 384 5.05 -22.10 -9.82
N LYS D 385 4.86 -23.38 -9.64
CA LYS D 385 5.94 -24.28 -9.31
C LYS D 385 6.81 -24.54 -10.53
N ILE D 386 8.11 -24.60 -10.31
CA ILE D 386 9.08 -24.88 -11.38
C ILE D 386 9.91 -26.12 -11.09
N GLY D 387 9.87 -26.63 -9.87
CA GLY D 387 10.69 -27.78 -9.54
C GLY D 387 10.53 -28.13 -8.08
N TYR D 388 11.39 -29.05 -7.64
CA TYR D 388 11.39 -29.47 -6.26
C TYR D 388 12.82 -29.76 -5.85
N TRP D 389 12.97 -30.29 -4.64
CA TRP D 389 14.29 -30.51 -4.08
C TRP D 389 14.18 -31.60 -3.03
N SER D 390 15.02 -32.62 -3.15
CA SER D 390 15.09 -33.69 -2.18
C SER D 390 16.56 -33.93 -1.85
N GLU D 391 16.81 -34.32 -0.59
CA GLU D 391 18.19 -34.48 -0.14
C GLU D 391 18.90 -35.55 -0.95
N VAL D 392 18.21 -36.65 -1.23
CA VAL D 392 18.83 -37.74 -1.96
C VAL D 392 19.16 -37.33 -3.38
N ASP D 393 18.21 -36.76 -4.10
CA ASP D 393 18.42 -36.59 -5.53
C ASP D 393 19.20 -35.34 -5.88
N LYS D 394 18.54 -34.19 -5.81
CA LYS D 394 19.14 -32.92 -6.19
C LYS D 394 18.07 -31.84 -6.17
N MET D 395 18.43 -30.63 -6.56
CA MET D 395 17.42 -29.75 -7.13
C MET D 395 16.93 -30.32 -8.46
N VAL D 396 15.63 -30.51 -8.56
CA VAL D 396 15.01 -31.15 -9.71
C VAL D 396 14.08 -30.14 -10.37
N VAL D 397 14.07 -30.14 -11.70
CA VAL D 397 13.31 -29.17 -12.48
C VAL D 397 12.31 -29.90 -13.35
N THR D 398 11.07 -29.41 -13.37
CA THR D 398 10.03 -29.92 -14.26
C THR D 398 9.59 -28.86 -15.27
N LEU D 399 9.14 -27.71 -14.79
CA LEU D 399 8.68 -26.64 -15.66
C LEU D 399 9.79 -25.62 -15.89
#